data_6MK1
#
_entry.id   6MK1
#
_entity_poly.entity_id   1
_entity_poly.type   'polypeptide(L)'
_entity_poly.pdbx_seq_one_letter_code
;DERAVEALIKALKDPDWYVRKAAAEALGRI
;
_entity_poly.pdbx_strand_id   A,a,B,b,C,c,D,d,E,e,F,f,G,g,H,h,I,i,J,j,K,k,L,l,M,m,N,n,O,o,P,p,Q,q,R,r,S,s,T,t,U,u,V,v,W,w,X,x,Y,y,Z,z
#
# COMPACT_ATOMS: atom_id res chain seq x y z
N ASP A 1 -16.05 -27.15 20.32
CA ASP A 1 -15.45 -28.40 19.88
C ASP A 1 -16.42 -29.28 19.15
N GLU A 2 -15.89 -29.82 18.06
CA GLU A 2 -16.68 -30.54 17.09
C GLU A 2 -16.95 -31.98 17.52
N ARG A 3 -15.91 -32.70 17.96
CA ARG A 3 -16.13 -34.02 18.55
C ARG A 3 -17.13 -33.95 19.69
N ALA A 4 -17.04 -32.90 20.49
CA ALA A 4 -18.03 -32.70 21.54
C ALA A 4 -19.41 -32.62 20.93
N VAL A 5 -19.56 -31.89 19.82
CA VAL A 5 -20.83 -31.88 19.10
C VAL A 5 -21.21 -33.30 18.67
N GLU A 6 -20.25 -34.03 18.09
CA GLU A 6 -20.51 -35.40 17.67
C GLU A 6 -20.99 -36.25 18.84
N ALA A 7 -20.35 -36.10 20.00
CA ALA A 7 -20.82 -36.80 21.19
C ALA A 7 -22.21 -36.33 21.57
N LEU A 8 -22.47 -35.03 21.46
CA LEU A 8 -23.80 -34.50 21.78
C LEU A 8 -24.84 -35.02 20.80
N ILE A 9 -24.45 -35.24 19.54
CA ILE A 9 -25.34 -35.90 18.60
C ILE A 9 -25.58 -37.33 19.04
N LYS A 10 -24.53 -38.00 19.53
CA LYS A 10 -24.74 -39.32 20.11
C LYS A 10 -25.57 -39.21 21.37
N ALA A 11 -25.47 -38.09 22.08
CA ALA A 11 -26.37 -37.87 23.19
C ALA A 11 -27.79 -37.60 22.69
N LEU A 12 -27.94 -37.09 21.47
CA LEU A 12 -29.26 -37.08 20.83
C LEU A 12 -29.67 -38.46 20.36
N LYS A 13 -28.73 -39.41 20.28
CA LYS A 13 -29.03 -40.82 20.08
C LYS A 13 -29.09 -41.60 21.38
N ASP A 14 -29.06 -40.93 22.53
CA ASP A 14 -28.98 -41.61 23.82
C ASP A 14 -30.34 -42.18 24.21
N PRO A 15 -30.48 -43.54 24.43
CA PRO A 15 -31.80 -44.15 24.68
C PRO A 15 -32.68 -43.43 25.68
N ASP A 16 -32.06 -42.79 26.65
CA ASP A 16 -32.78 -41.92 27.57
C ASP A 16 -33.08 -40.61 26.86
N TRP A 17 -34.33 -40.42 26.42
CA TRP A 17 -34.70 -39.17 25.75
C TRP A 17 -34.56 -37.97 26.65
N TYR A 18 -34.50 -38.20 27.95
CA TYR A 18 -34.05 -37.17 28.85
C TYR A 18 -32.71 -36.62 28.38
N VAL A 19 -31.76 -37.49 28.03
CA VAL A 19 -30.44 -37.03 27.61
C VAL A 19 -30.53 -36.23 26.33
N ARG A 20 -31.28 -36.77 25.37
CA ARG A 20 -31.49 -36.11 24.09
C ARG A 20 -31.96 -34.68 24.29
N LYS A 21 -32.87 -34.50 25.24
CA LYS A 21 -33.33 -33.17 25.60
C LYS A 21 -32.18 -32.31 26.10
N ALA A 22 -31.40 -32.84 27.04
CA ALA A 22 -30.25 -32.12 27.55
C ALA A 22 -29.23 -31.90 26.44
N ALA A 23 -29.04 -32.89 25.58
CA ALA A 23 -28.10 -32.77 24.48
C ALA A 23 -28.51 -31.67 23.52
N ALA A 24 -29.78 -31.67 23.12
CA ALA A 24 -30.29 -30.62 22.26
C ALA A 24 -30.11 -29.26 22.91
N GLU A 25 -30.41 -29.18 24.21
CA GLU A 25 -30.22 -27.95 24.95
C GLU A 25 -28.77 -27.50 24.91
N ALA A 26 -27.85 -28.44 25.15
CA ALA A 26 -26.43 -28.13 25.06
C ALA A 26 -26.06 -27.64 23.67
N LEU A 27 -26.61 -28.29 22.65
CA LEU A 27 -26.37 -27.85 21.29
C LEU A 27 -27.03 -26.51 21.03
N GLY A 28 -28.08 -26.19 21.78
CA GLY A 28 -28.63 -24.85 21.72
C GLY A 28 -27.62 -23.81 22.16
N ARG A 29 -26.92 -24.07 23.28
CA ARG A 29 -25.85 -23.20 23.71
C ARG A 29 -24.80 -23.07 22.62
N ILE A 30 -24.52 -24.18 21.93
CA ILE A 30 -23.52 -24.23 20.88
C ILE A 30 -24.25 -24.01 19.55
N ASP B 1 -20.34 -31.29 14.02
CA ASP B 1 -20.55 -29.96 13.44
C ASP B 1 -22.05 -29.63 13.38
N GLU B 2 -22.43 -28.66 12.54
CA GLU B 2 -23.81 -28.22 12.40
C GLU B 2 -24.77 -29.29 11.88
N ARG B 3 -24.26 -30.48 11.52
CA ARG B 3 -25.14 -31.62 11.28
C ARG B 3 -26.01 -31.91 12.49
N ALA B 4 -25.56 -31.48 13.67
CA ALA B 4 -26.38 -31.35 14.87
C ALA B 4 -27.74 -30.76 14.57
N VAL B 5 -27.80 -29.76 13.69
CA VAL B 5 -29.08 -29.18 13.29
C VAL B 5 -29.99 -30.27 12.74
N GLU B 6 -29.49 -31.04 11.79
CA GLU B 6 -30.30 -32.12 11.25
C GLU B 6 -30.60 -33.16 12.31
N ALA B 7 -29.71 -33.29 13.30
CA ALA B 7 -30.05 -34.09 14.47
C ALA B 7 -31.12 -33.40 15.31
N LEU B 8 -31.10 -32.06 15.34
CA LEU B 8 -32.21 -31.36 15.98
C LEU B 8 -33.51 -31.64 15.24
N ILE B 9 -33.45 -31.73 13.91
CA ILE B 9 -34.66 -32.03 13.12
C ILE B 9 -35.20 -33.39 13.51
N LYS B 10 -34.32 -34.35 13.75
CA LYS B 10 -34.77 -35.64 14.27
C LYS B 10 -35.19 -35.52 15.72
N ALA B 11 -34.54 -34.63 16.46
CA ALA B 11 -34.95 -34.34 17.82
C ALA B 11 -36.30 -33.64 17.86
N LEU B 12 -36.76 -33.10 16.71
CA LEU B 12 -38.10 -32.56 16.63
C LEU B 12 -39.18 -33.65 16.63
N LYS B 13 -38.79 -34.90 16.80
CA LYS B 13 -39.70 -36.01 17.09
C LYS B 13 -40.81 -35.66 18.09
N ASP B 14 -40.47 -35.15 19.29
CA ASP B 14 -41.44 -35.20 20.39
C ASP B 14 -41.32 -34.07 21.42
N PRO B 15 -42.29 -33.15 21.48
CA PRO B 15 -42.32 -32.11 22.53
C PRO B 15 -43.16 -32.46 23.74
N ASP B 16 -43.50 -33.73 23.90
CA ASP B 16 -43.73 -34.27 25.23
C ASP B 16 -42.56 -35.13 25.67
N TRP B 17 -41.62 -35.39 24.75
CA TRP B 17 -40.26 -35.64 25.16
C TRP B 17 -39.50 -34.35 25.44
N TYR B 18 -39.99 -33.22 24.93
CA TYR B 18 -39.29 -31.94 25.01
C TYR B 18 -37.93 -31.98 24.36
N VAL B 19 -37.70 -33.00 23.54
CA VAL B 19 -36.49 -33.13 22.76
C VAL B 19 -36.66 -32.34 21.49
N ARG B 20 -37.91 -32.30 21.04
CA ARG B 20 -38.36 -31.24 20.15
C ARG B 20 -38.25 -29.89 20.83
N LYS B 21 -38.86 -29.75 22.01
CA LYS B 21 -38.85 -28.47 22.72
C LYS B 21 -37.42 -27.99 22.91
N ALA B 22 -36.56 -28.88 23.38
CA ALA B 22 -35.15 -28.55 23.48
C ALA B 22 -34.55 -28.33 22.10
N ALA B 23 -35.04 -29.05 21.09
CA ALA B 23 -34.57 -28.79 19.73
C ALA B 23 -35.04 -27.43 19.25
N ALA B 24 -36.32 -27.13 19.48
CA ALA B 24 -36.86 -25.83 19.13
C ALA B 24 -36.14 -24.74 19.91
N GLU B 25 -35.79 -25.03 21.16
CA GLU B 25 -34.93 -24.14 21.93
C GLU B 25 -33.57 -24.01 21.25
N ALA B 26 -33.00 -25.15 20.84
CA ALA B 26 -31.71 -25.11 20.18
C ALA B 26 -31.81 -24.39 18.83
N LEU B 27 -32.91 -24.61 18.14
CA LEU B 27 -33.20 -23.80 16.96
C LEU B 27 -33.59 -22.39 17.36
N GLY B 28 -34.09 -22.21 18.59
CA GLY B 28 -34.24 -20.88 19.16
C GLY B 28 -32.92 -20.21 19.45
N ARG B 29 -31.81 -20.94 19.31
CA ARG B 29 -30.48 -20.37 19.20
C ARG B 29 -29.93 -20.50 17.79
N ILE B 30 -30.32 -21.55 17.08
CA ILE B 30 -29.74 -21.91 15.80
C ILE B 30 -30.84 -21.83 14.76
N ASP C 1 -24.09 -22.22 7.80
CA ASP C 1 -24.02 -23.28 6.80
C ASP C 1 -25.21 -23.33 5.91
N GLU C 2 -24.89 -23.50 4.63
CA GLU C 2 -25.85 -23.37 3.56
C GLU C 2 -26.70 -24.62 3.38
N ARG C 3 -26.06 -25.80 3.37
CA ARG C 3 -26.82 -27.04 3.37
C ARG C 3 -27.77 -27.09 4.55
N ALA C 4 -27.31 -26.61 5.70
CA ALA C 4 -28.20 -26.52 6.85
C ALA C 4 -29.40 -25.65 6.50
N VAL C 5 -29.17 -24.52 5.82
CA VAL C 5 -30.29 -23.71 5.34
C VAL C 5 -31.17 -24.54 4.40
N GLU C 6 -30.57 -25.26 3.47
CA GLU C 6 -31.33 -26.10 2.55
C GLU C 6 -32.17 -27.11 3.31
N ALA C 7 -31.60 -27.74 4.34
CA ALA C 7 -32.38 -28.63 5.19
C ALA C 7 -33.49 -27.87 5.90
N LEU C 8 -33.19 -26.66 6.36
CA LEU C 8 -34.21 -25.86 7.03
C LEU C 8 -35.31 -25.46 6.06
N ILE C 9 -34.96 -25.25 4.80
CA ILE C 9 -35.99 -25.04 3.79
C ILE C 9 -36.82 -26.31 3.62
N LYS C 10 -36.16 -27.46 3.64
CA LYS C 10 -36.90 -28.71 3.65
C LYS C 10 -37.69 -28.85 4.94
N ALA C 11 -37.20 -28.27 6.02
CA ALA C 11 -38.00 -28.21 7.23
C ALA C 11 -39.16 -27.24 7.08
N LEU C 12 -39.02 -26.24 6.20
CA LEU C 12 -40.18 -25.44 5.79
C LEU C 12 -41.09 -26.21 4.84
N LYS C 13 -40.60 -27.30 4.26
CA LYS C 13 -41.43 -28.25 3.54
C LYS C 13 -41.88 -29.43 4.40
N ASP C 14 -41.65 -29.39 5.70
CA ASP C 14 -41.92 -30.52 6.57
C ASP C 14 -43.42 -30.64 6.86
N PRO C 15 -44.11 -31.79 6.51
CA PRO C 15 -45.57 -31.89 6.65
C PRO C 15 -46.15 -31.38 7.95
N ASP C 16 -45.38 -31.51 9.02
CA ASP C 16 -45.74 -30.92 10.30
C ASP C 16 -45.44 -29.42 10.25
N TRP C 17 -46.48 -28.60 10.08
CA TRP C 17 -46.29 -27.15 10.04
C TRP C 17 -45.73 -26.61 11.33
N TYR C 18 -45.85 -27.37 12.40
CA TYR C 18 -45.06 -27.09 13.58
C TYR C 18 -43.59 -26.96 13.22
N VAL C 19 -43.05 -27.89 12.42
CA VAL C 19 -41.64 -27.85 12.08
C VAL C 19 -41.33 -26.62 11.26
N ARG C 20 -42.17 -26.36 10.26
CA ARG C 20 -42.02 -25.18 9.41
C ARG C 20 -41.89 -23.93 10.25
N LYS C 21 -42.71 -23.82 11.29
CA LYS C 21 -42.62 -22.72 12.22
C LYS C 21 -41.24 -22.67 12.88
N ALA C 22 -40.81 -23.81 13.42
CA ALA C 22 -39.48 -23.89 14.02
C ALA C 22 -38.40 -23.62 12.99
N ALA C 23 -38.58 -24.14 11.78
CA ALA C 23 -37.60 -23.93 10.72
C ALA C 23 -37.48 -22.46 10.36
N ALA C 24 -38.62 -21.80 10.15
CA ALA C 24 -38.62 -20.37 9.88
C ALA C 24 -37.94 -19.62 11.01
N GLU C 25 -38.26 -20.00 12.25
CA GLU C 25 -37.64 -19.37 13.40
C GLU C 25 -36.12 -19.56 13.37
N ALA C 26 -35.67 -20.77 13.08
CA ALA C 26 -34.24 -21.04 12.96
C ALA C 26 -33.64 -20.19 11.86
N LEU C 27 -34.33 -20.07 10.74
CA LEU C 27 -33.85 -19.22 9.66
C LEU C 27 -33.92 -17.76 10.07
N GLY C 28 -34.79 -17.42 11.01
CA GLY C 28 -34.73 -16.08 11.58
C GLY C 28 -33.43 -15.81 12.28
N ARG C 29 -32.97 -16.77 13.10
CA ARG C 29 -31.66 -16.65 13.71
C ARG C 29 -30.57 -16.49 12.64
N ILE C 30 -30.72 -17.21 11.54
CA ILE C 30 -29.78 -17.18 10.44
C ILE C 30 -30.28 -16.17 9.43
N ASP D 1 -29.30 -21.23 0.93
CA ASP D 1 -28.93 -19.83 0.99
C ASP D 1 -30.17 -18.95 1.26
N GLU D 2 -30.08 -17.66 0.95
CA GLU D 2 -31.16 -16.70 1.18
C GLU D 2 -32.42 -16.98 0.38
N ARG D 3 -32.41 -17.99 -0.49
CA ARG D 3 -33.66 -18.49 -1.07
C ARG D 3 -34.65 -18.90 0.01
N ALA D 4 -34.13 -19.24 1.19
CA ALA D 4 -34.90 -19.33 2.42
C ALA D 4 -35.89 -18.19 2.58
N VAL D 5 -35.49 -16.97 2.20
CA VAL D 5 -36.41 -15.83 2.24
C VAL D 5 -37.63 -16.13 1.40
N GLU D 6 -37.43 -16.55 0.17
CA GLU D 6 -38.57 -16.88 -0.67
C GLU D 6 -39.33 -18.08 -0.10
N ALA D 7 -38.64 -18.94 0.63
CA ALA D 7 -39.34 -19.97 1.39
C ALA D 7 -40.07 -19.34 2.56
N LEU D 8 -39.53 -18.28 3.14
CA LEU D 8 -40.30 -17.56 4.15
C LEU D 8 -41.55 -16.96 3.52
N ILE D 9 -41.46 -16.49 2.29
CA ILE D 9 -42.63 -15.93 1.60
C ILE D 9 -43.71 -17.00 1.46
N LYS D 10 -43.30 -18.23 1.16
CA LYS D 10 -44.27 -19.32 1.15
C LYS D 10 -44.67 -19.68 2.56
N ALA D 11 -43.76 -19.53 3.52
CA ALA D 11 -44.11 -19.71 4.92
C ALA D 11 -45.06 -18.63 5.40
N LEU D 12 -45.18 -17.53 4.66
CA LEU D 12 -46.19 -16.52 4.97
C LEU D 12 -47.62 -17.00 4.66
N LYS D 13 -47.79 -18.25 4.24
CA LYS D 13 -49.07 -18.92 4.17
C LYS D 13 -50.01 -18.63 5.34
N ASP D 14 -49.56 -18.87 6.60
CA ASP D 14 -50.54 -19.00 7.68
C ASP D 14 -50.02 -18.57 9.06
N PRO D 15 -50.54 -17.47 9.63
CA PRO D 15 -50.23 -17.05 11.00
C PRO D 15 -51.21 -17.54 12.06
N ASP D 16 -52.03 -18.51 11.72
CA ASP D 16 -52.53 -19.44 12.72
C ASP D 16 -51.83 -20.77 12.61
N TRP D 17 -51.03 -20.95 11.57
CA TRP D 17 -49.91 -21.86 11.65
C TRP D 17 -48.72 -21.23 12.34
N TYR D 18 -48.67 -19.89 12.41
CA TYR D 18 -47.53 -19.16 12.93
C TYR D 18 -46.25 -19.44 12.16
N VAL D 19 -46.41 -20.00 10.97
CA VAL D 19 -45.31 -20.25 10.06
C VAL D 19 -45.07 -18.99 9.27
N ARG D 20 -46.18 -18.28 9.02
CA ARG D 20 -46.11 -16.86 8.73
C ARG D 20 -45.51 -16.09 9.88
N LYS D 21 -46.07 -16.25 11.08
CA LYS D 21 -45.59 -15.51 12.24
C LYS D 21 -44.11 -15.75 12.45
N ALA D 22 -43.71 -17.02 12.40
CA ALA D 22 -42.29 -17.33 12.44
C ALA D 22 -41.57 -16.79 11.22
N ALA D 23 -42.25 -16.76 10.06
CA ALA D 23 -41.64 -16.15 8.89
C ALA D 23 -41.50 -14.65 9.08
N ALA D 24 -42.56 -14.01 9.57
CA ALA D 24 -42.50 -12.59 9.86
C ALA D 24 -41.46 -12.31 10.93
N GLU D 25 -41.32 -13.22 11.89
CA GLU D 25 -40.22 -13.15 12.83
C GLU D 25 -38.90 -13.28 12.11
N ALA D 26 -38.80 -14.25 11.21
CA ALA D 26 -37.57 -14.44 10.46
C ALA D 26 -37.29 -13.24 9.57
N LEU D 27 -38.35 -12.69 8.97
CA LEU D 27 -38.22 -11.42 8.29
C LEU D 27 -38.02 -10.28 9.28
N GLY D 28 -38.49 -10.47 10.52
CA GLY D 28 -38.12 -9.57 11.61
C GLY D 28 -36.66 -9.65 11.98
N ARG D 29 -35.93 -10.61 11.42
CA ARG D 29 -34.48 -10.62 11.38
C ARG D 29 -33.95 -10.34 10.00
N ILE D 30 -34.69 -10.75 8.98
CA ILE D 30 -34.23 -10.71 7.60
C ILE D 30 -35.14 -9.78 6.83
N ASP E 1 -28.51 -10.10 -0.32
CA ASP E 1 -28.81 -10.60 -1.66
C ASP E 1 -29.86 -9.81 -2.36
N GLU E 2 -29.55 -9.55 -3.62
CA GLU E 2 -30.32 -8.63 -4.44
C GLU E 2 -31.58 -9.28 -5.01
N ARG E 3 -31.45 -10.48 -5.57
CA ARG E 3 -32.64 -11.22 -5.98
C ARG E 3 -33.60 -11.40 -4.82
N ALA E 4 -33.06 -11.65 -3.64
CA ALA E 4 -33.90 -11.71 -2.46
C ALA E 4 -34.65 -10.40 -2.29
N VAL E 5 -33.97 -9.27 -2.48
CA VAL E 5 -34.65 -7.98 -2.47
C VAL E 5 -35.73 -7.94 -3.54
N GLU E 6 -35.39 -8.39 -4.75
CA GLU E 6 -36.37 -8.41 -5.84
C GLU E 6 -37.58 -9.24 -5.46
N ALA E 7 -37.36 -10.40 -4.84
CA ALA E 7 -38.47 -11.20 -4.35
C ALA E 7 -39.24 -10.45 -3.27
N LEU E 8 -38.52 -9.75 -2.39
CA LEU E 8 -39.18 -8.99 -1.34
C LEU E 8 -39.98 -7.83 -1.94
N ILE E 9 -39.51 -7.26 -3.05
CA ILE E 9 -40.32 -6.28 -3.77
C ILE E 9 -41.56 -6.96 -4.33
N LYS E 10 -41.40 -8.16 -4.85
CA LYS E 10 -42.58 -8.92 -5.26
C LYS E 10 -43.43 -9.28 -4.06
N ALA E 11 -42.81 -9.43 -2.90
CA ALA E 11 -43.60 -9.59 -1.69
C ALA E 11 -44.28 -8.28 -1.31
N LEU E 12 -43.71 -7.14 -1.72
CA LEU E 12 -44.44 -5.88 -1.63
C LEU E 12 -45.51 -5.77 -2.71
N LYS E 13 -45.46 -6.62 -3.72
CA LYS E 13 -46.55 -6.79 -4.68
C LYS E 13 -47.47 -7.96 -4.32
N ASP E 14 -47.31 -8.55 -3.13
CA ASP E 14 -48.07 -9.74 -2.78
C ASP E 14 -49.49 -9.39 -2.39
N PRO E 15 -50.56 -9.94 -3.09
CA PRO E 15 -51.95 -9.53 -2.85
C PRO E 15 -52.36 -9.43 -1.39
N ASP E 16 -51.77 -10.28 -0.56
CA ASP E 16 -51.95 -10.18 0.88
C ASP E 16 -51.09 -9.03 1.40
N TRP E 17 -51.72 -7.89 1.70
CA TRP E 17 -50.97 -6.74 2.23
C TRP E 17 -50.32 -7.04 3.55
N TYR E 18 -50.79 -8.08 4.23
CA TYR E 18 -50.03 -8.63 5.33
C TYR E 18 -48.60 -8.92 4.88
N VAL E 19 -48.43 -9.56 3.72
CA VAL E 19 -47.08 -9.93 3.26
C VAL E 19 -46.27 -8.68 2.99
N ARG E 20 -46.89 -7.73 2.28
CA ARG E 20 -46.25 -6.47 1.96
C ARG E 20 -45.68 -5.81 3.22
N LYS E 21 -46.45 -5.85 4.29
CA LYS E 21 -45.99 -5.36 5.59
C LYS E 21 -44.75 -6.12 6.04
N ALA E 22 -44.82 -7.45 6.02
CA ALA E 22 -43.67 -8.26 6.40
C ALA E 22 -42.51 -8.02 5.45
N ALA E 23 -42.81 -7.87 4.15
CA ALA E 23 -41.77 -7.64 3.16
C ALA E 23 -41.07 -6.32 3.42
N ALA E 24 -41.84 -5.25 3.62
CA ALA E 24 -41.26 -3.96 3.95
C ALA E 24 -40.41 -4.05 5.20
N GLU E 25 -40.93 -4.76 6.20
CA GLU E 25 -40.18 -4.96 7.44
C GLU E 25 -38.86 -5.67 7.16
N ALA E 26 -38.91 -6.73 6.37
CA ALA E 26 -37.68 -7.43 5.99
C ALA E 26 -36.73 -6.50 5.26
N LEU E 27 -37.26 -5.68 4.37
CA LEU E 27 -36.44 -4.71 3.68
C LEU E 27 -35.93 -3.64 4.64
N GLY E 28 -36.67 -3.41 5.74
CA GLY E 28 -36.13 -2.56 6.79
C GLY E 28 -34.87 -3.12 7.38
N ARG E 29 -34.86 -4.43 7.69
CA ARG E 29 -33.64 -5.09 8.14
C ARG E 29 -32.53 -4.92 7.11
N ILE E 30 -32.88 -5.00 5.84
CA ILE E 30 -31.93 -4.87 4.75
C ILE E 30 -31.93 -3.42 4.29
N ASP F 1 -32.53 -4.48 -5.57
CA ASP F 1 -31.63 -3.47 -5.01
C ASP F 1 -32.44 -2.39 -4.26
N GLU F 2 -31.83 -1.23 -4.04
CA GLU F 2 -32.47 -0.13 -3.32
C GLU F 2 -33.70 0.46 -4.01
N ARG F 3 -34.03 -0.03 -5.21
CA ARG F 3 -35.33 0.28 -5.80
C ARG F 3 -36.46 -0.14 -4.87
N ALA F 4 -36.20 -1.10 -4.00
CA ALA F 4 -37.01 -1.40 -2.82
C ALA F 4 -37.48 -0.15 -2.11
N VAL F 5 -36.61 0.87 -2.01
CA VAL F 5 -37.01 2.14 -1.40
C VAL F 5 -38.22 2.70 -2.15
N GLU F 6 -38.12 2.79 -3.47
CA GLU F 6 -39.26 3.30 -4.23
C GLU F 6 -40.45 2.35 -4.11
N ALA F 7 -40.18 1.07 -3.88
CA ALA F 7 -41.28 0.17 -3.52
C ALA F 7 -41.78 0.48 -2.12
N LEU F 8 -40.89 0.92 -1.22
CA LEU F 8 -41.38 1.39 0.07
C LEU F 8 -42.27 2.61 -0.12
N ILE F 9 -41.93 3.48 -1.06
CA ILE F 9 -42.74 4.67 -1.33
C ILE F 9 -44.14 4.26 -1.77
N LYS F 10 -44.23 3.20 -2.58
CA LYS F 10 -45.53 2.67 -2.92
C LYS F 10 -46.15 1.93 -1.73
N ALA F 11 -45.30 1.32 -0.91
CA ALA F 11 -45.77 0.72 0.33
C ALA F 11 -46.25 1.77 1.31
N LEU F 12 -45.90 3.04 1.09
CA LEU F 12 -46.46 4.13 1.90
C LEU F 12 -47.93 4.40 1.59
N LYS F 13 -48.54 3.60 0.72
CA LYS F 13 -49.98 3.55 0.52
C LYS F 13 -50.80 3.67 1.82
N ASP F 14 -50.55 2.78 2.81
CA ASP F 14 -51.56 2.58 3.85
C ASP F 14 -51.00 2.18 5.22
N PRO F 15 -51.09 3.05 6.24
CA PRO F 15 -50.71 2.71 7.61
C PRO F 15 -51.87 2.24 8.49
N ASP F 16 -52.98 1.88 7.89
CA ASP F 16 -53.86 0.88 8.48
C ASP F 16 -53.73 -0.44 7.76
N TRP F 17 -53.00 -0.46 6.64
CA TRP F 17 -52.33 -1.67 6.22
C TRP F 17 -51.03 -1.87 6.99
N TYR F 18 -50.48 -0.82 7.57
CA TYR F 18 -49.16 -0.86 8.22
C TYR F 18 -48.06 -1.24 7.25
N VAL F 19 -48.35 -1.16 5.97
CA VAL F 19 -47.38 -1.40 4.93
C VAL F 19 -46.64 -0.11 4.68
N ARG F 20 -47.36 0.99 4.88
CA ARG F 20 -46.72 2.26 5.16
C ARG F 20 -45.94 2.18 6.46
N LYS F 21 -46.59 1.77 7.55
CA LYS F 21 -45.92 1.72 8.84
C LYS F 21 -44.67 0.87 8.76
N ALA F 22 -44.79 -0.30 8.16
CA ALA F 22 -43.61 -1.12 7.91
C ALA F 22 -42.67 -0.42 6.94
N ALA F 23 -43.21 0.33 5.98
CA ALA F 23 -42.35 1.09 5.09
C ALA F 23 -41.64 2.20 5.85
N ALA F 24 -42.39 2.94 6.68
CA ALA F 24 -41.80 3.96 7.51
C ALA F 24 -40.80 3.36 8.47
N GLU F 25 -41.09 2.16 8.96
CA GLU F 25 -40.11 1.41 9.73
C GLU F 25 -38.90 1.10 8.86
N ALA F 26 -39.14 0.63 7.64
CA ALA F 26 -38.03 0.33 6.75
C ALA F 26 -37.26 1.59 6.39
N LEU F 27 -37.98 2.68 6.20
CA LEU F 27 -37.33 3.98 6.07
C LEU F 27 -36.76 4.43 7.41
N GLY F 28 -37.34 3.93 8.52
CA GLY F 28 -36.71 4.09 9.81
C GLY F 28 -35.42 3.31 9.96
N ARG F 29 -35.10 2.48 8.97
CA ARG F 29 -33.77 1.93 8.78
C ARG F 29 -33.08 2.55 7.57
N ILE F 30 -33.86 2.92 6.57
CA ILE F 30 -33.34 3.34 5.28
C ILE F 30 -33.77 4.78 5.06
N ASP G 1 -27.45 5.40 -2.34
CA ASP G 1 -27.85 5.69 -3.71
C ASP G 1 -28.46 7.04 -3.87
N GLU G 2 -28.00 7.68 -4.94
CA GLU G 2 -28.29 9.08 -5.19
C GLU G 2 -29.66 9.28 -5.81
N ARG G 3 -30.00 8.49 -6.84
CA ARG G 3 -31.37 8.52 -7.36
C ARG G 3 -32.37 8.25 -6.27
N ALA G 4 -32.05 7.33 -5.37
CA ALA G 4 -32.91 7.09 -4.22
C ALA G 4 -33.07 8.37 -3.43
N VAL G 5 -31.98 9.11 -3.22
CA VAL G 5 -32.08 10.42 -2.58
C VAL G 5 -32.99 11.33 -3.40
N GLU G 6 -32.80 11.37 -4.72
CA GLU G 6 -33.65 12.19 -5.57
C GLU G 6 -35.11 11.82 -5.42
N ALA G 7 -35.41 10.52 -5.38
CA ALA G 7 -36.77 10.08 -5.13
C ALA G 7 -37.23 10.52 -3.74
N LEU G 8 -36.34 10.43 -2.75
CA LEU G 8 -36.69 10.86 -1.40
C LEU G 8 -36.93 12.37 -1.36
N ILE G 9 -36.21 13.12 -2.18
CA ILE G 9 -36.50 14.55 -2.31
C ILE G 9 -37.88 14.73 -2.94
N LYS G 10 -38.20 13.90 -3.93
CA LYS G 10 -39.56 13.91 -4.47
C LYS G 10 -40.55 13.45 -3.42
N ALA G 11 -40.11 12.57 -2.52
CA ALA G 11 -40.95 12.22 -1.39
C ALA G 11 -41.06 13.40 -0.42
N LEU G 12 -40.07 14.27 -0.38
CA LEU G 12 -40.23 15.55 0.31
C LEU G 12 -41.11 16.52 -0.47
N LYS G 13 -41.35 16.25 -1.75
CA LYS G 13 -42.36 16.93 -2.53
C LYS G 13 -43.69 16.18 -2.58
N ASP G 14 -43.85 15.13 -1.78
CA ASP G 14 -45.04 14.29 -1.86
C ASP G 14 -46.22 14.96 -1.18
N PRO G 15 -47.38 15.23 -1.91
CA PRO G 15 -48.50 16.00 -1.32
C PRO G 15 -48.91 15.60 0.07
N ASP G 16 -48.76 14.33 0.39
CA ASP G 16 -48.96 13.85 1.75
C ASP G 16 -47.74 14.23 2.59
N TRP G 17 -47.87 15.28 3.41
CA TRP G 17 -46.76 15.69 4.27
C TRP G 17 -46.36 14.63 5.25
N TYR G 18 -47.24 13.67 5.48
CA TYR G 18 -46.82 12.46 6.16
C TYR G 18 -45.61 11.85 5.45
N VAL G 19 -45.65 11.77 4.11
CA VAL G 19 -44.55 11.15 3.38
C VAL G 19 -43.29 11.98 3.55
N ARG G 20 -43.42 13.28 3.38
CA ARG G 20 -42.31 14.21 3.53
C ARG G 20 -41.60 13.98 4.86
N LYS G 21 -42.38 13.79 5.91
CA LYS G 21 -41.84 13.45 7.22
C LYS G 21 -41.03 12.16 7.15
N ALA G 22 -41.64 11.11 6.59
CA ALA G 22 -40.93 9.85 6.44
C ALA G 22 -39.72 10.01 5.53
N ALA G 23 -39.87 10.80 4.48
CA ALA G 23 -38.77 11.02 3.55
C ALA G 23 -37.60 11.71 4.23
N ALA G 24 -37.89 12.79 4.96
CA ALA G 24 -36.86 13.48 5.72
C ALA G 24 -36.19 12.53 6.69
N GLU G 25 -37.00 11.72 7.37
CA GLU G 25 -36.47 10.74 8.31
C GLU G 25 -35.53 9.77 7.59
N ALA G 26 -35.96 9.27 6.43
CA ALA G 26 -35.10 8.38 5.65
C ALA G 26 -33.82 9.09 5.25
N LEU G 27 -33.92 10.35 4.86
CA LEU G 27 -32.73 11.12 4.55
C LEU G 27 -31.90 11.39 5.79
N GLY G 28 -32.53 11.38 6.96
CA GLY G 28 -31.77 11.40 8.19
C GLY G 28 -30.87 10.20 8.33
N ARG G 29 -31.40 9.00 8.05
CA ARG G 29 -30.58 7.81 8.04
C ARG G 29 -29.44 7.96 7.04
N ILE G 30 -29.72 8.58 5.90
CA ILE G 30 -28.75 8.79 4.85
C ILE G 30 -28.14 10.17 5.04
N ASP H 1 -28.56 13.80 -4.20
CA ASP H 1 -27.38 14.03 -3.39
C ASP H 1 -27.72 14.90 -2.16
N GLU H 2 -26.70 15.52 -1.55
CA GLU H 2 -26.88 16.36 -0.37
C GLU H 2 -27.74 17.60 -0.59
N ARG H 3 -28.17 17.85 -1.83
CA ARG H 3 -29.20 18.85 -2.06
C ARG H 3 -30.46 18.55 -1.26
N ALA H 4 -30.65 17.29 -0.89
CA ALA H 4 -31.57 16.84 0.14
C ALA H 4 -31.54 17.74 1.37
N VAL H 5 -30.34 18.19 1.77
CA VAL H 5 -30.23 19.12 2.89
C VAL H 5 -31.07 20.37 2.61
N GLU H 6 -30.87 20.97 1.45
CA GLU H 6 -31.65 22.16 1.11
C GLU H 6 -33.13 21.79 0.98
N ALA H 7 -33.42 20.54 0.62
CA ALA H 7 -34.80 20.08 0.71
C ALA H 7 -35.21 19.92 2.17
N LEU H 8 -34.28 19.54 3.05
CA LEU H 8 -34.60 19.55 4.47
C LEU H 8 -34.91 20.98 4.93
N ILE H 9 -34.19 21.96 4.40
CA ILE H 9 -34.45 23.36 4.75
C ILE H 9 -35.86 23.75 4.36
N LYS H 10 -36.33 23.27 3.21
CA LYS H 10 -37.72 23.49 2.85
C LYS H 10 -38.64 22.62 3.68
N ALA H 11 -38.16 21.43 4.06
CA ALA H 11 -38.89 20.59 4.99
C ALA H 11 -38.97 21.21 6.38
N LEU H 12 -38.12 22.20 6.66
CA LEU H 12 -38.23 22.96 7.90
C LEU H 12 -39.45 23.88 7.94
N LYS H 13 -40.29 23.84 6.89
CA LYS H 13 -41.61 24.45 6.89
C LYS H 13 -42.38 24.29 8.20
N ASP H 14 -42.56 23.04 8.70
CA ASP H 14 -43.63 22.82 9.68
C ASP H 14 -43.36 21.68 10.68
N PRO H 15 -43.14 21.99 11.97
CA PRO H 15 -43.01 20.96 13.01
C PRO H 15 -44.30 20.66 13.75
N ASP H 16 -45.43 21.05 13.20
CA ASP H 16 -46.66 20.33 13.44
C ASP H 16 -47.05 19.51 12.23
N TRP H 17 -46.32 19.69 11.12
CA TRP H 17 -46.18 18.63 10.16
C TRP H 17 -45.11 17.63 10.59
N TYR H 18 -44.21 18.02 11.49
CA TYR H 18 -43.07 17.21 11.88
C TYR H 18 -42.16 16.88 10.71
N VAL H 19 -42.32 17.62 9.62
CA VAL H 19 -41.48 17.50 8.45
C VAL H 19 -40.26 18.36 8.67
N ARG H 20 -40.49 19.46 9.40
CA ARG H 20 -39.41 20.13 10.10
C ARG H 20 -38.79 19.21 11.14
N LYS H 21 -39.62 18.64 12.03
CA LYS H 21 -39.10 17.79 13.10
C LYS H 21 -38.28 16.64 12.51
N ALA H 22 -38.83 16.00 11.49
CA ALA H 22 -38.08 14.99 10.77
C ALA H 22 -36.88 15.61 10.06
N ALA H 23 -37.03 16.85 9.59
CA ALA H 23 -35.88 17.52 8.99
C ALA H 23 -34.83 17.83 10.05
N ALA H 24 -35.26 18.35 11.19
CA ALA H 24 -34.36 18.61 12.29
C ALA H 24 -33.74 17.31 12.77
N GLU H 25 -34.52 16.23 12.74
CA GLU H 25 -33.96 14.91 13.01
C GLU H 25 -32.93 14.56 11.94
N ALA H 26 -33.27 14.81 10.68
CA ALA H 26 -32.33 14.51 9.60
C ALA H 26 -31.11 15.40 9.71
N LEU H 27 -31.31 16.65 10.08
CA LEU H 27 -30.18 17.51 10.42
C LEU H 27 -29.57 17.09 11.74
N GLY H 28 -30.35 16.42 12.59
CA GLY H 28 -29.78 15.74 13.76
C GLY H 28 -28.92 14.55 13.40
N ARG H 29 -28.91 14.18 12.12
CA ARG H 29 -27.90 13.30 11.54
C ARG H 29 -26.96 14.05 10.62
N ILE H 30 -27.47 15.09 9.97
CA ILE H 30 -26.75 15.80 8.93
C ILE H 30 -26.56 17.23 9.38
N ASP I 1 -20.18 18.04 2.07
CA ASP I 1 -20.35 19.00 0.98
C ASP I 1 -20.37 20.42 1.44
N GLU I 2 -19.64 21.21 0.68
CA GLU I 2 -19.34 22.59 1.03
C GLU I 2 -20.48 23.53 0.69
N ARG I 3 -21.04 23.42 -0.51
CA ARG I 3 -22.25 24.18 -0.84
C ARG I 3 -23.34 23.89 0.17
N ALA I 4 -23.47 22.63 0.58
CA ALA I 4 -24.41 22.30 1.63
C ALA I 4 -24.11 23.10 2.88
N VAL I 5 -22.83 23.22 3.24
CA VAL I 5 -22.45 24.08 4.35
C VAL I 5 -22.88 25.51 4.08
N GLU I 6 -22.60 26.01 2.87
CA GLU I 6 -23.00 27.36 2.51
C GLU I 6 -24.51 27.56 2.66
N ALA I 7 -25.29 26.58 2.21
CA ALA I 7 -26.73 26.62 2.42
C ALA I 7 -27.06 26.59 3.91
N LEU I 8 -26.34 25.79 4.68
CA LEU I 8 -26.57 25.73 6.11
C LEU I 8 -26.21 27.04 6.78
N ILE I 9 -25.20 27.74 6.24
CA ILE I 9 -24.91 29.09 6.73
C ILE I 9 -26.06 30.01 6.38
N LYS I 10 -26.62 29.85 5.18
CA LYS I 10 -27.83 30.60 4.85
C LYS I 10 -28.98 30.16 5.72
N ALA I 11 -28.97 28.89 6.15
CA ALA I 11 -29.94 28.47 7.13
C ALA I 11 -29.66 29.09 8.49
N LEU I 12 -28.39 29.43 8.77
CA LEU I 12 -28.08 30.26 9.93
C LEU I 12 -28.47 31.72 9.69
N LYS I 13 -28.71 32.10 8.45
CA LYS I 13 -29.33 33.38 8.12
C LYS I 13 -30.84 33.28 7.92
N ASP I 14 -31.45 32.15 8.25
CA ASP I 14 -32.87 31.93 7.97
C ASP I 14 -33.73 32.67 8.99
N PRO I 15 -34.64 33.62 8.57
CA PRO I 15 -35.40 34.45 9.53
C PRO I 15 -36.03 33.71 10.69
N ASP I 16 -36.40 32.46 10.45
CA ASP I 16 -36.85 31.59 11.52
C ASP I 16 -35.63 31.10 12.31
N TRP I 17 -35.40 31.68 13.49
CA TRP I 17 -34.26 31.25 14.30
C TRP I 17 -34.37 29.81 14.73
N TYR I 18 -35.57 29.26 14.67
CA TYR I 18 -35.70 27.82 14.75
C TYR I 18 -34.79 27.15 13.73
N VAL I 19 -34.77 27.64 12.49
CA VAL I 19 -33.95 27.00 11.45
C VAL I 19 -32.49 27.14 11.79
N ARG I 20 -32.09 28.35 12.17
CA ARG I 20 -30.72 28.62 12.55
C ARG I 20 -30.24 27.62 13.60
N LYS I 21 -31.09 27.33 14.57
CA LYS I 21 -30.79 26.31 15.56
C LYS I 21 -30.57 24.96 14.90
N ALA I 22 -31.49 24.55 14.04
CA ALA I 22 -31.33 23.29 13.32
C ALA I 22 -30.11 23.34 12.43
N ALA I 23 -29.87 24.47 11.79
CA ALA I 23 -28.71 24.62 10.90
C ALA I 23 -27.42 24.48 11.69
N ALA I 24 -27.31 25.18 12.80
CA ALA I 24 -26.13 25.05 13.66
C ALA I 24 -25.96 23.61 14.10
N GLU I 25 -27.06 22.96 14.48
CA GLU I 25 -27.00 21.57 14.89
C GLU I 25 -26.49 20.70 13.74
N ALA I 26 -27.00 20.92 12.54
CA ALA I 26 -26.52 20.19 11.37
C ALA I 26 -25.03 20.44 11.16
N LEU I 27 -24.62 21.68 11.31
CA LEU I 27 -23.20 22.00 11.19
C LEU I 27 -22.40 21.40 12.35
N GLY I 28 -23.07 21.15 13.47
CA GLY I 28 -22.42 20.38 14.53
C GLY I 28 -22.07 18.99 14.08
N ARG I 29 -23.02 18.31 13.41
CA ARG I 29 -22.74 17.01 12.82
C ARG I 29 -21.57 17.10 11.84
N ILE I 30 -21.52 18.19 11.09
CA ILE I 30 -20.47 18.42 10.11
C ILE I 30 -19.39 19.26 10.76
N ASP J 1 -17.79 26.20 3.84
CA ASP J 1 -16.66 25.60 4.54
C ASP J 1 -16.71 25.97 6.04
N GLU J 2 -15.57 25.84 6.73
CA GLU J 2 -15.48 26.11 8.15
C GLU J 2 -15.76 27.57 8.55
N ARG J 3 -15.99 28.44 7.56
CA ARG J 3 -16.53 29.77 7.87
C ARG J 3 -17.85 29.67 8.62
N ALA J 4 -18.54 28.53 8.46
CA ALA J 4 -19.62 28.11 9.33
C ALA J 4 -19.31 28.33 10.80
N VAL J 5 -18.07 28.09 11.21
CA VAL J 5 -17.66 28.36 12.59
C VAL J 5 -17.93 29.82 12.93
N GLU J 6 -17.44 30.72 12.08
CA GLU J 6 -17.68 32.14 12.33
C GLU J 6 -19.16 32.45 12.24
N ALA J 7 -19.90 31.67 11.45
CA ALA J 7 -21.35 31.78 11.49
C ALA J 7 -21.89 31.21 12.80
N LEU J 8 -21.23 30.19 13.35
CA LEU J 8 -21.60 29.74 14.69
C LEU J 8 -21.35 30.84 15.70
N ILE J 9 -20.28 31.61 15.54
CA ILE J 9 -19.98 32.72 16.44
C ILE J 9 -21.12 33.75 16.40
N LYS J 10 -21.65 33.99 15.20
CA LYS J 10 -22.82 34.86 15.12
C LYS J 10 -24.06 34.14 15.64
N ALA J 11 -24.10 32.82 15.45
CA ALA J 11 -25.16 32.02 16.04
C ALA J 11 -25.07 31.99 17.56
N LEU J 12 -23.92 32.38 18.13
CA LEU J 12 -23.81 32.55 19.57
C LEU J 12 -24.57 33.76 20.10
N LYS J 13 -25.28 34.48 19.23
CA LYS J 13 -26.27 35.48 19.60
C LYS J 13 -27.11 35.11 20.82
N ASP J 14 -27.80 33.94 20.80
CA ASP J 14 -28.91 33.77 21.74
C ASP J 14 -29.17 32.31 22.16
N PRO J 15 -28.93 31.96 23.42
CA PRO J 15 -29.28 30.62 23.96
C PRO J 15 -30.63 30.56 24.65
N ASP J 16 -31.48 31.54 24.43
CA ASP J 16 -32.92 31.32 24.50
C ASP J 16 -33.51 31.28 23.12
N TRP J 17 -32.70 31.61 22.10
CA TRP J 17 -32.93 31.06 20.77
C TRP J 17 -32.37 29.65 20.65
N TYR J 18 -31.45 29.27 21.53
CA TYR J 18 -30.73 28.00 21.44
C TYR J 18 -29.96 27.86 20.14
N VAL J 19 -29.75 28.97 19.46
CA VAL J 19 -28.96 29.03 18.26
C VAL J 19 -27.51 29.20 18.66
N ARG J 20 -27.34 29.89 19.78
CA ARG J 20 -26.13 29.74 20.57
C ARG J 20 -25.99 28.32 21.09
N LYS J 21 -27.02 27.81 21.76
CA LYS J 21 -26.94 26.47 22.33
C LYS J 21 -26.61 25.45 21.26
N ALA J 22 -27.30 25.54 20.13
CA ALA J 22 -26.96 24.71 18.99
C ALA J 22 -25.59 25.05 18.46
N ALA J 23 -25.19 26.33 18.54
CA ALA J 23 -23.84 26.68 18.13
C ALA J 23 -22.83 26.11 19.11
N ALA J 24 -23.08 26.25 20.40
CA ALA J 24 -22.22 25.67 21.40
C ALA J 24 -22.19 24.16 21.26
N GLU J 25 -23.33 23.57 20.90
CA GLU J 25 -23.34 22.16 20.54
C GLU J 25 -22.48 21.91 19.32
N ALA J 26 -22.62 22.76 18.31
CA ALA J 26 -21.80 22.60 17.11
C ALA J 26 -20.34 22.83 17.42
N LEU J 27 -20.04 23.78 18.28
CA LEU J 27 -18.71 23.92 18.81
C LEU J 27 -18.39 22.80 19.77
N GLY J 28 -19.42 22.20 20.38
CA GLY J 28 -19.24 20.95 21.10
C GLY J 28 -18.89 19.78 20.21
N ARG J 29 -18.95 19.98 18.89
CA ARG J 29 -18.33 19.10 17.90
C ARG J 29 -17.11 19.76 17.26
N ILE J 30 -17.14 21.08 17.14
CA ILE J 30 -16.14 21.81 16.39
C ILE J 30 -15.42 22.73 17.35
N ASP K 1 -8.61 24.33 10.49
CA ASP K 1 -8.32 25.64 9.93
C ASP K 1 -7.80 26.61 10.94
N GLU K 2 -6.78 27.31 10.49
CA GLU K 2 -5.97 28.15 11.35
C GLU K 2 -6.63 29.51 11.60
N ARG K 3 -7.11 30.17 10.54
CA ARG K 3 -7.90 31.39 10.72
C ARG K 3 -9.07 31.14 11.65
N ALA K 4 -9.70 29.98 11.49
CA ALA K 4 -10.77 29.61 12.42
C ALA K 4 -10.24 29.59 13.84
N VAL K 5 -9.05 29.04 14.05
CA VAL K 5 -8.41 29.11 15.37
C VAL K 5 -8.22 30.56 15.77
N GLU K 6 -7.71 31.39 14.87
CA GLU K 6 -7.51 32.80 15.17
C GLU K 6 -8.81 33.47 15.57
N ALA K 7 -9.90 33.16 14.86
CA ALA K 7 -11.21 33.66 15.26
C ALA K 7 -11.61 33.12 16.62
N LEU K 8 -11.31 31.85 16.88
CA LEU K 8 -11.64 31.25 18.16
C LEU K 8 -10.81 31.90 19.27
N ILE K 9 -9.58 32.30 18.96
CA ILE K 9 -8.81 33.08 19.93
C ILE K 9 -9.48 34.43 20.15
N LYS K 10 -9.98 35.04 19.07
CA LYS K 10 -10.77 36.25 19.24
C LYS K 10 -12.06 35.95 19.99
N ALA K 11 -12.57 34.74 19.84
CA ALA K 11 -13.69 34.34 20.67
C ALA K 11 -13.26 34.13 22.12
N LEU K 12 -11.98 33.79 22.34
CA LEU K 12 -11.43 33.85 23.70
C LEU K 12 -11.19 35.29 24.15
N LYS K 13 -11.19 36.24 23.23
CA LYS K 13 -11.22 37.66 23.56
C LYS K 13 -12.63 38.24 23.53
N ASP K 14 -13.66 37.41 23.42
CA ASP K 14 -15.02 37.90 23.26
C ASP K 14 -15.59 38.38 24.60
N PRO K 15 -16.02 39.69 24.73
CA PRO K 15 -16.44 40.24 26.04
C PRO K 15 -17.37 39.36 26.85
N ASP K 16 -18.20 38.60 26.16
CA ASP K 16 -19.02 37.59 26.81
C ASP K 16 -18.15 36.39 27.14
N TRP K 17 -17.77 36.25 28.42
CA TRP K 17 -16.94 35.10 28.83
C TRP K 17 -17.64 33.79 28.62
N TYR K 18 -18.96 33.82 28.48
CA TYR K 18 -19.66 32.67 27.96
C TYR K 18 -19.02 32.21 26.65
N VAL K 19 -18.75 33.15 25.73
CA VAL K 19 -18.20 32.78 24.43
C VAL K 19 -16.82 32.18 24.61
N ARG K 20 -15.99 32.84 25.41
CA ARG K 20 -14.65 32.37 25.70
C ARG K 20 -14.66 30.93 26.15
N LYS K 21 -15.62 30.59 27.01
CA LYS K 21 -15.82 29.21 27.43
C LYS K 21 -16.10 28.31 26.23
N ALA K 22 -17.07 28.71 25.41
CA ALA K 22 -17.38 27.94 24.21
C ALA K 22 -16.19 27.89 23.26
N ALA K 23 -15.48 29.01 23.15
CA ALA K 23 -14.31 29.07 22.27
C ALA K 23 -13.24 28.11 22.74
N ALA K 24 -12.92 28.17 24.03
CA ALA K 24 -11.95 27.23 24.60
C ALA K 24 -12.38 25.80 24.35
N GLU K 25 -13.66 25.53 24.57
CA GLU K 25 -14.20 24.19 24.33
C GLU K 25 -14.00 23.79 22.88
N ALA K 26 -14.31 24.70 21.95
CA ALA K 26 -14.09 24.42 20.54
C ALA K 26 -12.63 24.16 20.26
N LEU K 27 -11.76 24.94 20.87
CA LEU K 27 -10.33 24.70 20.72
C LEU K 27 -9.91 23.41 21.40
N GLY K 28 -10.68 22.97 22.39
CA GLY K 28 -10.45 21.64 22.92
C GLY K 28 -10.67 20.57 21.89
N ARG K 29 -11.76 20.67 21.12
CA ARG K 29 -11.99 19.76 20.01
C ARG K 29 -10.82 19.81 19.03
N ILE K 30 -10.30 21.00 18.81
CA ILE K 30 -9.21 21.24 17.88
C ILE K 30 -7.91 21.21 18.68
N ASP L 1 -3.28 29.28 15.21
CA ASP L 1 -2.52 28.06 15.45
C ASP L 1 -2.51 27.71 16.94
N GLU L 2 -1.56 26.88 17.37
CA GLU L 2 -1.45 26.44 18.75
C GLU L 2 -1.15 27.55 19.75
N ARG L 3 -0.95 28.78 19.27
CA ARG L 3 -0.93 29.94 20.17
C ARG L 3 -2.22 30.03 20.97
N ALA L 4 -3.29 29.45 20.44
CA ALA L 4 -4.51 29.12 21.18
C ALA L 4 -4.22 28.55 22.55
N VAL L 5 -3.20 27.69 22.66
CA VAL L 5 -2.81 27.16 23.96
C VAL L 5 -2.49 28.30 24.91
N GLU L 6 -1.62 29.22 24.47
CA GLU L 6 -1.30 30.35 25.32
C GLU L 6 -2.52 31.21 25.56
N ALA L 7 -3.46 31.22 24.62
CA ALA L 7 -4.76 31.83 24.89
C ALA L 7 -5.55 31.00 25.88
N LEU L 8 -5.38 29.68 25.86
CA LEU L 8 -5.98 28.87 26.92
C LEU L 8 -5.38 29.23 28.27
N ILE L 9 -4.07 29.52 28.30
CA ILE L 9 -3.42 29.91 29.55
C ILE L 9 -4.03 31.20 30.09
N LYS L 10 -4.36 32.12 29.19
CA LYS L 10 -5.08 33.31 29.63
C LYS L 10 -6.53 32.97 29.94
N ALA L 11 -7.09 32.00 29.23
CA ALA L 11 -8.41 31.49 29.56
C ALA L 11 -8.42 30.78 30.89
N LEU L 12 -7.25 30.40 31.42
CA LEU L 12 -7.17 29.85 32.77
C LEU L 12 -7.41 30.91 33.85
N LYS L 13 -7.73 32.14 33.46
CA LYS L 13 -8.25 33.17 34.36
C LYS L 13 -9.24 32.66 35.41
N ASP L 14 -10.33 31.98 34.98
CA ASP L 14 -11.48 31.86 35.88
C ASP L 14 -12.33 30.58 35.68
N PRO L 15 -12.32 29.65 36.63
CA PRO L 15 -13.20 28.46 36.59
C PRO L 15 -14.50 28.63 37.36
N ASP L 16 -14.87 29.85 37.69
CA ASP L 16 -16.27 30.18 37.83
C ASP L 16 -16.75 30.98 36.64
N TRP L 17 -15.83 31.39 35.77
CA TRP L 17 -16.17 31.61 34.38
C TRP L 17 -16.22 30.31 33.61
N TYR L 18 -15.58 29.25 34.12
CA TYR L 18 -15.43 28.00 33.40
C TYR L 18 -14.70 28.15 32.09
N VAL L 19 -14.03 29.27 31.92
CA VAL L 19 -13.21 29.53 30.77
C VAL L 19 -11.84 28.95 31.02
N ARG L 20 -11.48 28.95 32.29
CA ARG L 20 -10.47 28.02 32.79
C ARG L 20 -10.94 26.59 32.62
N LYS L 21 -12.12 26.27 33.15
CA LYS L 21 -12.61 24.90 33.08
C LYS L 21 -12.66 24.41 31.65
N ALA L 22 -13.20 25.24 30.76
CA ALA L 22 -13.15 24.93 29.33
C ALA L 22 -11.71 24.92 28.84
N ALA L 23 -10.86 25.78 29.39
CA ALA L 23 -9.45 25.74 29.01
C ALA L 23 -8.80 24.45 29.51
N ALA L 24 -9.07 24.10 30.76
CA ALA L 24 -8.57 22.85 31.31
C ALA L 24 -9.13 21.67 30.54
N GLU L 25 -10.38 21.78 30.11
CA GLU L 25 -10.94 20.80 29.19
C GLU L 25 -10.17 20.80 27.88
N ALA L 26 -9.91 21.99 27.34
CA ALA L 26 -9.16 22.07 26.10
C ALA L 26 -7.74 21.56 26.29
N LEU L 27 -7.14 21.85 27.43
CA LEU L 27 -5.89 21.22 27.79
C LEU L 27 -6.10 19.77 28.15
N GLY L 28 -7.31 19.41 28.57
CA GLY L 28 -7.69 18.01 28.66
C GLY L 28 -7.79 17.31 27.31
N ARG L 29 -7.69 18.07 26.23
CA ARG L 29 -7.41 17.56 24.90
C ARG L 29 -6.01 17.90 24.44
N ILE L 30 -5.50 19.04 24.89
CA ILE L 30 -4.24 19.57 24.40
C ILE L 30 -3.28 19.64 25.57
N ASP M 1 3.79 21.38 18.96
CA ASP M 1 4.60 22.59 18.95
C ASP M 1 5.40 22.78 20.20
N GLU M 2 6.65 23.15 19.95
CA GLU M 2 7.66 23.19 20.99
C GLU M 2 7.58 24.45 21.83
N ARG M 3 7.46 25.62 21.19
CA ARG M 3 7.20 26.84 21.95
C ARG M 3 5.98 26.70 22.82
N ALA M 4 4.94 26.04 22.29
CA ALA M 4 3.77 25.75 23.10
C ALA M 4 4.17 24.95 24.32
N VAL M 5 5.04 23.95 24.15
CA VAL M 5 5.58 23.23 25.30
C VAL M 5 6.30 24.18 26.23
N GLU M 6 7.16 25.05 25.68
CA GLU M 6 7.86 26.02 26.50
C GLU M 6 6.91 26.89 27.29
N ALA M 7 5.83 27.34 26.65
CA ALA M 7 4.81 28.09 27.37
C ALA M 7 4.14 27.22 28.43
N LEU M 8 3.90 25.95 28.11
CA LEU M 8 3.31 25.04 29.09
C LEU M 8 4.26 24.80 30.26
N ILE M 9 5.56 24.80 29.99
CA ILE M 9 6.53 24.75 31.08
C ILE M 9 6.43 26.03 31.92
N LYS M 10 6.26 27.17 31.25
CA LYS M 10 6.01 28.40 31.98
C LYS M 10 4.68 28.32 32.70
N ALA M 11 3.72 27.57 32.13
CA ALA M 11 2.49 27.32 32.85
C ALA M 11 2.74 26.38 34.02
N LEU M 12 3.76 25.53 33.94
CA LEU M 12 4.21 24.81 35.13
C LEU M 12 4.97 25.72 36.09
N LYS M 13 5.40 26.88 35.64
CA LYS M 13 5.91 27.93 36.51
C LYS M 13 4.84 28.96 36.89
N ASP M 14 3.57 28.71 36.58
CA ASP M 14 2.52 29.69 36.79
C ASP M 14 2.12 29.75 38.26
N PRO M 15 2.24 30.94 38.97
CA PRO M 15 1.99 30.99 40.42
C PRO M 15 0.75 30.28 40.92
N ASP M 16 -0.28 30.25 40.08
CA ASP M 16 -1.46 29.47 40.37
C ASP M 16 -1.15 28.00 40.07
N TRP M 17 -0.92 27.20 41.13
CA TRP M 17 -0.63 25.78 40.94
C TRP M 17 -1.78 25.05 40.31
N TYR M 18 -2.96 25.63 40.35
CA TYR M 18 -4.03 25.15 39.50
C TYR M 18 -3.56 25.09 38.05
N VAL M 19 -2.89 26.15 37.56
CA VAL M 19 -2.46 26.17 36.17
C VAL M 19 -1.44 25.08 35.92
N ARG M 20 -0.46 24.98 36.82
CA ARG M 20 0.58 23.97 36.73
C ARG M 20 -0.03 22.58 36.56
N LYS M 21 -1.10 22.31 37.31
CA LYS M 21 -1.84 21.07 37.16
C LYS M 21 -2.39 20.94 35.75
N ALA M 22 -3.07 21.97 35.28
CA ALA M 22 -3.59 21.95 33.92
C ALA M 22 -2.46 21.86 32.90
N ALA M 23 -1.37 22.56 33.16
CA ALA M 23 -0.23 22.54 32.25
C ALA M 23 0.36 21.15 32.16
N ALA M 24 0.61 20.52 33.31
CA ALA M 24 1.10 19.15 33.33
C ALA M 24 0.16 18.23 32.59
N GLU M 25 -1.14 18.41 32.82
CA GLU M 25 -2.15 17.61 32.14
C GLU M 25 -2.04 17.80 30.63
N ALA M 26 -1.93 19.06 30.19
CA ALA M 26 -1.76 19.34 28.77
C ALA M 26 -0.49 18.68 28.24
N LEU M 27 0.58 18.74 29.01
CA LEU M 27 1.81 18.07 28.60
C LEU M 27 1.65 16.56 28.65
N GLY M 28 0.71 16.07 29.46
CA GLY M 28 0.37 14.66 29.38
C GLY M 28 -0.19 14.29 28.03
N ARG M 29 -1.12 15.10 27.50
CA ARG M 29 -1.62 14.90 26.16
C ARG M 29 -0.48 14.92 25.15
N ILE M 30 0.49 15.81 25.37
CA ILE M 30 1.63 15.96 24.50
C ILE M 30 2.77 15.12 25.06
N ASP N 1 10.37 21.49 24.61
CA ASP N 1 10.57 20.10 24.24
C ASP N 1 10.36 19.18 25.46
N GLU N 2 10.89 17.95 25.40
CA GLU N 2 10.74 16.97 26.46
C GLU N 2 11.40 17.36 27.78
N ARG N 3 12.10 18.51 27.83
CA ARG N 3 12.52 19.08 29.10
C ARG N 3 11.32 19.31 30.01
N ALA N 4 10.13 19.45 29.43
CA ALA N 4 8.86 19.34 30.11
C ALA N 4 8.82 18.18 31.10
N VAL N 5 9.41 17.04 30.73
CA VAL N 5 9.50 15.91 31.64
C VAL N 5 10.19 16.33 32.92
N GLU N 6 11.36 16.95 32.80
CA GLU N 6 12.06 17.40 33.99
C GLU N 6 11.26 18.49 34.70
N ALA N 7 10.44 19.24 33.96
CA ALA N 7 9.49 20.12 34.60
C ALA N 7 8.38 19.31 35.27
N LEU N 8 8.01 18.16 34.69
CA LEU N 8 7.10 17.28 35.40
C LEU N 8 7.71 16.79 36.69
N ILE N 9 9.02 16.52 36.68
CA ILE N 9 9.71 16.08 37.90
C ILE N 9 9.61 17.15 38.98
N LYS N 10 9.73 18.42 38.58
CA LYS N 10 9.51 19.49 39.54
C LYS N 10 8.03 19.62 39.86
N ALA N 11 7.17 19.31 38.88
CA ALA N 11 5.74 19.27 39.14
C ALA N 11 5.38 18.12 40.06
N LEU N 12 6.28 17.15 40.25
CA LEU N 12 6.07 16.11 41.24
C LEU N 12 6.20 16.61 42.68
N LYS N 13 6.41 17.92 42.86
CA LYS N 13 6.29 18.59 44.15
C LYS N 13 5.13 18.11 45.01
N ASP N 14 3.87 18.13 44.48
CA ASP N 14 2.72 18.09 45.38
C ASP N 14 1.46 17.45 44.78
N PRO N 15 1.05 16.27 45.27
CA PRO N 15 -0.21 15.64 44.86
C PRO N 15 -1.39 15.94 45.77
N ASP N 16 -1.28 16.95 46.62
CA ASP N 16 -2.43 17.70 47.04
C ASP N 16 -2.50 19.04 46.35
N TRP N 17 -1.44 19.40 45.61
CA TRP N 17 -1.61 20.29 44.48
C TRP N 17 -2.11 19.55 43.25
N TYR N 18 -1.96 18.22 43.21
CA TYR N 18 -2.28 17.42 42.04
C TYR N 18 -1.48 17.82 40.82
N VAL N 19 -0.41 18.57 41.04
CA VAL N 19 0.51 18.96 40.01
C VAL N 19 1.52 17.85 39.83
N ARG N 20 1.79 17.19 40.95
CA ARG N 20 2.33 15.84 40.91
C ARG N 20 1.34 14.89 40.23
N LYS N 21 0.10 14.85 40.72
CA LYS N 21 -0.90 13.94 40.17
C LYS N 21 -1.04 14.15 38.67
N ALA N 22 -1.16 15.41 38.26
CA ALA N 22 -1.17 15.73 36.85
C ALA N 22 0.18 15.39 36.22
N ALA N 23 1.27 15.54 36.97
CA ALA N 23 2.56 15.13 36.44
C ALA N 23 2.63 13.63 36.30
N ALA N 24 2.18 12.90 37.32
CA ALA N 24 2.12 11.45 37.25
C ALA N 24 1.18 11.02 36.14
N GLU N 25 0.10 11.76 35.95
CA GLU N 25 -0.75 11.54 34.79
C GLU N 25 0.02 11.80 33.51
N ALA N 26 0.77 12.90 33.47
CA ALA N 26 1.56 13.21 32.28
C ALA N 26 2.65 12.17 32.08
N LEU N 27 3.25 11.71 33.17
CA LEU N 27 4.14 10.57 33.09
C LEU N 27 3.34 9.30 32.84
N GLY N 28 2.06 9.28 33.23
CA GLY N 28 1.17 8.22 32.79
C GLY N 28 0.87 8.25 31.30
N ARG N 29 1.33 9.29 30.62
CA ARG N 29 1.45 9.32 29.17
C ARG N 29 2.90 9.26 28.71
N ILE N 30 3.79 9.82 29.52
CA ILE N 30 5.18 10.00 29.16
C ILE N 30 6.03 9.21 30.12
N ASP O 1 13.62 10.36 24.18
CA ASP O 1 14.84 11.03 24.57
C ASP O 1 15.57 10.34 25.67
N GLU O 2 16.88 10.27 25.45
CA GLU O 2 17.77 9.47 26.26
C GLU O 2 18.16 10.17 27.56
N ARG O 3 18.55 11.45 27.48
CA ARG O 3 18.75 12.22 28.71
C ARG O 3 17.53 12.20 29.58
N ALA O 4 16.35 12.29 28.96
CA ALA O 4 15.12 12.16 29.72
C ALA O 4 15.09 10.83 30.44
N VAL O 5 15.49 9.75 29.77
CA VAL O 5 15.63 8.45 30.43
C VAL O 5 16.62 8.55 31.58
N GLU O 6 17.78 9.17 31.34
CA GLU O 6 18.78 9.34 32.39
C GLU O 6 18.19 10.08 33.58
N ALA O 7 17.43 11.15 33.33
CA ALA O 7 16.75 11.85 34.40
C ALA O 7 15.74 10.94 35.09
N LEU O 8 15.02 10.13 34.31
CA LEU O 8 14.06 9.21 34.89
C LEU O 8 14.76 8.14 35.72
N ILE O 9 15.97 7.74 35.32
CA ILE O 9 16.77 6.86 36.16
C ILE O 9 17.14 7.59 37.45
N LYS O 10 17.48 8.87 37.34
CA LYS O 10 17.71 9.66 38.55
C LYS O 10 16.41 9.81 39.32
N ALA O 11 15.28 9.81 38.63
CA ALA O 11 14.01 9.77 39.31
C ALA O 11 13.78 8.41 39.96
N LEU O 12 14.38 7.35 39.41
CA LEU O 12 14.44 6.08 40.12
C LEU O 12 15.44 6.11 41.27
N LYS O 13 16.32 7.10 41.30
CA LYS O 13 17.16 7.38 42.45
C LYS O 13 16.57 8.48 43.35
N ASP O 14 15.34 8.89 43.12
CA ASP O 14 14.76 10.00 43.86
C ASP O 14 14.33 9.57 45.25
N PRO O 15 14.87 10.20 46.36
CA PRO O 15 14.59 9.73 47.74
C PRO O 15 13.14 9.41 48.04
N ASP O 16 12.23 10.14 47.40
CA ASP O 16 10.82 9.83 47.47
C ASP O 16 10.53 8.64 46.57
N TRP O 17 10.36 7.45 47.17
CA TRP O 17 10.06 6.25 46.38
C TRP O 17 8.75 6.37 45.64
N TYR O 18 7.90 7.29 46.06
CA TYR O 18 6.78 7.68 45.23
C TYR O 18 7.28 8.06 43.84
N VAL O 19 8.34 8.87 43.75
CA VAL O 19 8.83 9.32 42.45
C VAL O 19 9.34 8.15 41.65
N ARG O 20 10.14 7.30 42.30
CA ARG O 20 10.68 6.11 41.67
C ARG O 20 9.58 5.29 41.02
N LYS O 21 8.46 5.16 41.72
CA LYS O 21 7.29 4.49 41.17
C LYS O 21 6.82 5.20 39.91
N ALA O 22 6.63 6.51 39.99
CA ALA O 22 6.22 7.28 38.82
C ALA O 22 7.28 7.21 37.72
N ALA O 23 8.55 7.24 38.11
CA ALA O 23 9.63 7.17 37.14
C ALA O 23 9.63 5.84 36.41
N ALA O 24 9.52 4.75 37.16
CA ALA O 24 9.43 3.42 36.55
C ALA O 24 8.24 3.36 35.62
N GLU O 25 7.10 3.90 36.06
CA GLU O 25 5.90 3.93 35.23
C GLU O 25 6.16 4.69 33.94
N ALA O 26 6.80 5.86 34.06
CA ALA O 26 7.15 6.63 32.87
C ALA O 26 8.07 5.84 31.95
N LEU O 27 9.04 5.14 32.55
CA LEU O 27 9.91 4.30 31.75
C LEU O 27 9.15 3.10 31.18
N GLY O 28 8.06 2.71 31.83
CA GLY O 28 7.18 1.73 31.21
C GLY O 28 6.60 2.22 29.92
N ARG O 29 6.11 3.47 29.90
CA ARG O 29 5.65 4.08 28.67
C ARG O 29 6.76 4.08 27.62
N ILE O 30 7.99 4.33 28.06
CA ILE O 30 9.14 4.39 27.19
C ILE O 30 9.81 3.02 27.21
N ASP P 1 19.35 5.48 28.50
CA ASP P 1 18.99 4.42 27.58
C ASP P 1 18.36 3.24 28.32
N GLU P 2 18.34 2.05 27.69
CA GLU P 2 17.76 0.85 28.25
C GLU P 2 18.44 0.36 29.53
N ARG P 3 19.54 1.00 29.95
CA ARG P 3 20.08 0.76 31.29
C ARG P 3 19.02 1.02 32.35
N ALA P 4 18.03 1.86 32.03
CA ALA P 4 16.78 1.96 32.76
C ALA P 4 16.22 0.60 33.18
N VAL P 5 16.32 -0.39 32.30
CA VAL P 5 15.90 -1.75 32.64
C VAL P 5 16.63 -2.22 33.89
N GLU P 6 17.95 -2.12 33.89
CA GLU P 6 18.70 -2.52 35.07
C GLU P 6 18.35 -1.63 36.25
N ALA P 7 17.96 -0.39 35.99
CA ALA P 7 17.40 0.42 37.06
C ALA P 7 16.03 -0.08 37.46
N LEU P 8 15.26 -0.64 36.50
CA LEU P 8 14.03 -1.30 36.89
C LEU P 8 14.33 -2.49 37.79
N ILE P 9 15.41 -3.22 37.50
CA ILE P 9 15.80 -4.36 38.33
C ILE P 9 16.07 -3.92 39.76
N LYS P 10 16.71 -2.75 39.91
CA LYS P 10 16.88 -2.20 41.25
C LYS P 10 15.57 -1.66 41.77
N ALA P 11 14.72 -1.16 40.87
CA ALA P 11 13.37 -0.76 41.26
C ALA P 11 12.53 -1.95 41.67
N LEU P 12 12.95 -3.16 41.32
CA LEU P 12 12.28 -4.36 41.81
C LEU P 12 12.52 -4.61 43.29
N LYS P 13 13.23 -3.71 43.98
CA LYS P 13 13.31 -3.67 45.43
C LYS P 13 11.99 -3.97 46.15
N ASP P 14 10.90 -3.24 45.84
CA ASP P 14 9.78 -3.22 46.78
C ASP P 14 8.40 -3.00 46.13
N PRO P 15 7.52 -4.01 46.13
CA PRO P 15 6.13 -3.87 45.67
C PRO P 15 5.12 -3.56 46.75
N ASP P 16 5.59 -3.13 47.92
CA ASP P 16 4.81 -2.25 48.76
C ASP P 16 5.33 -0.83 48.70
N TRP P 17 6.48 -0.64 48.04
CA TRP P 17 6.75 0.63 47.41
C TRP P 17 6.07 0.75 46.06
N TYR P 18 5.68 -0.38 45.46
CA TYR P 18 5.13 -0.41 44.11
C TYR P 18 6.09 0.14 43.08
N VAL P 19 7.36 0.24 43.45
CA VAL P 19 8.41 0.64 42.56
C VAL P 19 8.90 -0.58 41.82
N ARG P 20 8.82 -1.71 42.52
CA ARG P 20 8.76 -3.00 41.86
C ARG P 20 7.53 -3.10 40.98
N LYS P 21 6.35 -2.85 41.57
CA LYS P 21 5.11 -2.99 40.81
C LYS P 21 5.15 -2.11 39.57
N ALA P 22 5.56 -0.87 39.73
CA ALA P 22 5.77 0.00 38.59
C ALA P 22 6.90 -0.53 37.71
N ALA P 23 7.91 -1.15 38.32
CA ALA P 23 8.96 -1.75 37.51
C ALA P 23 8.42 -2.95 36.75
N ALA P 24 7.67 -3.81 37.43
CA ALA P 24 7.04 -4.94 36.77
C ALA P 24 6.07 -4.46 35.71
N GLU P 25 5.38 -3.34 35.98
CA GLU P 25 4.59 -2.70 34.95
C GLU P 25 5.47 -2.24 33.81
N ALA P 26 6.60 -1.61 34.13
CA ALA P 26 7.51 -1.15 33.09
C ALA P 26 8.10 -2.34 32.34
N LEU P 27 8.41 -3.41 33.06
CA LEU P 27 8.76 -4.66 32.41
C LEU P 27 7.54 -5.29 31.75
N GLY P 28 6.34 -4.97 32.26
CA GLY P 28 5.13 -5.30 31.53
C GLY P 28 4.96 -4.53 30.24
N ARG P 29 5.83 -3.55 29.99
CA ARG P 29 6.03 -2.96 28.68
C ARG P 29 7.37 -3.39 28.07
N ILE P 30 8.36 -3.61 28.92
CA ILE P 30 9.72 -3.84 28.49
C ILE P 30 10.12 -5.24 28.92
N ASP Q 1 17.97 -4.28 23.10
CA ASP Q 1 19.34 -4.35 23.59
C ASP Q 1 19.69 -5.66 24.22
N GLU Q 2 20.86 -6.11 23.83
CA GLU Q 2 21.32 -7.45 24.14
C GLU Q 2 21.88 -7.56 25.56
N ARG Q 3 22.74 -6.62 25.95
CA ARG Q 3 23.18 -6.57 27.35
C ARG Q 3 21.99 -6.49 28.29
N ALA Q 4 20.97 -5.71 27.89
CA ALA Q 4 19.75 -5.67 28.68
C ALA Q 4 19.16 -7.06 28.80
N VAL Q 5 19.15 -7.82 27.70
CA VAL Q 5 18.73 -9.22 27.77
C VAL Q 5 19.61 -9.99 28.74
N GLU Q 6 20.93 -9.81 28.62
CA GLU Q 6 21.86 -10.49 29.52
C GLU Q 6 21.55 -10.15 30.98
N ALA Q 7 21.29 -8.88 31.26
CA ALA Q 7 20.87 -8.50 32.61
C ALA Q 7 19.55 -9.15 32.98
N LEU Q 8 18.62 -9.22 32.02
CA LEU Q 8 17.34 -9.87 32.29
C LEU Q 8 17.53 -11.36 32.53
N ILE Q 9 18.51 -11.98 31.87
CA ILE Q 9 18.84 -13.36 32.19
C ILE Q 9 19.40 -13.44 33.60
N LYS Q 10 20.23 -12.46 33.98
CA LYS Q 10 20.67 -12.40 35.36
C LYS Q 10 19.49 -12.10 36.29
N ALA Q 11 18.50 -11.39 35.78
CA ALA Q 11 17.27 -11.23 36.55
C ALA Q 11 16.50 -12.54 36.61
N LEU Q 12 16.67 -13.42 35.61
CA LEU Q 12 16.18 -14.78 35.73
C LEU Q 12 17.05 -15.61 36.67
N LYS Q 13 18.25 -15.14 36.99
CA LYS Q 13 19.06 -15.70 38.06
C LYS Q 13 18.91 -14.95 39.38
N ASP Q 14 17.94 -14.05 39.49
CA ASP Q 14 17.81 -13.21 40.68
C ASP Q 14 17.17 -13.99 41.82
N PRO Q 15 17.85 -14.14 43.02
CA PRO Q 15 17.33 -15.00 44.10
C PRO Q 15 15.86 -14.83 44.42
N ASP Q 16 15.36 -13.63 44.24
CA ASP Q 16 13.93 -13.38 44.35
C ASP Q 16 13.25 -13.88 43.08
N TRP Q 17 12.59 -15.05 43.17
CA TRP Q 17 11.89 -15.59 42.00
C TRP Q 17 10.78 -14.70 41.53
N TYR Q 18 10.33 -13.79 42.39
CA TYR Q 18 9.51 -12.70 41.93
C TYR Q 18 10.18 -11.98 40.76
N VAL Q 19 11.48 -11.68 40.88
CA VAL Q 19 12.18 -10.96 39.83
C VAL Q 19 12.22 -11.78 38.56
N ARG Q 20 12.59 -13.06 38.71
CA ARG Q 20 12.65 -13.99 37.60
C ARG Q 20 11.36 -13.96 36.81
N LYS Q 21 10.24 -13.95 37.52
CA LYS Q 21 8.94 -13.83 36.89
C LYS Q 21 8.84 -12.54 36.08
N ALA Q 22 9.19 -11.41 36.71
CA ALA Q 22 9.17 -10.14 36.02
C ALA Q 22 10.18 -10.14 34.87
N ALA Q 23 11.34 -10.75 35.08
CA ALA Q 23 12.36 -10.82 34.05
C ALA Q 23 11.86 -11.61 32.85
N ALA Q 24 11.30 -12.79 33.10
CA ALA Q 24 10.73 -13.59 32.03
C ALA Q 24 9.66 -12.81 31.29
N GLU Q 25 8.81 -12.11 32.05
CA GLU Q 25 7.77 -11.29 31.45
C GLU Q 25 8.38 -10.22 30.56
N ALA Q 26 9.42 -9.55 31.05
CA ALA Q 26 10.09 -8.54 30.25
C ALA Q 26 10.68 -9.16 28.99
N LEU Q 27 11.26 -10.36 29.12
CA LEU Q 27 11.77 -11.06 27.96
C LEU Q 27 10.64 -11.51 27.06
N GLY Q 28 9.45 -11.69 27.62
CA GLY Q 28 8.29 -11.91 26.77
C GLY Q 28 8.02 -10.75 25.86
N ARG Q 29 8.06 -9.52 26.40
CA ARG Q 29 7.94 -8.33 25.58
C ARG Q 29 9.02 -8.31 24.51
N ILE Q 30 10.23 -8.75 24.86
CA ILE Q 30 11.36 -8.78 23.96
C ILE Q 30 11.43 -10.17 23.35
N ASP R 1 21.09 -12.28 24.38
CA ASP R 1 20.40 -12.63 23.14
C ASP R 1 19.31 -13.69 23.41
N GLU R 2 18.87 -14.39 22.37
CA GLU R 2 17.82 -15.40 22.47
C GLU R 2 18.19 -16.60 23.34
N ARG R 3 19.43 -16.65 23.86
CA ARG R 3 19.75 -17.62 24.91
C ARG R 3 18.83 -17.45 26.11
N ALA R 4 18.26 -16.25 26.27
CA ALA R 4 17.11 -15.99 27.12
C ALA R 4 16.05 -17.08 27.01
N VAL R 5 15.80 -17.58 25.80
CA VAL R 5 14.85 -18.67 25.62
C VAL R 5 15.26 -19.87 26.47
N GLU R 6 16.53 -20.27 26.35
CA GLU R 6 17.00 -21.38 27.17
C GLU R 6 16.97 -21.02 28.65
N ALA R 7 17.11 -19.73 28.96
CA ALA R 7 16.85 -19.29 30.32
C ALA R 7 15.37 -19.37 30.65
N LEU R 8 14.50 -19.13 29.64
CA LEU R 8 13.08 -19.38 29.88
C LEU R 8 12.84 -20.85 30.17
N ILE R 9 13.57 -21.74 29.49
CA ILE R 9 13.42 -23.17 29.74
C ILE R 9 13.78 -23.50 31.18
N LYS R 10 14.81 -22.86 31.70
CA LYS R 10 15.11 -23.02 33.12
C LYS R 10 14.09 -22.29 33.97
N ALA R 11 13.56 -21.18 33.46
CA ALA R 11 12.47 -20.50 34.14
C ALA R 11 11.20 -21.34 34.12
N LEU R 12 11.12 -22.36 33.27
CA LEU R 12 10.01 -23.30 33.31
C LEU R 12 10.05 -24.21 34.52
N LYS R 13 11.02 -24.02 35.42
CA LYS R 13 11.04 -24.62 36.75
C LYS R 13 9.67 -24.69 37.44
N ASP R 14 8.96 -23.53 37.57
CA ASP R 14 7.90 -23.48 38.58
C ASP R 14 6.75 -22.51 38.24
N PRO R 15 5.54 -23.02 37.94
CA PRO R 15 4.35 -22.17 37.74
C PRO R 15 3.50 -21.99 38.97
N ASP R 16 4.03 -22.31 40.14
CA ASP R 16 3.60 -21.64 41.35
C ASP R 16 4.64 -20.63 41.80
N TRP R 17 5.81 -20.63 41.15
CA TRP R 17 6.60 -19.42 41.06
C TRP R 17 6.08 -18.50 39.97
N TYR R 18 5.31 -19.04 39.02
CA TYR R 18 4.87 -18.29 37.84
C TYR R 18 6.03 -17.77 37.01
N VAL R 19 7.21 -18.32 37.25
CA VAL R 19 8.38 -18.02 36.48
C VAL R 19 8.39 -18.90 35.26
N ARG R 20 7.84 -20.10 35.44
CA ARG R 20 7.32 -20.87 34.33
C ARG R 20 6.18 -20.12 33.64
N LYS R 21 5.17 -19.71 34.40
CA LYS R 21 4.02 -19.04 33.81
C LYS R 21 4.46 -17.82 33.03
N ALA R 22 5.33 -17.01 33.64
CA ALA R 22 5.92 -15.89 32.92
C ALA R 22 6.79 -16.39 31.78
N ALA R 23 7.46 -17.54 31.96
CA ALA R 23 8.22 -18.10 30.85
C ALA R 23 7.30 -18.57 29.75
N ALA R 24 6.23 -19.27 30.11
CA ALA R 24 5.24 -19.70 29.13
C ALA R 24 4.60 -18.49 28.48
N GLU R 25 4.40 -17.42 29.25
CA GLU R 25 3.98 -16.16 28.67
C GLU R 25 5.03 -15.64 27.71
N ALA R 26 6.30 -15.68 28.13
CA ALA R 26 7.36 -15.21 27.26
C ALA R 26 7.49 -16.10 26.03
N LEU R 27 7.31 -17.40 26.21
CA LEU R 27 7.18 -18.29 25.08
C LEU R 27 5.85 -18.08 24.38
N GLY R 28 4.85 -17.57 25.10
CA GLY R 28 3.64 -17.09 24.46
C GLY R 28 3.85 -15.85 23.62
N ARG R 29 5.05 -15.26 23.68
CA ARG R 29 5.54 -14.30 22.71
C ARG R 29 6.63 -14.91 21.83
N ILE R 30 7.40 -15.82 22.39
CA ILE R 30 8.59 -16.34 21.74
C ILE R 30 8.39 -17.83 21.53
N ASP S 1 16.03 -17.87 15.55
CA ASP S 1 17.22 -18.66 15.79
C ASP S 1 16.98 -20.13 15.77
N GLU S 2 17.89 -20.80 15.09
CA GLU S 2 17.76 -22.21 14.76
C GLU S 2 18.14 -23.12 15.92
N ARG S 3 19.28 -22.85 16.57
CA ARG S 3 19.62 -23.56 17.79
C ARG S 3 18.51 -23.44 18.81
N ALA S 4 17.92 -22.25 18.91
CA ALA S 4 16.78 -22.09 19.79
C ALA S 4 15.67 -23.04 19.39
N VAL S 5 15.41 -23.19 18.09
CA VAL S 5 14.46 -24.20 17.62
C VAL S 5 14.90 -25.58 18.07
N GLU S 6 16.19 -25.90 17.87
CA GLU S 6 16.71 -27.20 18.29
C GLU S 6 16.48 -27.43 19.79
N ALA S 7 16.73 -26.41 20.60
CA ALA S 7 16.43 -26.50 22.02
C ALA S 7 14.94 -26.69 22.25
N LEU S 8 14.12 -25.98 21.47
CA LEU S 8 12.67 -26.13 21.60
C LEU S 8 12.22 -27.52 21.19
N ILE S 9 12.91 -28.11 20.21
CA ILE S 9 12.65 -29.51 19.89
C ILE S 9 13.04 -30.40 21.05
N LYS S 10 14.16 -30.08 21.70
CA LYS S 10 14.51 -30.79 22.93
C LYS S 10 13.51 -30.49 24.02
N ALA S 11 12.91 -29.31 23.98
CA ALA S 11 11.81 -29.03 24.89
C ALA S 11 10.57 -29.84 24.50
N LEU S 12 10.44 -30.18 23.21
CA LEU S 12 9.43 -31.16 22.82
C LEU S 12 9.83 -32.58 23.22
N LYS S 13 11.11 -32.80 23.55
CA LYS S 13 11.56 -34.02 24.18
C LYS S 13 11.63 -33.92 25.70
N ASP S 14 11.12 -32.86 26.29
CA ASP S 14 11.26 -32.62 27.73
C ASP S 14 10.30 -33.50 28.51
N PRO S 15 10.79 -34.39 29.45
CA PRO S 15 9.91 -35.36 30.14
C PRO S 15 8.61 -34.80 30.68
N ASP S 16 8.65 -33.54 31.07
CA ASP S 16 7.43 -32.83 31.46
C ASP S 16 6.68 -32.44 30.19
N TRP S 17 5.61 -33.16 29.87
CA TRP S 17 4.82 -32.84 28.67
C TRP S 17 4.19 -31.47 28.76
N TYR S 18 4.09 -30.93 29.96
CA TYR S 18 3.81 -29.53 30.11
C TYR S 18 4.78 -28.71 29.25
N VAL S 19 6.08 -29.01 29.34
CA VAL S 19 7.07 -28.23 28.59
C VAL S 19 6.86 -28.39 27.10
N ARG S 20 6.67 -29.63 26.68
CA ARG S 20 6.42 -29.95 25.28
C ARG S 20 5.29 -29.09 24.73
N LYS S 21 4.24 -28.95 25.52
CA LYS S 21 3.13 -28.07 25.16
C LYS S 21 3.60 -26.64 24.98
N ALA S 22 4.34 -26.13 25.97
CA ALA S 22 4.88 -24.78 25.87
C ALA S 22 5.86 -24.67 24.71
N ALA S 23 6.67 -25.72 24.50
CA ALA S 23 7.63 -25.73 23.42
C ALA S 23 6.93 -25.66 22.07
N ALA S 24 5.93 -26.52 21.88
CA ALA S 24 5.15 -26.50 20.65
C ALA S 24 4.53 -25.13 20.44
N GLU S 25 3.98 -24.56 21.52
CA GLU S 25 3.40 -23.23 21.44
C GLU S 25 4.44 -22.21 21.01
N ALA S 26 5.63 -22.26 21.61
CA ALA S 26 6.70 -21.37 21.21
C ALA S 26 7.06 -21.57 19.74
N LEU S 27 7.11 -22.82 19.31
CA LEU S 27 7.36 -23.09 17.90
C LEU S 27 6.20 -22.64 17.04
N GLY S 28 5.00 -22.56 17.61
CA GLY S 28 3.90 -21.94 16.90
C GLY S 28 4.18 -20.49 16.60
N ARG S 29 4.68 -19.74 17.59
CA ARG S 29 5.09 -18.36 17.36
C ARG S 29 6.15 -18.30 16.26
N ILE S 30 7.05 -19.28 16.25
CA ILE S 30 8.13 -19.36 15.28
C ILE S 30 7.67 -20.26 14.15
N ASP T 1 15.59 -26.16 13.01
CA ASP T 1 14.89 -25.64 11.84
C ASP T 1 13.45 -26.21 11.78
N GLU T 2 12.83 -26.17 10.60
CA GLU T 2 11.47 -26.63 10.40
C GLU T 2 11.26 -28.13 10.64
N ARG T 3 12.34 -28.87 10.93
CA ARG T 3 12.18 -30.23 11.44
C ARG T 3 11.34 -30.24 12.71
N ALA T 4 11.30 -29.11 13.41
CA ALA T 4 10.30 -28.82 14.44
C ALA T 4 8.90 -29.25 14.03
N VAL T 5 8.55 -29.05 12.75
CA VAL T 5 7.25 -29.50 12.26
C VAL T 5 7.10 -31.00 12.48
N GLU T 6 8.09 -31.77 12.05
CA GLU T 6 8.03 -33.21 12.27
C GLU T 6 8.06 -33.53 13.75
N ALA T 7 8.68 -32.66 14.55
CA ALA T 7 8.55 -32.79 15.99
C ALA T 7 7.15 -32.42 16.44
N LEU T 8 6.51 -31.47 15.74
CA LEU T 8 5.10 -31.21 16.03
C LEU T 8 4.27 -32.45 15.71
N ILE T 9 4.62 -33.16 14.64
CA ILE T 9 3.89 -34.39 14.28
C ILE T 9 4.00 -35.41 15.40
N LYS T 10 5.18 -35.50 16.02
CA LYS T 10 5.30 -36.36 17.19
C LYS T 10 4.60 -35.73 18.39
N ALA T 11 4.60 -34.41 18.45
CA ALA T 11 3.83 -33.71 19.48
C ALA T 11 2.34 -33.90 19.28
N LEU T 12 1.91 -34.34 18.09
CA LEU T 12 0.51 -34.70 17.88
C LEU T 12 0.12 -35.99 18.59
N LYS T 13 1.03 -36.58 19.37
CA LYS T 13 0.72 -37.64 20.31
C LYS T 13 -0.60 -37.46 21.07
N ASP T 14 -0.79 -36.31 21.76
CA ASP T 14 -1.80 -36.28 22.82
C ASP T 14 -2.44 -34.90 23.05
N PRO T 15 -3.72 -34.72 22.73
CA PRO T 15 -4.46 -33.49 23.04
C PRO T 15 -5.25 -33.53 24.33
N ASP T 16 -4.96 -34.49 25.20
CA ASP T 16 -5.15 -34.30 26.62
C ASP T 16 -3.82 -34.07 27.31
N TRP T 17 -2.72 -34.24 26.58
CA TRP T 17 -1.51 -33.53 26.91
C TRP T 17 -1.54 -32.10 26.36
N TYR T 18 -2.40 -31.83 25.38
CA TYR T 18 -2.44 -30.55 24.68
C TYR T 18 -1.12 -30.23 24.00
N VAL T 19 -0.28 -31.22 23.84
CA VAL T 19 0.96 -31.11 23.12
C VAL T 19 0.69 -31.31 21.66
N ARG T 20 -0.31 -32.15 21.40
CA ARG T 20 -1.03 -32.10 20.14
C ARG T 20 -1.72 -30.75 19.97
N LYS T 21 -2.54 -30.37 20.94
CA LYS T 21 -3.28 -29.11 20.83
C LYS T 21 -2.34 -27.95 20.58
N ALA T 22 -1.26 -27.89 21.36
CA ALA T 22 -0.22 -26.90 21.09
C ALA T 22 0.44 -27.15 19.76
N ALA T 23 0.57 -28.42 19.36
CA ALA T 23 1.12 -28.70 18.04
C ALA T 23 0.15 -28.25 16.96
N ALA T 24 -1.14 -28.57 17.13
CA ALA T 24 -2.15 -28.12 16.20
C ALA T 24 -2.21 -26.61 16.18
N GLU T 25 -2.02 -25.99 17.34
CA GLU T 25 -1.87 -24.54 17.40
C GLU T 25 -0.63 -24.11 16.61
N ALA T 26 0.48 -24.81 16.82
CA ALA T 26 1.70 -24.48 16.09
C ALA T 26 1.53 -24.72 14.61
N LEU T 27 0.82 -25.80 14.26
CA LEU T 27 0.42 -25.98 12.88
C LEU T 27 -0.67 -25.00 12.50
N GLY T 28 -1.42 -24.50 13.48
CA GLY T 28 -2.30 -23.37 13.26
C GLY T 28 -1.55 -22.08 12.98
N ARG T 29 -0.22 -22.09 13.13
CA ARG T 29 0.66 -21.08 12.59
C ARG T 29 1.47 -21.61 11.42
N ILE T 30 1.77 -22.91 11.45
CA ILE T 30 2.69 -23.52 10.50
C ILE T 30 1.91 -24.56 9.71
N ASP U 1 9.55 -24.94 3.74
CA ASP U 1 10.34 -26.13 3.45
C ASP U 1 9.54 -27.23 2.84
N GLU U 2 10.17 -27.81 1.83
CA GLU U 2 9.51 -28.76 0.95
C GLU U 2 9.46 -30.16 1.56
N ARG U 3 10.59 -30.65 2.09
CA ARG U 3 10.55 -31.90 2.84
C ARG U 3 9.53 -31.85 3.95
N ALA U 4 9.44 -30.71 4.62
CA ALA U 4 8.41 -30.54 5.63
C ALA U 4 7.04 -30.74 5.00
N VAL U 5 6.81 -30.19 3.81
CA VAL U 5 5.57 -30.46 3.08
C VAL U 5 5.43 -31.96 2.83
N GLU U 6 6.50 -32.60 2.35
CA GLU U 6 6.46 -34.04 2.10
C GLU U 6 6.08 -34.81 3.37
N ALA U 7 6.66 -34.42 4.50
CA ALA U 7 6.28 -35.03 5.77
C ALA U 7 4.82 -34.73 6.09
N LEU U 8 4.37 -33.51 5.80
CA LEU U 8 2.98 -33.16 6.05
C LEU U 8 2.04 -33.95 5.13
N ILE U 9 2.50 -34.26 3.91
CA ILE U 9 1.74 -35.15 3.06
C ILE U 9 1.71 -36.55 3.68
N LYS U 10 2.83 -36.98 4.24
CA LYS U 10 2.82 -38.23 4.98
C LYS U 10 1.95 -38.11 6.22
N ALA U 11 1.85 -36.91 6.77
CA ALA U 11 0.90 -36.68 7.84
C ALA U 11 -0.52 -36.71 7.32
N LEU U 12 -0.72 -36.37 6.03
CA LEU U 12 -2.01 -36.64 5.39
C LEU U 12 -2.19 -38.12 5.08
N LYS U 13 -1.12 -38.91 5.13
CA LYS U 13 -1.21 -40.36 5.09
C LYS U 13 -1.18 -40.98 6.50
N ASP U 14 -1.27 -40.18 7.55
CA ASP U 14 -1.13 -40.68 8.91
C ASP U 14 -2.40 -41.40 9.36
N PRO U 15 -2.33 -42.72 9.75
CA PRO U 15 -3.55 -43.50 10.06
C PRO U 15 -4.56 -42.80 10.95
N ASP U 16 -4.07 -41.96 11.85
CA ASP U 16 -4.93 -41.12 12.65
C ASP U 16 -5.41 -39.95 11.78
N TRP U 17 -6.66 -40.01 11.31
CA TRP U 17 -7.21 -38.93 10.49
C TRP U 17 -7.27 -37.62 11.24
N TYR U 18 -7.21 -37.69 12.56
CA TYR U 18 -6.94 -36.49 13.32
C TYR U 18 -5.69 -35.80 12.79
N VAL U 19 -4.61 -36.56 12.56
CA VAL U 19 -3.36 -35.95 12.10
C VAL U 19 -3.54 -35.34 10.73
N ARG U 20 -4.16 -36.10 9.84
CA ARG U 20 -4.44 -35.64 8.49
C ARG U 20 -5.13 -34.28 8.51
N LYS U 21 -6.09 -34.13 9.41
CA LYS U 21 -6.76 -32.85 9.61
C LYS U 21 -5.76 -31.78 10.00
N ALA U 22 -4.94 -32.06 11.01
CA ALA U 22 -3.91 -31.11 11.43
C ALA U 22 -2.91 -30.87 10.31
N ALA U 23 -2.56 -31.92 9.58
CA ALA U 23 -1.61 -31.79 8.47
C ALA U 23 -2.16 -30.90 7.39
N ALA U 24 -3.41 -31.15 6.97
CA ALA U 24 -4.06 -30.29 5.99
C ALA U 24 -4.09 -28.86 6.47
N GLU U 25 -4.43 -28.66 7.75
CA GLU U 25 -4.46 -27.34 8.32
C GLU U 25 -3.08 -26.68 8.24
N ALA U 26 -2.05 -27.43 8.60
CA ALA U 26 -0.68 -26.92 8.49
C ALA U 26 -0.36 -26.55 7.05
N LEU U 27 -0.77 -27.40 6.12
CA LEU U 27 -0.56 -27.09 4.71
C LEU U 27 -1.43 -25.91 4.28
N GLY U 28 -2.53 -25.67 4.98
CA GLY U 28 -3.26 -24.44 4.76
C GLY U 28 -2.44 -23.22 5.07
N ARG U 29 -1.74 -23.23 6.21
CA ARG U 29 -0.82 -22.15 6.53
C ARG U 29 0.23 -22.01 5.45
N ILE U 30 0.69 -23.13 4.91
CA ILE U 30 1.70 -23.16 3.87
C ILE U 30 1.00 -23.22 2.52
N ASP V 1 6.10 -30.42 -2.04
CA ASP V 1 5.70 -29.23 -2.77
C ASP V 1 4.17 -29.14 -2.89
N GLU V 2 3.67 -28.35 -3.84
CA GLU V 2 2.25 -28.15 -4.04
C GLU V 2 1.47 -29.41 -4.44
N ARG V 3 2.17 -30.54 -4.64
CA ARG V 3 1.48 -31.82 -4.74
C ARG V 3 0.63 -32.09 -3.52
N ALA V 4 0.98 -31.46 -2.39
CA ALA V 4 0.13 -31.32 -1.22
C ALA V 4 -1.31 -30.98 -1.60
N VAL V 5 -1.49 -30.11 -2.60
CA VAL V 5 -2.83 -29.79 -3.08
C VAL V 5 -3.56 -31.06 -3.49
N GLU V 6 -2.92 -31.86 -4.34
CA GLU V 6 -3.54 -33.11 -4.75
C GLU V 6 -3.71 -34.04 -3.56
N ALA V 7 -2.85 -33.92 -2.56
CA ALA V 7 -3.09 -34.62 -1.30
C ALA V 7 -4.26 -33.99 -0.57
N LEU V 8 -4.46 -32.68 -0.70
CA LEU V 8 -5.67 -32.09 -0.16
C LEU V 8 -6.89 -32.64 -0.86
N ILE V 9 -6.80 -32.88 -2.18
CA ILE V 9 -7.91 -33.47 -2.92
C ILE V 9 -8.25 -34.84 -2.37
N LYS V 10 -7.25 -35.62 -2.02
CA LYS V 10 -7.52 -36.88 -1.34
C LYS V 10 -7.98 -36.65 0.07
N ALA V 11 -7.48 -35.59 0.71
CA ALA V 11 -7.98 -35.19 2.01
C ALA V 11 -9.42 -34.72 1.95
N LEU V 12 -9.91 -34.40 0.76
CA LEU V 12 -11.33 -34.08 0.58
C LEU V 12 -12.23 -35.30 0.72
N LYS V 13 -11.66 -36.47 1.04
CA LYS V 13 -12.40 -37.65 1.47
C LYS V 13 -13.58 -37.36 2.40
N ASP V 14 -13.35 -36.65 3.54
CA ASP V 14 -14.33 -36.73 4.63
C ASP V 14 -14.40 -35.47 5.51
N PRO V 15 -15.50 -34.71 5.45
CA PRO V 15 -15.72 -33.56 6.36
C PRO V 15 -16.53 -33.89 7.60
N ASP V 16 -16.68 -35.16 7.92
CA ASP V 16 -16.85 -35.57 9.30
C ASP V 16 -15.57 -36.18 9.85
N TRP V 17 -14.59 -36.40 8.98
CA TRP V 17 -13.21 -36.39 9.42
C TRP V 17 -12.67 -34.98 9.55
N TYR V 18 -13.30 -34.01 8.90
CA TYR V 18 -12.81 -32.64 8.83
C TYR V 18 -11.44 -32.54 8.19
N VAL V 19 -11.04 -33.61 7.51
CA VAL V 19 -9.81 -33.64 6.76
C VAL V 19 -10.06 -33.05 5.40
N ARG V 20 -11.29 -33.27 4.93
CA ARG V 20 -11.87 -32.39 3.92
C ARG V 20 -11.98 -30.97 4.43
N LYS V 21 -12.64 -30.78 5.58
CA LYS V 21 -12.84 -29.45 6.12
C LYS V 21 -11.51 -28.73 6.27
N ALA V 22 -10.53 -29.41 6.85
CA ALA V 22 -9.19 -28.86 6.91
C ALA V 22 -8.61 -28.72 5.51
N ALA V 23 -8.95 -29.63 4.60
CA ALA V 23 -8.49 -29.47 3.23
C ALA V 23 -9.15 -28.27 2.58
N ALA V 24 -10.47 -28.14 2.76
CA ALA V 24 -11.18 -26.98 2.24
C ALA V 24 -10.65 -25.71 2.89
N GLU V 25 -10.30 -25.80 4.17
CA GLU V 25 -9.60 -24.69 4.81
C GLU V 25 -8.26 -24.44 4.15
N ALA V 26 -7.51 -25.51 3.89
CA ALA V 26 -6.22 -25.36 3.22
C ALA V 26 -6.41 -24.84 1.81
N LEU V 27 -7.45 -25.30 1.13
CA LEU V 27 -7.82 -24.70 -0.14
C LEU V 27 -8.43 -23.32 0.09
N GLY V 28 -8.98 -23.08 1.28
CA GLY V 28 -9.35 -21.73 1.68
C GLY V 28 -8.14 -20.84 1.89
N ARG V 29 -6.94 -21.39 1.84
CA ARG V 29 -5.70 -20.65 1.68
C ARG V 29 -5.10 -20.86 0.30
N ILE V 30 -5.31 -22.04 -0.27
CA ILE V 30 -4.66 -22.45 -1.50
C ILE V 30 -5.73 -22.67 -2.54
N ASP W 1 1.16 -23.23 -9.41
CA ASP W 1 1.42 -24.38 -10.25
C ASP W 1 0.29 -24.71 -11.17
N GLU W 2 0.68 -24.99 -12.40
CA GLU W 2 -0.24 -25.14 -13.51
C GLU W 2 -0.89 -26.52 -13.53
N ARG W 3 -0.09 -27.58 -13.39
CA ARG W 3 -0.67 -28.91 -13.23
C ARG W 3 -1.64 -28.95 -12.08
N ALA W 4 -1.31 -28.27 -10.99
CA ALA W 4 -2.25 -28.16 -9.89
C ALA W 4 -3.54 -27.53 -10.36
N VAL W 5 -3.46 -26.48 -11.19
CA VAL W 5 -4.65 -25.92 -11.80
C VAL W 5 -5.37 -26.98 -12.63
N GLU W 6 -4.63 -27.71 -13.46
CA GLU W 6 -5.23 -28.76 -14.27
C GLU W 6 -5.95 -29.78 -13.40
N ALA W 7 -5.33 -30.18 -12.29
CA ALA W 7 -6.00 -31.06 -11.35
C ALA W 7 -7.24 -30.39 -10.76
N LEU W 8 -7.14 -29.11 -10.46
CA LEU W 8 -8.29 -28.39 -9.92
C LEU W 8 -9.39 -28.28 -10.96
N ILE W 9 -9.03 -28.19 -12.23
CA ILE W 9 -10.04 -28.25 -13.29
C ILE W 9 -10.67 -29.65 -13.30
N LYS W 10 -9.85 -30.68 -13.11
CA LYS W 10 -10.41 -32.01 -12.95
C LYS W 10 -11.23 -32.10 -11.68
N ALA W 11 -10.86 -31.32 -10.67
CA ALA W 11 -11.70 -31.23 -9.50
C ALA W 11 -12.99 -30.47 -9.81
N LEU W 12 -12.96 -29.57 -10.80
CA LEU W 12 -14.20 -29.02 -11.33
C LEU W 12 -14.95 -30.02 -12.20
N LYS W 13 -14.29 -31.10 -12.62
CA LYS W 13 -14.94 -32.24 -13.23
C LYS W 13 -15.24 -33.36 -12.23
N ASP W 14 -15.08 -33.12 -10.94
CA ASP W 14 -15.22 -34.16 -9.94
C ASP W 14 -16.69 -34.46 -9.67
N PRO W 15 -17.21 -35.73 -9.88
CA PRO W 15 -18.64 -36.02 -9.76
C PRO W 15 -19.34 -35.45 -8.55
N ASP W 16 -18.60 -35.34 -7.46
CA ASP W 16 -19.10 -34.65 -6.28
C ASP W 16 -19.02 -33.14 -6.52
N TRP W 17 -20.16 -32.51 -6.81
CA TRP W 17 -20.17 -31.07 -7.03
C TRP W 17 -19.75 -30.29 -5.81
N TYR W 18 -19.80 -30.92 -4.66
CA TYR W 18 -19.12 -30.37 -3.51
C TYR W 18 -17.66 -30.08 -3.85
N VAL W 19 -16.96 -31.01 -4.51
CA VAL W 19 -15.55 -30.80 -4.82
C VAL W 19 -15.39 -29.65 -5.78
N ARG W 20 -16.22 -29.65 -6.83
CA ARG W 20 -16.21 -28.58 -7.83
C ARG W 20 -16.29 -27.22 -7.16
N LYS W 21 -17.16 -27.11 -6.16
CA LYS W 21 -17.26 -25.90 -5.37
C LYS W 21 -15.94 -25.57 -4.70
N ALA W 22 -15.36 -26.55 -4.00
CA ALA W 22 -14.07 -26.35 -3.37
C ALA W 22 -13.00 -26.06 -4.40
N ALA W 23 -13.05 -26.75 -5.54
CA ALA W 23 -12.07 -26.54 -6.60
C ALA W 23 -12.15 -25.12 -7.13
N ALA W 24 -13.36 -24.67 -7.45
CA ALA W 24 -13.56 -23.30 -7.91
C ALA W 24 -13.03 -22.31 -6.88
N GLU W 25 -13.35 -22.57 -5.61
CA GLU W 25 -12.87 -21.73 -4.53
C GLU W 25 -11.35 -21.68 -4.51
N ALA W 26 -10.71 -22.86 -4.62
CA ALA W 26 -9.26 -22.92 -4.68
C ALA W 26 -8.73 -22.13 -5.86
N LEU W 27 -9.40 -22.25 -7.01
CA LEU W 27 -9.00 -21.49 -8.18
C LEU W 27 -9.29 -20.01 -7.96
N GLY W 28 -10.25 -19.69 -7.10
CA GLY W 28 -10.41 -18.29 -6.70
C GLY W 28 -9.18 -17.75 -6.02
N ARG W 29 -8.61 -18.51 -5.08
CA ARG W 29 -7.36 -18.14 -4.45
C ARG W 29 -6.28 -17.95 -5.50
N ILE W 30 -6.28 -18.82 -6.51
CA ILE W 30 -5.30 -18.78 -7.58
C ILE W 30 -5.90 -17.99 -8.73
N ASP X 1 -3.86 -23.90 -16.47
CA ASP X 1 -3.70 -22.46 -16.58
C ASP X 1 -5.05 -21.74 -16.46
N GLU X 2 -5.14 -20.50 -16.93
CA GLU X 2 -6.35 -19.69 -16.85
C GLU X 2 -7.54 -20.25 -17.64
N ARG X 3 -7.34 -21.36 -18.37
CA ARG X 3 -8.48 -22.09 -18.90
C ARG X 3 -9.43 -22.51 -17.80
N ALA X 4 -8.94 -22.61 -16.58
CA ALA X 4 -9.72 -22.66 -15.35
C ALA X 4 -10.88 -21.67 -15.38
N VAL X 5 -10.64 -20.46 -15.89
CA VAL X 5 -11.71 -19.47 -16.03
C VAL X 5 -12.85 -20.06 -16.84
N GLU X 6 -12.54 -20.60 -18.01
CA GLU X 6 -13.59 -21.20 -18.82
C GLU X 6 -14.18 -22.41 -18.13
N ALA X 7 -13.40 -23.07 -17.28
CA ALA X 7 -13.98 -24.08 -16.40
C ALA X 7 -14.84 -23.43 -15.33
N LEU X 8 -14.49 -22.23 -14.88
CA LEU X 8 -15.39 -21.51 -13.99
C LEU X 8 -16.69 -21.19 -14.71
N ILE X 9 -16.62 -20.86 -16.01
CA ILE X 9 -17.83 -20.58 -16.78
C ILE X 9 -18.73 -21.81 -16.81
N LYS X 10 -18.14 -22.99 -16.93
CA LYS X 10 -18.94 -24.20 -16.83
C LYS X 10 -19.35 -24.44 -15.38
N ALA X 11 -18.51 -24.04 -14.44
CA ALA X 11 -18.87 -24.09 -13.03
C ALA X 11 -19.99 -23.11 -12.71
N LEU X 12 -20.24 -22.14 -13.60
CA LEU X 12 -21.40 -21.27 -13.45
C LEU X 12 -22.73 -21.98 -13.72
N LYS X 13 -22.69 -23.28 -13.98
CA LYS X 13 -23.87 -24.15 -13.99
C LYS X 13 -24.89 -23.85 -12.89
N ASP X 14 -24.46 -23.85 -11.61
CA ASP X 14 -25.44 -24.00 -10.53
C ASP X 14 -25.06 -23.32 -9.20
N PRO X 15 -25.75 -22.25 -8.79
CA PRO X 15 -25.55 -21.62 -7.49
C PRO X 15 -26.50 -22.10 -6.40
N ASP X 16 -27.16 -23.23 -6.61
CA ASP X 16 -27.57 -24.08 -5.52
C ASP X 16 -26.68 -25.30 -5.44
N TRP X 17 -25.81 -25.49 -6.44
CA TRP X 17 -24.57 -26.21 -6.21
C TRP X 17 -23.52 -25.32 -5.58
N TYR X 18 -23.67 -24.00 -5.68
CA TYR X 18 -22.67 -23.04 -5.23
C TYR X 18 -21.34 -23.23 -5.94
N VAL X 19 -21.36 -23.96 -7.04
CA VAL X 19 -20.20 -24.13 -7.89
C VAL X 19 -20.12 -22.97 -8.84
N ARG X 20 -21.30 -22.47 -9.19
CA ARG X 20 -21.42 -21.11 -9.67
C ARG X 20 -20.98 -20.12 -8.61
N LYS X 21 -21.57 -20.21 -7.42
CA LYS X 21 -21.24 -19.26 -6.35
C LYS X 21 -19.75 -19.26 -6.08
N ALA X 22 -19.17 -20.44 -5.97
CA ALA X 22 -17.73 -20.53 -5.85
C ALA X 22 -17.05 -20.05 -7.12
N ALA X 23 -17.68 -20.27 -8.28
CA ALA X 23 -17.11 -19.72 -9.51
C ALA X 23 -17.20 -18.22 -9.52
N ALA X 24 -18.35 -17.68 -9.14
CA ALA X 24 -18.51 -16.24 -9.03
C ALA X 24 -17.56 -15.67 -7.99
N GLU X 25 -17.34 -16.44 -6.91
CA GLU X 25 -16.31 -16.07 -5.96
C GLU X 25 -14.94 -16.11 -6.63
N ALA X 26 -14.67 -17.16 -7.40
CA ALA X 26 -13.39 -17.25 -8.09
C ALA X 26 -13.26 -16.15 -9.12
N LEU X 27 -14.35 -15.84 -9.81
CA LEU X 27 -14.38 -14.66 -10.65
C LEU X 27 -14.41 -13.39 -9.81
N GLY X 28 -14.88 -13.49 -8.56
CA GLY X 28 -14.69 -12.42 -7.60
C GLY X 28 -13.25 -12.24 -7.19
N ARG X 29 -12.37 -13.14 -7.60
CA ARG X 29 -10.93 -12.93 -7.60
C ARG X 29 -10.39 -12.75 -9.01
N ILE X 30 -11.03 -13.39 -9.98
CA ILE X 30 -10.51 -13.46 -11.34
C ILE X 30 -11.52 -12.77 -12.24
N ASP Y 1 -4.81 -13.32 -19.69
CA ASP Y 1 -5.00 -14.03 -20.95
C ASP Y 1 -6.15 -13.50 -21.75
N GLU Y 2 -5.86 -13.37 -23.03
CA GLU Y 2 -6.72 -12.69 -23.98
C GLU Y 2 -7.87 -13.58 -24.45
N ARG Y 3 -7.57 -14.82 -24.85
CA ARG Y 3 -8.63 -15.78 -25.14
C ARG Y 3 -9.59 -15.91 -23.97
N ALA Y 4 -9.04 -15.92 -22.76
CA ALA Y 4 -9.89 -15.93 -21.59
C ALA Y 4 -10.81 -14.71 -21.60
N VAL Y 5 -10.28 -13.55 -21.95
CA VAL Y 5 -11.13 -12.37 -22.12
C VAL Y 5 -12.18 -12.62 -23.18
N GLU Y 6 -11.77 -13.18 -24.33
CA GLU Y 6 -12.71 -13.48 -25.40
C GLU Y 6 -13.82 -14.41 -24.92
N ALA Y 7 -13.45 -15.44 -24.14
CA ALA Y 7 -14.45 -16.30 -23.54
C ALA Y 7 -15.34 -15.52 -22.58
N LEU Y 8 -14.74 -14.62 -21.80
CA LEU Y 8 -15.51 -13.81 -20.87
C LEU Y 8 -16.45 -12.88 -21.63
N ILE Y 9 -16.03 -12.40 -22.81
CA ILE Y 9 -16.95 -11.65 -23.65
C ILE Y 9 -18.07 -12.55 -24.12
N LYS Y 10 -17.75 -13.79 -24.47
CA LYS Y 10 -18.80 -14.76 -24.77
C LYS Y 10 -19.63 -15.05 -23.53
N ALA Y 11 -19.02 -14.95 -22.35
CA ALA Y 11 -19.80 -15.04 -21.14
C ALA Y 11 -20.66 -13.80 -20.95
N LEU Y 12 -20.23 -12.66 -21.51
CA LEU Y 12 -21.13 -11.50 -21.61
C LEU Y 12 -22.19 -11.70 -22.68
N LYS Y 13 -22.00 -12.67 -23.57
CA LYS Y 13 -23.04 -13.11 -24.49
C LYS Y 13 -23.80 -14.33 -23.97
N ASP Y 14 -23.59 -14.73 -22.74
CA ASP Y 14 -24.18 -15.96 -22.21
C ASP Y 14 -25.66 -15.75 -21.87
N PRO Y 15 -26.63 -16.54 -22.49
CA PRO Y 15 -28.06 -16.28 -22.30
C PRO Y 15 -28.51 -16.04 -20.87
N ASP Y 16 -27.82 -16.67 -19.94
CA ASP Y 16 -28.04 -16.40 -18.53
C ASP Y 16 -27.36 -15.08 -18.17
N TRP Y 17 -28.14 -14.00 -18.04
CA TRP Y 17 -27.56 -12.71 -17.68
C TRP Y 17 -26.91 -12.73 -16.32
N TYR Y 18 -27.24 -13.72 -15.50
CA TYR Y 18 -26.44 -14.00 -14.33
C TYR Y 18 -24.98 -14.15 -14.74
N VAL Y 19 -24.70 -14.92 -15.78
CA VAL Y 19 -23.31 -15.16 -16.19
C VAL Y 19 -22.67 -13.87 -16.64
N ARG Y 20 -23.39 -13.12 -17.47
CA ARG Y 20 -22.91 -11.83 -17.96
C ARG Y 20 -22.47 -10.95 -16.81
N LYS Y 21 -23.25 -10.94 -15.74
CA LYS Y 21 -22.89 -10.21 -14.53
C LYS Y 21 -21.57 -10.73 -13.98
N ALA Y 22 -21.46 -12.04 -13.81
CA ALA Y 22 -20.22 -12.63 -13.32
C ALA Y 22 -19.08 -12.37 -14.30
N ALA Y 23 -19.37 -12.46 -15.60
CA ALA Y 23 -18.35 -12.22 -16.61
C ALA Y 23 -17.83 -10.79 -16.54
N ALA Y 24 -18.75 -9.82 -16.49
CA ALA Y 24 -18.36 -8.43 -16.34
C ALA Y 24 -17.52 -8.24 -15.09
N GLU Y 25 -17.96 -8.85 -13.99
CA GLU Y 25 -17.23 -8.78 -12.74
C GLU Y 25 -15.81 -9.33 -12.91
N ALA Y 26 -15.69 -10.49 -13.56
CA ALA Y 26 -14.39 -11.07 -13.83
C ALA Y 26 -13.55 -10.13 -14.68
N LEU Y 27 -14.17 -9.51 -15.68
CA LEU Y 27 -13.46 -8.54 -16.49
C LEU Y 27 -13.13 -7.29 -15.69
N GLY Y 28 -13.91 -7.03 -14.65
CA GLY Y 28 -13.52 -5.98 -13.72
C GLY Y 28 -12.20 -6.27 -13.05
N ARG Y 29 -12.02 -7.51 -12.57
CA ARG Y 29 -10.74 -7.93 -12.02
C ARG Y 29 -9.64 -7.75 -13.06
N ILE Y 30 -9.95 -8.05 -14.31
CA ILE Y 30 -9.01 -7.95 -15.41
C ILE Y 30 -9.19 -6.60 -16.06
N ASP Z 1 -9.43 -9.07 -25.68
CA ASP Z 1 -8.70 -7.89 -25.26
C ASP Z 1 -9.66 -6.84 -24.68
N GLU Z 2 -9.22 -5.58 -24.62
CA GLU Z 2 -10.01 -4.49 -24.05
C GLU Z 2 -11.29 -4.17 -24.82
N ARG Z 3 -11.54 -4.87 -25.95
CA ARG Z 3 -12.85 -4.82 -26.57
C ARG Z 3 -13.94 -5.25 -25.60
N ALA Z 4 -13.56 -6.04 -24.60
CA ALA Z 4 -14.34 -6.28 -23.40
C ALA Z 4 -15.00 -5.01 -22.87
N VAL Z 5 -14.27 -3.89 -22.90
CA VAL Z 5 -14.85 -2.61 -22.49
C VAL Z 5 -16.10 -2.32 -23.31
N GLU Z 6 -16.00 -2.41 -24.62
CA GLU Z 6 -17.17 -2.18 -25.46
C GLU Z 6 -18.23 -3.24 -25.21
N ALA Z 7 -17.80 -4.43 -24.80
CA ALA Z 7 -18.77 -5.41 -24.31
C ALA Z 7 -19.34 -4.99 -22.97
N LEU Z 8 -18.54 -4.31 -22.14
CA LEU Z 8 -19.11 -3.74 -20.93
C LEU Z 8 -20.15 -2.68 -21.28
N ILE Z 9 -19.91 -1.91 -22.35
CA ILE Z 9 -20.87 -0.90 -22.77
C ILE Z 9 -22.19 -1.56 -23.16
N LYS Z 10 -22.12 -2.71 -23.81
CA LYS Z 10 -23.34 -3.46 -24.07
C LYS Z 10 -23.87 -4.09 -22.80
N ALA Z 11 -22.96 -4.47 -21.90
CA ALA Z 11 -23.37 -4.94 -20.58
C ALA Z 11 -24.01 -3.84 -19.77
N LEU Z 12 -23.83 -2.58 -20.16
CA LEU Z 12 -24.54 -1.49 -19.52
C LEU Z 12 -26.02 -1.46 -19.86
N LYS Z 13 -26.51 -2.44 -20.61
CA LYS Z 13 -27.94 -2.71 -20.80
C LYS Z 13 -28.78 -2.53 -19.53
N ASP Z 14 -28.43 -3.23 -18.43
CA ASP Z 14 -29.44 -3.42 -17.38
C ASP Z 14 -28.86 -3.55 -15.95
N PRO Z 15 -29.07 -2.56 -15.07
CA PRO Z 15 -28.68 -2.67 -13.65
C PRO Z 15 -29.78 -3.15 -12.73
N ASP Z 16 -30.83 -3.74 -13.28
CA ASP Z 16 -31.59 -4.75 -12.56
C ASP Z 16 -31.26 -6.13 -13.08
N TRP Z 17 -30.51 -6.20 -14.18
CA TRP Z 17 -29.67 -7.37 -14.43
C TRP Z 17 -28.38 -7.28 -13.64
N TYR Z 18 -27.98 -6.09 -13.20
CA TYR Z 18 -26.69 -5.86 -12.56
C TYR Z 18 -25.52 -6.22 -13.45
N VAL Z 19 -25.79 -6.37 -14.74
CA VAL Z 19 -24.78 -6.61 -15.74
C VAL Z 19 -24.20 -5.29 -16.17
N ARG Z 20 -25.07 -4.27 -16.12
CA ARG Z 20 -24.62 -2.90 -16.02
C ARG Z 20 -23.86 -2.69 -14.72
N LYS Z 21 -24.48 -3.03 -13.59
CA LYS Z 21 -23.83 -2.80 -12.30
C LYS Z 21 -22.48 -3.48 -12.26
N ALA Z 22 -22.41 -4.74 -12.69
CA ALA Z 22 -21.14 -5.40 -12.83
C ALA Z 22 -20.28 -4.74 -13.88
N ALA Z 23 -20.91 -4.21 -14.93
CA ALA Z 23 -20.13 -3.47 -15.92
C ALA Z 23 -19.60 -2.16 -15.32
N ALA Z 24 -20.45 -1.44 -14.61
CA ALA Z 24 -20.02 -0.23 -13.93
C ALA Z 24 -18.97 -0.56 -12.88
N GLU Z 25 -19.11 -1.72 -12.24
CA GLU Z 25 -18.05 -2.20 -11.37
C GLU Z 25 -16.78 -2.47 -12.18
N ALA Z 26 -16.93 -3.13 -13.33
CA ALA Z 26 -15.78 -3.40 -14.16
C ALA Z 26 -15.18 -2.11 -14.70
N LEU Z 27 -16.03 -1.15 -15.04
CA LEU Z 27 -15.55 0.18 -15.35
C LEU Z 27 -15.10 0.89 -14.08
N GLY Z 28 -15.61 0.48 -12.93
CA GLY Z 28 -15.04 0.90 -11.65
C GLY Z 28 -13.66 0.33 -11.40
N ARG Z 29 -13.20 -0.59 -12.26
CA ARG Z 29 -11.81 -0.96 -12.37
C ARG Z 29 -11.18 -0.43 -13.65
N ILE Z 30 -11.99 -0.32 -14.70
CA ILE Z 30 -11.51 -0.01 -16.03
C ILE Z 30 -12.12 1.31 -16.45
N ASP AA 1 -5.91 1.75 -23.70
CA ASP AA 1 -6.27 1.79 -25.11
C ASP AA 1 -7.03 3.01 -25.50
N GLU AA 2 -6.60 3.53 -26.64
CA GLU AA 2 -7.05 4.83 -27.11
C GLU AA 2 -8.41 4.76 -27.80
N ARG AA 3 -8.60 3.79 -28.70
CA ARG AA 3 -9.93 3.57 -29.26
C ARG AA 3 -10.94 3.34 -28.17
N ALA AA 4 -10.55 2.60 -27.12
CA ALA AA 4 -11.44 2.44 -25.98
C ALA AA 4 -11.79 3.79 -25.40
N VAL AA 5 -10.80 4.69 -25.28
CA VAL AA 5 -11.10 6.06 -24.85
C VAL AA 5 -12.07 6.71 -25.82
N GLU AA 6 -11.82 6.57 -27.13
CA GLU AA 6 -12.71 7.15 -28.12
C GLU AA 6 -14.13 6.62 -27.96
N ALA AA 7 -14.27 5.32 -27.72
CA ALA AA 7 -15.58 4.76 -27.44
C ALA AA 7 -16.16 5.32 -26.15
N LEU AA 8 -15.31 5.51 -25.14
CA LEU AA 8 -15.77 6.08 -23.88
C LEU AA 8 -16.19 7.53 -24.07
N ILE AA 9 -15.53 8.25 -24.99
CA ILE AA 9 -15.99 9.59 -25.34
C ILE AA 9 -17.34 9.49 -26.03
N LYS AA 10 -17.52 8.50 -26.90
CA LYS AA 10 -18.83 8.26 -27.46
C LYS AA 10 -19.81 7.82 -26.39
N ALA AA 11 -19.30 7.16 -25.34
CA ALA AA 11 -20.16 6.88 -24.19
C ALA AA 11 -20.46 8.15 -23.42
N LEU AA 12 -19.57 9.16 -23.50
CA LEU AA 12 -19.92 10.49 -23.01
C LEU AA 12 -20.88 11.20 -23.96
N LYS AA 13 -21.02 10.72 -25.18
CA LYS AA 13 -22.07 11.15 -26.09
C LYS AA 13 -23.29 10.24 -26.06
N ASP AA 14 -23.37 9.31 -25.12
CA ASP AA 14 -24.44 8.31 -25.10
C ASP AA 14 -25.73 8.93 -24.57
N PRO AA 15 -26.87 8.94 -25.35
CA PRO AA 15 -28.11 9.63 -24.93
C PRO AA 15 -28.53 9.41 -23.50
N ASP AA 16 -28.24 8.22 -22.98
CA ASP AA 16 -28.45 7.93 -21.58
C ASP AA 16 -27.32 8.58 -20.77
N TRP AA 17 -27.62 9.71 -20.11
CA TRP AA 17 -26.60 10.39 -19.31
C TRP AA 17 -26.12 9.54 -18.17
N TYR AA 18 -26.89 8.52 -17.81
CA TYR AA 18 -26.36 7.48 -16.95
C TYR AA 18 -25.06 6.94 -17.53
N VAL AA 19 -25.02 6.65 -18.83
CA VAL AA 19 -23.82 6.08 -19.42
C VAL AA 19 -22.68 7.08 -19.36
N ARG AA 20 -22.97 8.32 -19.72
CA ARG AA 20 -21.98 9.38 -19.68
C ARG AA 20 -21.31 9.45 -18.31
N LYS AA 21 -22.11 9.31 -17.26
CA LYS AA 21 -21.59 9.25 -15.91
C LYS AA 21 -20.64 8.08 -15.75
N ALA AA 22 -21.08 6.89 -16.16
CA ALA AA 22 -20.22 5.71 -16.10
C ALA AA 22 -19.00 5.89 -16.98
N ALA AA 23 -19.19 6.48 -18.16
CA ALA AA 23 -18.08 6.70 -19.08
C ALA AA 23 -17.04 7.63 -18.47
N ALA AA 24 -17.50 8.76 -17.92
CA ALA AA 24 -16.60 9.68 -17.25
C ALA AA 24 -15.87 8.97 -16.12
N GLU AA 25 -16.60 8.18 -15.35
CA GLU AA 25 -16.00 7.42 -14.27
C GLU AA 25 -14.91 6.49 -14.80
N ALA AA 26 -15.22 5.77 -15.87
CA ALA AA 26 -14.24 4.90 -16.49
C ALA AA 26 -13.03 5.69 -16.95
N LEU AA 27 -13.26 6.86 -17.54
CA LEU AA 27 -12.16 7.71 -17.93
C LEU AA 27 -11.43 8.27 -16.72
N GLY AA 28 -12.11 8.35 -15.58
CA GLY AA 28 -11.41 8.65 -14.35
C GLY AA 28 -10.38 7.61 -14.00
N ARG AA 29 -10.75 6.33 -14.11
CA ARG AA 29 -9.79 5.25 -13.92
C ARG AA 29 -8.63 5.40 -14.89
N ILE AA 30 -8.93 5.81 -16.12
CA ILE AA 30 -7.95 5.98 -17.16
C ILE AA 30 -7.52 7.44 -17.17
N ASP BA 1 -7.93 9.58 -26.87
CA ASP BA 1 -6.83 10.07 -26.06
C ASP BA 1 -7.33 11.06 -25.00
N GLU BA 2 -6.43 11.89 -24.45
CA GLU BA 2 -6.76 12.86 -23.42
C GLU BA 2 -7.74 13.94 -23.85
N ARG BA 3 -8.15 13.95 -25.13
CA ARG BA 3 -9.28 14.77 -25.54
C ARG BA 3 -10.53 14.43 -24.73
N ALA BA 4 -10.57 13.21 -24.19
CA ALA BA 4 -11.49 12.82 -23.14
C ALA BA 4 -11.63 13.89 -22.05
N VAL BA 5 -10.51 14.54 -21.69
CA VAL BA 5 -10.56 15.64 -20.73
C VAL BA 5 -11.53 16.71 -21.21
N GLU BA 6 -11.35 17.16 -22.45
CA GLU BA 6 -12.26 18.16 -22.99
C GLU BA 6 -13.68 17.60 -23.10
N ALA BA 7 -13.80 16.29 -23.27
CA ALA BA 7 -15.11 15.67 -23.15
C ALA BA 7 -15.56 15.67 -21.70
N LEU BA 8 -14.64 15.56 -20.75
CA LEU BA 8 -15.03 15.74 -19.36
C LEU BA 8 -15.53 17.16 -19.13
N ILE BA 9 -14.91 18.15 -19.78
CA ILE BA 9 -15.35 19.53 -19.65
C ILE BA 9 -16.79 19.67 -20.13
N LYS BA 10 -17.13 18.99 -21.21
CA LYS BA 10 -18.52 18.97 -21.65
C LYS BA 10 -19.36 18.12 -20.71
N ALA BA 11 -18.76 17.08 -20.14
CA ALA BA 11 -19.43 16.29 -19.12
C ALA BA 11 -19.64 17.10 -17.84
N LEU BA 12 -18.94 18.22 -17.69
CA LEU BA 12 -19.20 19.13 -16.59
C LEU BA 12 -20.52 19.88 -16.73
N LYS BA 13 -21.29 19.59 -17.77
CA LYS BA 13 -22.68 20.01 -17.91
C LYS BA 13 -23.49 19.96 -16.61
N ASP BA 14 -23.54 18.78 -15.93
CA ASP BA 14 -24.62 18.58 -14.96
C ASP BA 14 -24.26 17.64 -13.79
N PRO BA 15 -24.14 18.15 -12.56
CA PRO BA 15 -23.94 17.33 -11.36
C PRO BA 15 -25.21 16.97 -10.63
N ASP BA 16 -26.36 17.13 -11.26
CA ASP BA 16 -27.50 16.31 -10.95
C ASP BA 16 -27.73 15.27 -12.03
N TRP BA 17 -26.98 15.39 -13.14
CA TRP BA 17 -26.66 14.20 -13.92
C TRP BA 17 -25.50 13.42 -13.32
N TYR BA 18 -24.70 14.06 -12.47
CA TYR BA 18 -23.48 13.46 -11.92
C TYR BA 18 -22.49 13.08 -12.99
N VAL BA 19 -22.69 13.62 -14.20
CA VAL BA 19 -21.78 13.45 -15.29
C VAL BA 19 -20.69 14.48 -15.18
N ARG BA 20 -21.08 15.63 -14.64
CA ARG BA 20 -20.14 16.53 -14.01
C ARG BA 20 -19.45 15.85 -12.83
N LYS BA 21 -20.25 15.34 -11.89
CA LYS BA 21 -19.68 14.72 -10.69
C LYS BA 21 -18.71 13.62 -11.07
N ALA BA 22 -19.12 12.76 -12.00
CA ALA BA 22 -18.22 11.76 -12.52
C ALA BA 22 -17.08 12.41 -13.29
N ALA BA 23 -17.35 13.54 -13.95
CA ALA BA 23 -16.26 14.25 -14.62
C ALA BA 23 -15.31 14.85 -13.59
N ALA BA 24 -15.86 15.48 -12.55
CA ALA BA 24 -15.04 16.00 -11.48
C ALA BA 24 -14.29 14.88 -10.78
N GLU BA 25 -14.94 13.71 -10.66
CA GLU BA 25 -14.23 12.53 -10.19
C GLU BA 25 -13.13 12.16 -11.16
N ALA BA 26 -13.43 12.17 -12.46
CA ALA BA 26 -12.41 11.84 -13.45
C ALA BA 26 -11.30 12.88 -13.45
N LEU BA 27 -11.67 14.15 -13.28
CA LEU BA 27 -10.68 15.18 -13.04
C LEU BA 27 -10.07 15.03 -11.65
N GLY BA 28 -10.81 14.41 -10.71
CA GLY BA 28 -10.23 13.99 -9.46
C GLY BA 28 -9.22 12.87 -9.61
N ARG BA 29 -9.09 12.32 -10.81
CA ARG BA 29 -7.96 11.50 -11.21
C ARG BA 29 -7.07 12.23 -12.21
N ILE BA 30 -7.67 13.08 -13.03
CA ILE BA 30 -7.00 13.71 -14.15
C ILE BA 30 -7.00 15.21 -13.92
N ASP CA 1 -0.74 16.14 -21.69
CA ASP CA 1 -1.01 16.90 -22.90
C ASP CA 1 -1.23 18.35 -22.64
N GLU CA 2 -0.59 19.12 -23.51
CA GLU CA 2 -0.47 20.56 -23.35
C GLU CA 2 -1.73 21.29 -23.81
N ARG CA 3 -2.25 20.94 -24.99
CA ARG CA 3 -3.54 21.48 -25.41
C ARG CA 3 -4.61 21.19 -24.38
N ALA CA 4 -4.57 20.00 -23.80
CA ALA CA 4 -5.48 19.69 -22.72
C ALA CA 4 -5.30 20.69 -21.58
N VAL CA 5 -4.06 21.02 -21.23
CA VAL CA 5 -3.81 22.07 -20.26
C VAL CA 5 -4.42 23.39 -20.74
N GLU CA 6 -4.20 23.74 -22.01
CA GLU CA 6 -4.76 24.98 -22.55
C GLU CA 6 -6.28 24.98 -22.42
N ALA CA 7 -6.92 23.85 -22.72
CA ALA CA 7 -8.36 23.74 -22.52
C ALA CA 7 -8.70 23.88 -21.05
N LEU CA 8 -7.89 23.28 -20.17
CA LEU CA 8 -8.14 23.39 -18.74
C LEU CA 8 -7.97 24.82 -18.26
N ILE CA 9 -7.04 25.56 -18.89
CA ILE CA 9 -6.94 26.99 -18.60
C ILE CA 9 -8.20 27.70 -19.07
N LYS CA 10 -8.71 27.30 -20.24
CA LYS CA 10 -10.00 27.83 -20.66
C LYS CA 10 -11.10 27.37 -19.74
N ALA CA 11 -10.94 26.19 -19.14
CA ALA CA 11 -11.86 25.78 -18.11
C ALA CA 11 -11.68 26.61 -16.85
N LEU CA 12 -10.46 27.15 -16.62
CA LEU CA 12 -10.30 28.17 -15.60
C LEU CA 12 -10.86 29.51 -16.03
N LYS CA 13 -11.13 29.69 -17.31
CA LYS CA 13 -11.90 30.82 -17.80
C LYS CA 13 -13.39 30.49 -17.99
N ASP CA 14 -13.85 29.35 -17.51
CA ASP CA 14 -15.22 28.91 -17.75
C ASP CA 14 -16.19 29.66 -16.84
N PRO CA 15 -17.21 30.42 -17.40
CA PRO CA 15 -18.09 31.26 -16.56
C PRO CA 15 -18.63 30.61 -15.31
N ASP CA 16 -18.84 29.32 -15.37
CA ASP CA 16 -19.19 28.54 -14.18
C ASP CA 16 -17.93 28.33 -13.34
N TRP CA 17 -17.79 29.09 -12.25
CA TRP CA 17 -16.63 28.93 -11.39
C TRP CA 17 -16.55 27.57 -10.76
N TYR CA 18 -17.67 26.85 -10.75
CA TYR CA 18 -17.61 25.43 -10.47
C TYR CA 18 -16.60 24.76 -11.38
N VAL CA 19 -16.62 25.07 -12.69
CA VAL CA 19 -15.72 24.41 -13.62
C VAL CA 19 -14.29 24.78 -13.31
N ARG CA 20 -14.05 26.07 -13.10
CA ARG CA 20 -12.74 26.58 -12.75
C ARG CA 20 -12.15 25.81 -11.59
N LYS CA 21 -12.97 25.54 -10.58
CA LYS CA 21 -12.57 24.71 -9.46
C LYS CA 21 -12.15 23.33 -9.93
N ALA CA 22 -13.00 22.68 -10.72
CA ALA CA 22 -12.67 21.37 -11.26
C ALA CA 22 -11.44 21.45 -12.15
N ALA CA 23 -11.34 22.51 -12.94
CA ALA CA 23 -10.20 22.68 -13.84
C ALA CA 23 -8.91 22.81 -13.05
N ALA CA 24 -8.91 23.68 -12.03
CA ALA CA 24 -7.75 23.82 -11.17
C ALA CA 24 -7.39 22.49 -10.54
N GLU CA 25 -8.40 21.76 -10.06
CA GLU CA 25 -8.17 20.46 -9.48
C GLU CA 25 -7.52 19.52 -10.48
N ALA CA 26 -8.05 19.50 -11.71
CA ALA CA 26 -7.45 18.68 -12.77
C ALA CA 26 -6.01 19.09 -13.01
N LEU CA 27 -5.75 20.40 -13.04
CA LEU CA 27 -4.39 20.87 -13.20
C LEU CA 27 -3.55 20.54 -11.98
N GLY CA 28 -4.19 20.37 -10.82
CA GLY CA 28 -3.47 19.84 -9.68
C GLY CA 28 -2.94 18.46 -9.93
N ARG CA 29 -3.77 17.58 -10.49
CA ARG CA 29 -3.31 16.27 -10.90
C ARG CA 29 -2.16 16.37 -11.88
N ILE CA 30 -2.23 17.34 -12.77
CA ILE CA 30 -1.21 17.58 -13.78
C ILE CA 30 -0.25 18.62 -13.25
N ASP DA 1 0.54 24.69 -21.08
CA ASP DA 1 1.72 24.35 -20.30
C ASP DA 1 1.60 24.91 -18.86
N GLU DA 2 2.74 25.03 -18.16
CA GLU DA 2 2.77 25.51 -16.79
C GLU DA 2 2.30 26.95 -16.60
N ARG DA 3 1.97 27.65 -17.69
CA ARG DA 3 1.26 28.92 -17.58
C ARG DA 3 -0.05 28.74 -16.83
N ALA DA 4 -0.59 27.53 -16.82
CA ALA DA 4 -1.62 27.08 -15.90
C ALA DA 4 -1.37 27.56 -14.47
N VAL DA 5 -0.10 27.53 -14.03
CA VAL DA 5 0.24 28.04 -12.70
C VAL DA 5 -0.21 29.48 -12.57
N GLU DA 6 0.16 30.32 -13.53
CA GLU DA 6 -0.27 31.71 -13.49
C GLU DA 6 -1.77 31.82 -13.62
N ALA DA 7 -2.40 30.85 -14.30
CA ALA DA 7 -3.85 30.76 -14.26
C ALA DA 7 -4.32 30.31 -12.88
N LEU DA 8 -3.54 29.48 -12.20
CA LEU DA 8 -3.88 29.17 -10.82
C LEU DA 8 -3.80 30.42 -9.97
N ILE DA 9 -2.83 31.30 -10.24
CA ILE DA 9 -2.70 32.54 -9.50
C ILE DA 9 -3.95 33.39 -9.68
N LYS DA 10 -4.50 33.41 -10.89
CA LYS DA 10 -5.77 34.09 -11.10
C LYS DA 10 -6.91 33.29 -10.48
N ALA DA 11 -6.77 31.97 -10.48
CA ALA DA 11 -7.73 31.12 -9.78
C ALA DA 11 -7.66 31.33 -8.27
N LEU DA 12 -6.58 31.93 -7.78
CA LEU DA 12 -6.52 32.30 -6.37
C LEU DA 12 -7.43 33.47 -6.01
N LYS DA 13 -8.23 33.96 -6.97
CA LYS DA 13 -9.34 34.87 -6.73
C LYS DA 13 -10.15 34.55 -5.47
N ASP DA 14 -10.68 33.32 -5.33
CA ASP DA 14 -11.78 33.13 -4.39
C ASP DA 14 -11.86 31.72 -3.77
N PRO DA 15 -11.58 31.57 -2.46
CA PRO DA 15 -11.76 30.30 -1.75
C PRO DA 15 -13.10 30.15 -1.05
N ASP DA 16 -14.08 30.98 -1.39
CA ASP DA 16 -15.46 30.58 -1.31
C ASP DA 16 -16.03 30.27 -2.67
N TRP DA 17 -15.25 30.56 -3.72
CA TRP DA 17 -15.39 29.81 -4.96
C TRP DA 17 -14.64 28.49 -4.88
N TYR DA 18 -13.69 28.35 -3.96
CA TYR DA 18 -12.82 27.18 -3.88
C TYR DA 18 -12.01 26.97 -5.14
N VAL DA 19 -11.94 28.00 -5.97
CA VAL DA 19 -11.14 27.99 -7.16
C VAL DA 19 -9.74 28.41 -6.80
N ARG DA 20 -9.68 29.26 -5.78
CA ARG DA 20 -8.47 29.39 -4.98
C ARG DA 20 -8.15 28.08 -4.27
N LYS DA 21 -9.12 27.53 -3.53
CA LYS DA 21 -8.87 26.31 -2.78
C LYS DA 21 -8.39 25.20 -3.71
N ALA DA 22 -9.08 25.04 -4.83
CA ALA DA 22 -8.61 24.11 -5.84
C ALA DA 22 -7.28 24.56 -6.41
N ALA DA 23 -7.07 25.87 -6.52
CA ALA DA 23 -5.77 26.35 -6.97
C ALA DA 23 -4.69 26.06 -5.94
N ALA DA 24 -5.00 26.34 -4.67
CA ALA DA 24 -4.08 26.01 -3.59
C ALA DA 24 -3.85 24.51 -3.53
N GLU DA 25 -4.89 23.73 -3.80
CA GLU DA 25 -4.72 22.30 -3.96
C GLU DA 25 -3.81 22.00 -5.13
N ALA DA 26 -4.04 22.68 -6.26
CA ALA DA 26 -3.19 22.46 -7.42
C ALA DA 26 -1.77 22.91 -7.15
N LEU DA 27 -1.63 24.02 -6.43
CA LEU DA 27 -0.33 24.40 -5.93
C LEU DA 27 0.13 23.47 -4.82
N GLY DA 28 -0.82 22.83 -4.13
CA GLY DA 28 -0.50 21.73 -3.25
C GLY DA 28 0.01 20.51 -3.97
N ARG DA 29 -0.05 20.52 -5.30
CA ARG DA 29 0.70 19.60 -6.15
C ARG DA 29 1.83 20.31 -6.88
N ILE DA 30 1.64 21.58 -7.19
CA ILE DA 30 2.54 22.33 -8.04
C ILE DA 30 3.11 23.47 -7.22
N ASP EA 1 9.68 24.97 -13.98
CA ASP EA 1 9.83 26.20 -14.75
C ASP EA 1 10.23 27.37 -13.91
N GLU EA 2 11.18 28.10 -14.47
CA GLU EA 2 11.87 29.17 -13.76
C GLU EA 2 11.06 30.46 -13.74
N ARG EA 3 10.53 30.87 -14.89
CA ARG EA 3 9.60 32.00 -14.90
C ARG EA 3 8.45 31.78 -13.95
N ALA EA 4 7.95 30.55 -13.90
CA ALA EA 4 6.93 30.22 -12.94
C ALA EA 4 7.42 30.49 -11.53
N VAL EA 5 8.67 30.12 -11.24
CA VAL EA 5 9.26 30.47 -9.95
C VAL EA 5 9.28 31.98 -9.78
N GLU EA 6 9.72 32.70 -10.82
CA GLU EA 6 9.75 34.17 -10.76
C GLU EA 6 8.37 34.73 -10.45
N ALA EA 7 7.34 34.20 -11.11
CA ALA EA 7 5.98 34.60 -10.80
C ALA EA 7 5.62 34.25 -9.37
N LEU EA 8 6.05 33.07 -8.90
CA LEU EA 8 5.77 32.67 -7.54
C LEU EA 8 6.50 33.57 -6.55
N ILE EA 9 7.68 34.05 -6.92
CA ILE EA 9 8.36 35.06 -6.11
C ILE EA 9 7.54 36.35 -6.10
N LYS EA 10 6.99 36.71 -7.26
CA LYS EA 10 6.06 37.84 -7.28
C LYS EA 10 4.81 37.52 -6.50
N ALA EA 11 4.43 36.25 -6.44
CA ALA EA 11 3.35 35.85 -5.56
C ALA EA 11 3.78 35.94 -4.10
N LEU EA 12 5.08 35.80 -3.83
CA LEU EA 12 5.59 36.14 -2.51
C LEU EA 12 5.67 37.64 -2.29
N LYS EA 13 5.58 38.43 -3.35
CA LYS EA 13 5.38 39.87 -3.27
C LYS EA 13 3.91 40.28 -3.38
N ASP EA 14 2.99 39.33 -3.36
CA ASP EA 14 1.57 39.62 -3.59
C ASP EA 14 0.94 40.25 -2.35
N PRO EA 15 0.37 41.51 -2.43
CA PRO EA 15 -0.14 42.21 -1.23
C PRO EA 15 -0.97 41.38 -0.28
N ASP EA 16 -1.70 40.42 -0.85
CA ASP EA 16 -2.42 39.45 -0.04
C ASP EA 16 -1.42 38.43 0.50
N TRP EA 17 -1.05 38.53 1.77
CA TRP EA 17 -0.11 37.58 2.37
C TRP EA 17 -0.65 36.18 2.38
N TYR EA 18 -1.96 36.04 2.23
CA TYR EA 18 -2.52 34.74 1.91
C TYR EA 18 -1.82 34.16 0.68
N VAL EA 19 -1.64 34.95 -0.37
CA VAL EA 19 -1.02 34.44 -1.59
C VAL EA 19 0.41 34.04 -1.33
N ARG EA 20 1.15 34.92 -0.64
CA ARG EA 20 2.54 34.65 -0.28
C ARG EA 20 2.67 33.30 0.40
N LYS EA 21 1.73 33.00 1.30
CA LYS EA 21 1.69 31.70 1.94
C LYS EA 21 1.53 30.59 0.91
N ALA EA 22 0.54 30.74 0.03
CA ALA EA 22 0.33 29.75 -1.02
C ALA EA 22 1.54 29.70 -1.95
N ALA EA 23 2.13 30.84 -2.25
CA ALA EA 23 3.28 30.90 -3.12
C ALA EA 23 4.46 30.15 -2.50
N ALA EA 24 4.76 30.45 -1.24
CA ALA EA 24 5.81 29.74 -0.54
C ALA EA 24 5.54 28.25 -0.54
N GLU EA 25 4.30 27.87 -0.27
CA GLU EA 25 3.91 26.46 -0.29
C GLU EA 25 4.19 25.85 -1.66
N ALA EA 26 3.78 26.55 -2.72
CA ALA EA 26 4.05 26.08 -4.08
C ALA EA 26 5.55 25.94 -4.31
N LEU EA 27 6.32 26.90 -3.83
CA LEU EA 27 7.76 26.82 -3.94
C LEU EA 27 8.31 25.70 -3.07
N GLY EA 28 7.58 25.34 -2.02
CA GLY EA 28 7.95 24.15 -1.27
C GLY EA 28 7.86 22.91 -2.12
N ARG EA 29 6.78 22.75 -2.89
CA ARG EA 29 6.67 21.66 -3.83
C ARG EA 29 7.84 21.69 -4.81
N ILE EA 30 8.24 22.88 -5.23
CA ILE EA 30 9.32 23.08 -6.18
C ILE EA 30 10.59 23.32 -5.38
N ASP FA 1 14.35 31.19 -10.14
CA ASP FA 1 15.24 30.12 -9.71
C ASP FA 1 15.25 30.03 -8.18
N GLU FA 2 16.29 29.39 -7.62
CA GLU FA 2 16.42 29.18 -6.18
C GLU FA 2 16.58 30.48 -5.38
N ARG FA 3 16.65 31.63 -6.05
CA ARG FA 3 16.52 32.91 -5.35
C ARG FA 3 15.22 32.99 -4.58
N ALA FA 4 14.22 32.20 -5.01
CA ALA FA 4 13.04 31.87 -4.24
C ALA FA 4 13.37 31.57 -2.78
N VAL FA 5 14.48 30.86 -2.54
CA VAL FA 5 14.91 30.59 -1.16
C VAL FA 5 15.08 31.90 -0.41
N GLU FA 6 15.84 32.83 -0.99
CA GLU FA 6 16.03 34.11 -0.33
C GLU FA 6 14.71 34.86 -0.24
N ALA FA 7 13.79 34.61 -1.17
CA ALA FA 7 12.43 35.10 -1.01
C ALA FA 7 11.72 34.36 0.12
N LEU FA 8 12.04 33.08 0.31
CA LEU FA 8 11.51 32.40 1.49
C LEU FA 8 12.05 33.03 2.76
N ILE FA 9 13.31 33.47 2.74
CA ILE FA 9 13.90 34.13 3.90
C ILE FA 9 13.12 35.41 4.22
N LYS FA 10 12.72 36.13 3.19
CA LYS FA 10 11.86 37.28 3.43
C LYS FA 10 10.46 36.85 3.79
N ALA FA 11 10.02 35.71 3.25
CA ALA FA 11 8.76 35.12 3.66
C ALA FA 11 8.80 34.63 5.10
N LEU FA 12 10.00 34.48 5.67
CA LEU FA 12 10.12 34.18 7.09
C LEU FA 12 9.74 35.36 7.99
N LYS FA 13 9.30 36.47 7.41
CA LYS FA 13 8.65 37.56 8.12
C LYS FA 13 7.70 37.12 9.24
N ASP FA 14 6.70 36.27 8.93
CA ASP FA 14 5.55 36.15 9.84
C ASP FA 14 4.87 34.78 9.85
N PRO FA 15 4.96 34.02 10.94
CA PRO FA 15 4.22 32.75 11.10
C PRO FA 15 2.90 32.89 11.83
N ASP FA 16 2.38 34.10 11.95
CA ASP FA 16 0.95 34.29 12.04
C ASP FA 16 0.40 34.83 10.74
N TRP FA 17 1.29 35.19 9.82
CA TRP FA 17 0.94 35.14 8.41
C TRP FA 17 1.07 33.73 7.86
N TYR FA 18 1.81 32.86 8.53
CA TYR FA 18 2.11 31.52 8.04
C TYR FA 18 2.84 31.54 6.71
N VAL FA 19 3.38 32.69 6.36
CA VAL FA 19 4.19 32.86 5.18
C VAL FA 19 5.61 32.47 5.52
N ARG FA 20 5.95 32.73 6.77
CA ARG FA 20 7.04 32.01 7.41
C ARG FA 20 6.75 30.53 7.49
N LYS FA 21 5.60 30.16 8.06
CA LYS FA 21 5.25 28.75 8.22
C LYS FA 21 5.29 28.04 6.88
N ALA FA 22 4.68 28.65 5.87
CA ALA FA 22 4.79 28.12 4.52
C ALA FA 22 6.22 28.18 4.03
N ALA FA 23 6.97 29.21 4.43
CA ALA FA 23 8.37 29.27 4.06
C ALA FA 23 9.16 28.17 4.76
N ALA FA 24 8.92 28.00 6.06
CA ALA FA 24 9.55 26.91 6.80
C ALA FA 24 9.12 25.58 6.24
N GLU FA 25 7.88 25.47 5.79
CA GLU FA 25 7.44 24.29 5.05
C GLU FA 25 8.23 24.17 3.76
N ALA FA 26 8.37 25.28 3.04
CA ALA FA 26 9.13 25.23 1.79
C ALA FA 26 10.58 24.93 2.06
N LEU FA 27 11.13 25.47 3.14
CA LEU FA 27 12.44 25.06 3.59
C LEU FA 27 12.39 23.65 4.18
N GLY FA 28 11.22 23.23 4.66
CA GLY FA 28 11.00 21.83 4.98
C GLY FA 28 10.99 20.92 3.77
N ARG FA 29 11.03 21.50 2.57
CA ARG FA 29 11.38 20.81 1.34
C ARG FA 29 12.75 21.23 0.84
N ILE FA 30 13.12 22.48 1.09
CA ILE FA 30 14.32 23.08 0.51
C ILE FA 30 15.25 23.43 1.65
N ASP GA 1 22.18 25.22 -5.15
CA ASP GA 1 22.83 26.50 -5.36
C ASP GA 1 23.61 26.97 -4.18
N GLU GA 2 24.79 27.44 -4.50
CA GLU GA 2 25.80 27.77 -3.51
C GLU GA 2 25.57 29.13 -2.87
N ARG GA 3 25.31 30.15 -3.68
CA ARG GA 3 24.90 31.45 -3.13
C ARG GA 3 23.70 31.30 -2.22
N ALA GA 4 22.76 30.44 -2.62
CA ALA GA 4 21.63 30.16 -1.75
C ALA GA 4 22.12 29.61 -0.43
N VAL GA 5 23.10 28.71 -0.46
CA VAL GA 5 23.73 28.24 0.78
C VAL GA 5 24.32 29.42 1.54
N GLU GA 6 25.07 30.27 0.85
CA GLU GA 6 25.66 31.44 1.49
C GLU GA 6 24.61 32.31 2.15
N ALA GA 7 23.48 32.53 1.46
CA ALA GA 7 22.37 33.24 2.07
C ALA GA 7 21.82 32.49 3.26
N LEU GA 8 21.74 31.16 3.15
CA LEU GA 8 21.24 30.37 4.27
C LEU GA 8 22.21 30.42 5.44
N ILE GA 9 23.51 30.54 5.16
CA ILE GA 9 24.47 30.78 6.23
C ILE GA 9 24.23 32.14 6.84
N LYS GA 10 23.92 33.14 6.01
CA LYS GA 10 23.53 34.42 6.55
C LYS GA 10 22.21 34.31 7.29
N ALA GA 11 21.35 33.38 6.87
CA ALA GA 11 20.16 33.10 7.63
C ALA GA 11 20.50 32.40 8.94
N LEU GA 12 21.63 31.67 8.99
CA LEU GA 12 22.16 31.21 10.26
C LEU GA 12 22.82 32.33 11.05
N LYS GA 13 23.09 33.46 10.41
CA LYS GA 13 23.47 34.69 11.10
C LYS GA 13 22.29 35.63 11.33
N ASP GA 14 21.07 35.19 11.08
CA ASP GA 14 19.90 36.06 11.15
C ASP GA 14 19.50 36.29 12.60
N PRO GA 15 19.47 37.59 13.12
CA PRO GA 15 19.22 37.85 14.54
C PRO GA 15 18.07 37.09 15.17
N ASP GA 16 17.06 36.81 14.36
CA ASP GA 16 15.97 35.94 14.78
C ASP GA 16 16.46 34.49 14.73
N TRP GA 17 16.77 33.91 15.89
CA TRP GA 17 17.23 32.52 15.93
C TRP GA 17 16.18 31.56 15.44
N TYR GA 18 14.92 32.00 15.41
CA TYR GA 18 13.92 31.27 14.65
C TYR GA 18 14.41 31.04 13.24
N VAL GA 19 14.94 32.07 12.58
CA VAL GA 19 15.38 31.92 11.18
C VAL GA 19 16.52 30.93 11.09
N ARG GA 20 17.50 31.10 11.98
CA ARG GA 20 18.65 30.21 12.04
C ARG GA 20 18.20 28.75 12.10
N LYS GA 21 17.19 28.48 12.90
CA LYS GA 21 16.60 27.15 12.97
C LYS GA 21 16.07 26.73 11.60
N ALA GA 22 15.27 27.59 10.98
CA ALA GA 22 14.75 27.29 9.66
C ALA GA 22 15.88 27.18 8.64
N ALA GA 23 16.89 28.04 8.77
CA ALA GA 23 18.03 28.00 7.85
C ALA GA 23 18.78 26.69 7.97
N ALA GA 24 19.09 26.29 9.21
CA ALA GA 24 19.75 25.01 9.44
C ALA GA 24 18.92 23.87 8.87
N GLU GA 25 17.61 23.93 9.10
CA GLU GA 25 16.71 22.92 8.56
C GLU GA 25 16.79 22.88 7.04
N ALA GA 26 16.75 24.05 6.41
CA ALA GA 26 16.89 24.12 4.96
C ALA GA 26 18.22 23.55 4.51
N LEU GA 27 19.29 23.85 5.25
CA LEU GA 27 20.58 23.28 4.93
C LEU GA 27 20.60 21.78 5.22
N GLY GA 28 19.73 21.32 6.11
CA GLY GA 28 19.56 19.89 6.26
C GLY GA 28 19.05 19.24 5.00
N ARG GA 29 18.04 19.85 4.37
CA ARG GA 29 17.55 19.38 3.08
C ARG GA 29 18.69 19.37 2.07
N ILE GA 30 19.54 20.39 2.12
CA ILE GA 30 20.67 20.53 1.21
C ILE GA 30 21.89 19.92 1.89
N ASP HA 1 28.69 27.00 0.29
CA ASP HA 1 29.05 25.59 0.15
C ASP HA 1 28.95 24.87 1.50
N GLU HA 2 29.62 23.72 1.62
CA GLU HA 2 29.58 22.90 2.84
C GLU HA 2 30.20 23.57 4.06
N ARG HA 3 30.75 24.79 3.90
CA ARG HA 3 31.09 25.60 5.08
C ARG HA 3 29.88 25.83 5.96
N ALA HA 4 28.68 25.74 5.38
CA ALA HA 4 27.43 25.59 6.09
C ALA HA 4 27.53 24.60 7.25
N VAL HA 5 28.26 23.50 7.05
CA VAL HA 5 28.47 22.54 8.14
C VAL HA 5 29.10 23.25 9.33
N GLU HA 6 30.19 23.97 9.08
CA GLU HA 6 30.83 24.69 10.18
C GLU HA 6 29.91 25.77 10.72
N ALA HA 7 29.01 26.28 9.88
CA ALA HA 7 27.96 27.14 10.39
C ALA HA 7 26.95 26.33 11.20
N LEU HA 8 26.73 25.07 10.82
CA LEU HA 8 25.91 24.21 11.66
C LEU HA 8 26.58 24.01 13.02
N ILE HA 9 27.92 23.89 13.03
CA ILE HA 9 28.66 23.74 14.28
C ILE HA 9 28.43 24.95 15.18
N LYS HA 10 28.40 26.14 14.58
CA LYS HA 10 28.04 27.31 15.36
C LYS HA 10 26.56 27.33 15.68
N ALA HA 11 25.75 26.77 14.79
CA ALA HA 11 24.34 26.60 15.07
C ALA HA 11 24.11 25.58 16.17
N LEU HA 12 25.12 24.76 16.49
CA LEU HA 12 25.02 23.87 17.64
C LEU HA 12 25.10 24.61 18.98
N LYS HA 13 25.16 25.94 18.95
CA LYS HA 13 24.95 26.79 20.12
C LYS HA 13 23.84 26.32 21.06
N ASP HA 14 22.60 26.12 20.55
CA ASP HA 14 21.46 26.09 21.47
C ASP HA 14 20.29 25.21 21.00
N PRO HA 15 20.02 24.09 21.68
CA PRO HA 15 18.84 23.25 21.40
C PRO HA 15 17.63 23.56 22.27
N ASP HA 16 17.63 24.69 22.94
CA ASP HA 16 16.39 25.36 23.26
C ASP HA 16 16.17 26.56 22.37
N TRP HA 17 17.17 26.91 21.56
CA TRP HA 17 16.91 27.59 20.31
C TRP HA 17 16.49 26.60 19.22
N TYR HA 18 16.80 25.32 19.40
CA TYR HA 18 16.58 24.30 18.37
C TYR HA 18 17.33 24.60 17.09
N VAL HA 19 18.29 25.50 17.17
CA VAL HA 19 19.17 25.82 16.07
C VAL HA 19 20.31 24.82 16.06
N ARG HA 20 20.65 24.37 17.26
CA ARG HA 20 21.34 23.11 17.42
C ARG HA 20 20.48 21.97 16.92
N LYS HA 21 19.25 21.86 17.43
CA LYS HA 21 18.37 20.76 17.05
C LYS HA 21 18.20 20.71 15.55
N ALA HA 22 17.94 21.87 14.95
CA ALA HA 22 17.90 21.94 13.49
C ALA HA 22 19.26 21.67 12.90
N ALA HA 23 20.34 22.07 13.60
CA ALA HA 23 21.67 21.74 13.12
C ALA HA 23 21.92 20.24 13.21
N ALA HA 24 21.56 19.64 14.35
CA ALA HA 24 21.67 18.20 14.51
C ALA HA 24 20.79 17.49 13.51
N GLU HA 25 19.63 18.06 13.21
CA GLU HA 25 18.81 17.56 12.12
C GLU HA 25 19.55 17.70 10.80
N ALA HA 26 20.15 18.87 10.57
CA ALA HA 26 20.90 19.07 9.34
C ALA HA 26 22.10 18.14 9.28
N LEU HA 27 22.76 17.94 10.42
CA LEU HA 27 23.78 16.91 10.51
C LEU HA 27 23.14 15.53 10.48
N GLY HA 28 21.88 15.43 10.88
CA GLY HA 28 21.11 14.22 10.64
C GLY HA 28 20.82 13.97 9.17
N ARG HA 29 21.15 14.93 8.32
CA ARG HA 29 21.27 14.74 6.88
C ARG HA 29 22.72 14.78 6.42
N ILE HA 30 23.53 15.57 7.12
CA ILE HA 30 24.89 15.85 6.69
C ILE HA 30 25.83 15.32 7.76
N ASP IA 1 33.37 16.69 1.73
CA ASP IA 1 34.50 17.57 1.98
C ASP IA 1 35.32 17.15 3.16
N GLU IA 2 36.62 17.22 2.91
CA GLU IA 2 37.62 16.65 3.81
C GLU IA 2 37.91 17.60 4.98
N ARG IA 3 38.13 18.88 4.71
CA ARG IA 3 38.25 19.85 5.79
C ARG IA 3 37.04 19.81 6.69
N ALA IA 4 35.86 19.65 6.10
CA ALA IA 4 34.67 19.48 6.91
C ALA IA 4 34.82 18.27 7.82
N VAL IA 5 35.35 17.16 7.30
CA VAL IA 5 35.66 16.02 8.14
C VAL IA 5 36.64 16.42 9.24
N GLU IA 6 37.70 17.14 8.88
CA GLU IA 6 38.67 17.59 9.86
C GLU IA 6 38.02 18.42 10.95
N ALA IA 7 37.11 19.33 10.56
CA ALA IA 7 36.35 20.08 11.54
C ALA IA 7 35.48 19.17 12.38
N LEU IA 8 34.88 18.16 11.74
CA LEU IA 8 34.04 17.22 12.48
C LEU IA 8 34.88 16.39 13.44
N ILE IA 9 36.12 16.10 13.07
CA ILE IA 9 37.04 15.47 14.01
C ILE IA 9 37.33 16.42 15.16
N LYS IA 10 37.50 17.70 14.87
CA LYS IA 10 37.63 18.68 15.93
C LYS IA 10 36.33 18.78 16.71
N ALA IA 11 35.20 18.53 16.05
CA ALA IA 11 33.95 18.43 16.77
C ALA IA 11 33.91 17.16 17.62
N LEU IA 12 34.64 16.12 17.22
CA LEU IA 12 34.87 14.99 18.11
C LEU IA 12 35.87 15.32 19.21
N LYS IA 13 36.61 16.41 19.07
CA LYS IA 13 37.42 16.97 20.15
C LYS IA 13 36.70 18.09 20.88
N ASP IA 14 35.42 18.31 20.63
CA ASP IA 14 34.70 19.45 21.21
C ASP IA 14 34.35 19.18 22.66
N PRO IA 15 34.80 20.02 23.66
CA PRO IA 15 34.60 19.73 25.09
C PRO IA 15 33.20 19.28 25.48
N ASP IA 16 32.22 19.78 24.76
CA ASP IA 16 30.85 19.31 24.92
C ASP IA 16 30.71 17.97 24.21
N TRP IA 17 30.70 16.87 24.98
CA TRP IA 17 30.56 15.54 24.38
C TRP IA 17 29.24 15.38 23.67
N TYR IA 18 28.27 16.23 23.98
CA TYR IA 18 27.11 16.35 23.13
C TYR IA 18 27.54 16.58 21.69
N VAL IA 19 28.48 17.50 21.45
CA VAL IA 19 28.90 17.80 20.08
C VAL IA 19 29.56 16.59 19.45
N ARG IA 20 30.46 15.96 20.20
CA ARG IA 20 31.15 14.77 19.74
C ARG IA 20 30.16 13.74 19.24
N LYS IA 21 29.07 13.57 19.98
CA LYS IA 21 28.00 12.68 19.57
C LYS IA 21 27.43 13.12 18.23
N ALA IA 22 27.07 14.40 18.12
CA ALA IA 22 26.56 14.92 16.87
C ALA IA 22 27.60 14.82 15.77
N ALA IA 23 28.87 15.08 16.11
CA ALA IA 23 29.94 15.00 15.13
C ALA IA 23 30.10 13.59 14.60
N ALA IA 24 30.14 12.61 15.51
CA ALA IA 24 30.22 11.21 15.11
C ALA IA 24 29.04 10.85 14.23
N GLU IA 25 27.84 11.31 14.62
CA GLU IA 25 26.66 11.06 13.83
C GLU IA 25 26.80 11.64 12.43
N ALA IA 26 27.28 12.89 12.35
CA ALA IA 26 27.52 13.51 11.05
C ALA IA 26 28.52 12.72 10.24
N LEU IA 27 29.57 12.24 10.90
CA LEU IA 27 30.55 11.40 10.22
C LEU IA 27 29.95 10.05 9.86
N GLY IA 28 28.92 9.63 10.59
CA GLY IA 28 28.17 8.47 10.14
C GLY IA 28 27.52 8.68 8.81
N ARG IA 29 26.87 9.84 8.61
CA ARG IA 29 26.32 10.19 7.32
C ARG IA 29 27.41 10.17 6.26
N ILE IA 30 28.60 10.65 6.61
CA ILE IA 30 29.74 10.72 5.72
C ILE IA 30 30.57 9.47 5.92
N ASP JA 1 39.72 13.29 6.57
CA ASP JA 1 39.50 12.07 5.82
C ASP JA 1 39.04 10.94 6.74
N GLU JA 2 39.17 9.68 6.30
CA GLU JA 2 38.75 8.51 7.05
C GLU JA 2 39.50 8.31 8.36
N ARG JA 3 40.51 9.14 8.66
CA ARG JA 3 41.08 9.17 10.00
C ARG JA 3 40.00 9.46 11.05
N ALA JA 4 38.92 10.09 10.63
CA ALA JA 4 37.67 10.15 11.37
C ALA JA 4 37.29 8.81 11.99
N VAL JA 5 37.52 7.71 11.27
CA VAL JA 5 37.27 6.39 11.83
C VAL JA 5 38.07 6.20 13.11
N GLU JA 6 39.37 6.48 13.05
CA GLU JA 6 40.18 6.35 14.25
C GLU JA 6 39.73 7.35 15.31
N ALA JA 7 39.17 8.48 14.88
CA ALA JA 7 38.52 9.37 15.83
C ALA JA 7 37.23 8.75 16.34
N LEU JA 8 36.54 7.97 15.50
CA LEU JA 8 35.40 7.22 16.01
C LEU JA 8 35.86 6.22 17.06
N ILE JA 9 37.03 5.61 16.86
CA ILE JA 9 37.56 4.65 17.84
C ILE JA 9 37.79 5.35 19.18
N LYS JA 10 38.27 6.59 19.14
CA LYS JA 10 38.38 7.35 20.37
C LYS JA 10 37.01 7.79 20.85
N ALA JA 11 36.10 8.05 19.92
CA ALA JA 11 34.72 8.33 20.27
C ALA JA 11 34.04 7.11 20.87
N LEU JA 12 34.61 5.92 20.70
CA LEU JA 12 34.11 4.73 21.38
C LEU JA 12 34.39 4.73 22.87
N LYS JA 13 34.98 5.82 23.40
CA LYS JA 13 35.07 6.09 24.82
C LYS JA 13 33.81 5.72 25.61
N ASP JA 14 32.63 6.25 25.23
CA ASP JA 14 31.52 6.28 26.19
C ASP JA 14 30.12 6.21 25.55
N PRO JA 15 29.39 5.12 25.73
CA PRO JA 15 27.98 5.01 25.28
C PRO JA 15 26.96 5.35 26.34
N ASP JA 16 27.37 6.00 27.42
CA ASP JA 16 26.48 6.89 28.15
C ASP JA 16 26.81 8.33 27.85
N TRP JA 17 27.92 8.57 27.14
CA TRP JA 17 28.02 9.77 26.32
C TRP JA 17 27.31 9.58 24.99
N TYR JA 18 27.07 8.35 24.57
CA TYR JA 18 26.52 8.04 23.26
C TYR JA 18 27.40 8.54 22.14
N VAL JA 19 28.64 8.86 22.45
CA VAL JA 19 29.63 9.26 21.49
C VAL JA 19 30.26 8.01 20.92
N ARG JA 20 30.34 7.00 21.78
CA ARG JA 20 30.44 5.63 21.33
C ARG JA 20 29.23 5.24 20.51
N LYS JA 21 28.03 5.41 21.08
CA LYS JA 21 26.81 5.01 20.38
C LYS JA 21 26.72 5.68 19.03
N ALA JA 22 26.98 6.99 19.00
CA ALA JA 22 27.06 7.69 17.73
C ALA JA 22 28.24 7.19 16.91
N ALA JA 23 29.33 6.80 17.57
CA ALA JA 23 30.44 6.22 16.83
C ALA JA 23 30.06 4.86 16.27
N ALA JA 24 29.43 4.03 17.09
CA ALA JA 24 28.94 2.74 16.63
C ALA JA 24 27.91 2.93 15.53
N GLU JA 25 27.09 3.97 15.65
CA GLU JA 25 26.21 4.35 14.56
C GLU JA 25 27.02 4.73 13.33
N ALA JA 26 28.06 5.55 13.54
CA ALA JA 26 28.89 5.95 12.42
C ALA JA 26 29.63 4.76 11.83
N LEU JA 27 30.07 3.86 12.69
CA LEU JA 27 30.58 2.58 12.23
C LEU JA 27 29.45 1.71 11.70
N GLY JA 28 28.23 1.95 12.18
CA GLY JA 28 27.06 1.36 11.56
C GLY JA 28 26.78 1.90 10.16
N ARG JA 29 27.51 2.92 9.75
CA ARG JA 29 27.63 3.33 8.36
C ARG JA 29 29.00 3.00 7.79
N ILE JA 30 30.02 3.03 8.64
CA ILE JA 30 31.40 2.92 8.20
C ILE JA 30 31.97 1.67 8.83
N ASP KA 1 39.81 2.86 2.95
CA ASP KA 1 41.18 3.06 3.40
C ASP KA 1 41.71 1.91 4.20
N GLU KA 2 42.94 1.57 3.85
CA GLU KA 2 43.59 0.37 4.33
C GLU KA 2 44.17 0.55 5.72
N ARG KA 3 44.89 1.64 5.97
CA ARG KA 3 45.32 1.94 7.33
C ARG KA 3 44.14 1.99 8.27
N ALA KA 4 43.02 2.55 7.81
CA ALA KA 4 41.82 2.53 8.63
C ALA KA 4 41.43 1.10 8.94
N VAL KA 5 41.52 0.19 7.96
CA VAL KA 5 41.30 -1.22 8.23
C VAL KA 5 42.30 -1.72 9.27
N GLU KA 6 43.58 -1.37 9.09
CA GLU KA 6 44.60 -1.79 10.06
C GLU KA 6 44.26 -1.30 11.46
N ALA KA 7 43.81 -0.05 11.58
CA ALA KA 7 43.35 0.46 12.86
C ALA KA 7 42.14 -0.32 13.36
N LEU KA 8 41.23 -0.66 12.45
CA LEU KA 8 40.06 -1.43 12.83
C LEU KA 8 40.44 -2.83 13.27
N ILE KA 9 41.50 -3.38 12.67
CA ILE KA 9 42.04 -4.66 13.17
C ILE KA 9 42.61 -4.46 14.55
N LYS KA 10 43.30 -3.33 14.78
CA LYS KA 10 43.73 -3.02 16.13
C LYS KA 10 42.53 -2.77 17.03
N ALA KA 11 41.44 -2.28 16.46
CA ALA KA 11 40.21 -2.19 17.24
C ALA KA 11 39.64 -3.57 17.49
N LEU KA 12 39.92 -4.54 16.61
CA LEU KA 12 39.64 -5.93 16.94
C LEU KA 12 40.62 -6.50 17.96
N LYS KA 13 41.74 -5.81 18.18
CA LYS KA 13 42.64 -6.11 19.29
C LYS KA 13 42.39 -5.21 20.51
N ASP KA 14 41.30 -4.45 20.51
CA ASP KA 14 41.05 -3.47 21.57
C ASP KA 14 40.54 -4.17 22.83
N PRO KA 15 41.25 -4.06 24.01
CA PRO KA 15 40.86 -4.82 25.23
C PRO KA 15 39.39 -4.83 25.56
N ASP KA 16 38.71 -3.74 25.23
CA ASP KA 16 37.26 -3.68 25.35
C ASP KA 16 36.65 -4.45 24.18
N TRP KA 17 36.17 -5.68 24.44
CA TRP KA 17 35.55 -6.46 23.37
C TRP KA 17 34.31 -5.81 22.82
N TYR KA 18 33.75 -4.86 23.56
CA TYR KA 18 32.78 -3.98 22.97
C TYR KA 18 33.32 -3.35 21.70
N VAL KA 19 34.58 -2.84 21.75
CA VAL KA 19 35.15 -2.18 20.58
C VAL KA 19 35.31 -3.16 19.44
N ARG KA 20 35.85 -4.33 19.76
CA ARG KA 20 36.05 -5.40 18.78
C ARG KA 20 34.75 -5.67 18.03
N LYS KA 21 33.64 -5.71 18.76
CA LYS KA 21 32.34 -5.86 18.15
C LYS KA 21 32.05 -4.72 17.18
N ALA KA 22 32.24 -3.49 17.64
CA ALA KA 22 32.04 -2.33 16.77
C ALA KA 22 33.01 -2.36 15.61
N ALA KA 23 34.26 -2.76 15.88
CA ALA KA 23 35.27 -2.83 14.83
C ALA KA 23 34.89 -3.83 13.77
N ALA KA 24 34.50 -5.03 14.19
CA ALA KA 24 34.04 -6.06 13.25
C ALA KA 24 32.87 -5.54 12.45
N GLU KA 25 31.93 -4.87 13.12
CA GLU KA 25 30.78 -4.30 12.45
C GLU KA 25 31.23 -3.29 11.40
N ALA KA 26 32.15 -2.41 11.77
CA ALA KA 26 32.68 -1.43 10.82
C ALA KA 26 33.34 -2.14 9.65
N LEU KA 27 34.08 -3.20 9.93
CA LEU KA 27 34.69 -3.98 8.85
C LEU KA 27 33.63 -4.71 8.05
N GLY KA 28 32.47 -4.98 8.66
CA GLY KA 28 31.35 -5.47 7.88
C GLY KA 28 30.91 -4.50 6.84
N ARG KA 29 30.78 -3.22 7.20
CA ARG KA 29 30.49 -2.18 6.23
C ARG KA 29 31.54 -2.16 5.14
N ILE KA 30 32.80 -2.36 5.51
CA ILE KA 30 33.92 -2.36 4.59
C ILE KA 30 34.18 -3.80 4.17
N ASP LA 1 44.05 -4.36 5.22
CA ASP LA 1 43.40 -4.97 4.07
C ASP LA 1 42.49 -6.12 4.51
N GLU LA 2 42.15 -7.02 3.58
CA GLU LA 2 41.26 -8.15 3.85
C GLU LA 2 41.80 -9.15 4.86
N ARG LA 3 43.04 -8.95 5.35
CA ARG LA 3 43.49 -9.71 6.50
C ARG LA 3 42.57 -9.50 7.70
N ALA LA 4 41.84 -8.40 7.70
CA ALA LA 4 40.67 -8.18 8.54
C ALA LA 4 39.77 -9.41 8.62
N VAL LA 5 39.59 -10.10 7.50
CA VAL LA 5 38.81 -11.34 7.48
C VAL LA 5 39.40 -12.32 8.48
N GLU LA 6 40.70 -12.56 8.38
CA GLU LA 6 41.33 -13.48 9.33
C GLU LA 6 41.25 -12.92 10.75
N ALA LA 7 41.21 -11.59 10.88
CA ALA LA 7 40.91 -11.00 12.18
C ALA LA 7 39.46 -11.25 12.54
N LEU LA 8 38.56 -11.29 11.55
CA LEU LA 8 37.20 -11.69 11.85
C LEU LA 8 37.16 -13.13 12.34
N ILE LA 9 38.00 -13.99 11.77
CA ILE LA 9 38.07 -15.38 12.22
C ILE LA 9 38.48 -15.45 13.68
N LYS LA 10 39.41 -14.60 14.09
CA LYS LA 10 39.74 -14.52 15.50
C LYS LA 10 38.63 -13.84 16.28
N ALA LA 11 37.94 -12.89 15.63
CA ALA LA 11 36.77 -12.29 16.23
C ALA LA 11 35.63 -13.29 16.37
N LEU LA 12 35.70 -14.41 15.66
CA LEU LA 12 34.74 -15.49 15.86
C LEU LA 12 34.92 -16.21 17.19
N LYS LA 13 35.85 -15.76 18.03
CA LYS LA 13 35.97 -16.16 19.42
C LYS LA 13 34.62 -16.33 20.15
N ASP LA 14 33.76 -15.28 20.15
CA ASP LA 14 32.70 -15.24 21.16
C ASP LA 14 31.42 -14.50 20.72
N PRO LA 15 30.31 -15.21 20.53
CA PRO LA 15 29.01 -14.57 20.25
C PRO LA 15 28.14 -14.35 21.46
N ASP LA 16 28.71 -14.41 22.65
CA ASP LA 16 28.21 -13.65 23.77
C ASP LA 16 29.09 -12.46 24.06
N TRP LA 17 30.25 -12.38 23.38
CA TRP LA 17 30.85 -11.10 23.11
C TRP LA 17 30.20 -10.42 21.91
N TYR LA 18 29.52 -11.18 21.06
CA TYR LA 18 28.96 -10.68 19.80
C TYR LA 18 30.02 -10.12 18.89
N VAL LA 19 31.27 -10.46 19.15
CA VAL LA 19 32.39 -10.10 18.32
C VAL LA 19 32.52 -11.14 17.23
N ARG LA 20 32.14 -12.36 17.59
CA ARG LA 20 31.72 -13.35 16.61
C ARG LA 20 30.49 -12.86 15.85
N LYS LA 21 29.43 -12.51 16.58
CA LYS LA 21 28.19 -12.09 15.94
C LYS LA 21 28.46 -10.93 14.98
N ALA LA 22 29.20 -9.94 15.45
CA ALA LA 22 29.62 -8.86 14.58
C ALA LA 22 30.55 -9.38 13.49
N ALA LA 23 31.37 -10.39 13.81
CA ALA LA 23 32.20 -10.97 12.77
C ALA LA 23 31.34 -11.73 11.76
N ALA LA 24 30.39 -12.51 12.25
CA ALA LA 24 29.47 -13.21 11.36
C ALA LA 24 28.65 -12.21 10.56
N GLU LA 25 28.31 -11.09 11.20
CA GLU LA 25 27.70 -9.98 10.46
C GLU LA 25 28.66 -9.45 9.41
N ALA LA 26 29.92 -9.26 9.79
CA ALA LA 26 30.91 -8.77 8.85
C ALA LA 26 31.15 -9.79 7.74
N LEU LA 27 31.15 -11.07 8.11
CA LEU LA 27 31.16 -12.12 7.10
C LEU LA 27 29.80 -12.19 6.42
N GLY LA 28 28.74 -11.74 7.09
CA GLY LA 28 27.46 -11.52 6.42
C GLY LA 28 27.50 -10.39 5.41
N ARG LA 29 28.61 -9.65 5.36
CA ARG LA 29 28.94 -8.77 4.26
C ARG LA 29 30.10 -9.33 3.44
N ILE LA 30 31.00 -10.04 4.10
CA ILE LA 30 32.25 -10.47 3.50
C ILE LA 30 32.26 -11.99 3.49
N ASP MA 1 40.03 -11.86 -2.38
CA ASP MA 1 41.34 -12.43 -2.07
C ASP MA 1 41.31 -13.91 -1.90
N GLU MA 2 42.33 -14.51 -2.50
CA GLU MA 2 42.40 -15.95 -2.65
C GLU MA 2 42.91 -16.63 -1.38
N ARG MA 3 44.01 -16.12 -0.80
CA ARG MA 3 44.44 -16.62 0.50
C ARG MA 3 43.33 -16.53 1.51
N ALA MA 4 42.56 -15.44 1.48
CA ALA MA 4 41.40 -15.34 2.34
C ALA MA 4 40.45 -16.50 2.08
N VAL MA 5 40.23 -16.84 0.81
CA VAL MA 5 39.44 -18.03 0.50
C VAL MA 5 40.10 -19.27 1.11
N GLU MA 6 41.41 -19.41 0.93
CA GLU MA 6 42.12 -20.56 1.50
C GLU MA 6 41.92 -20.62 3.02
N ALA MA 7 42.01 -19.48 3.69
CA ALA MA 7 41.73 -19.45 5.11
C ALA MA 7 40.28 -19.82 5.39
N LEU MA 8 39.36 -19.35 4.55
CA LEU MA 8 37.95 -19.69 4.72
C LEU MA 8 37.73 -21.18 4.48
N ILE MA 9 38.50 -21.78 3.58
CA ILE MA 9 38.45 -23.24 3.44
C ILE MA 9 38.97 -23.89 4.70
N LYS MA 10 40.04 -23.34 5.28
CA LYS MA 10 40.48 -23.82 6.59
C LYS MA 10 39.44 -23.54 7.65
N ALA MA 11 38.67 -22.47 7.48
CA ALA MA 11 37.54 -22.26 8.35
C ALA MA 11 36.44 -23.27 8.09
N LEU MA 12 36.36 -23.81 6.86
CA LEU MA 12 35.52 -24.97 6.61
C LEU MA 12 36.13 -26.25 7.18
N LYS MA 13 37.41 -26.22 7.52
CA LYS MA 13 38.05 -27.27 8.29
C LYS MA 13 38.11 -26.97 9.78
N ASP MA 14 37.43 -25.93 10.24
CA ASP MA 14 37.53 -25.49 11.63
C ASP MA 14 36.71 -26.40 12.54
N PRO MA 15 37.33 -27.09 13.57
CA PRO MA 15 36.60 -28.08 14.39
C PRO MA 15 35.23 -27.66 14.87
N ASP MA 16 35.07 -26.37 15.11
CA ASP MA 16 33.77 -25.81 15.41
C ASP MA 16 32.96 -25.70 14.12
N TRP MA 17 32.02 -26.62 13.90
CA TRP MA 17 31.19 -26.57 12.70
C TRP MA 17 30.36 -25.32 12.63
N TYR MA 18 30.18 -24.65 13.75
CA TYR MA 18 29.68 -23.29 13.71
C TYR MA 18 30.52 -22.45 12.75
N VAL MA 19 31.85 -22.55 12.85
CA VAL MA 19 32.71 -21.72 12.01
C VAL MA 19 32.53 -22.11 10.55
N ARG MA 20 32.55 -23.41 10.28
CA ARG MA 20 32.34 -23.93 8.94
C ARG MA 20 31.10 -23.32 8.31
N LYS MA 21 30.03 -23.24 9.09
CA LYS MA 21 28.81 -22.60 8.64
C LYS MA 21 29.06 -21.15 8.27
N ALA MA 22 29.70 -20.41 9.18
CA ALA MA 22 30.04 -19.02 8.89
C ALA MA 22 30.99 -18.92 7.72
N ALA MA 23 31.94 -19.85 7.63
CA ALA MA 23 32.91 -19.84 6.54
C ALA MA 23 32.21 -20.06 5.21
N ALA MA 24 31.35 -21.07 5.14
CA ALA MA 24 30.58 -21.32 3.94
C ALA MA 24 29.76 -20.10 3.56
N GLU MA 25 29.13 -19.49 4.57
CA GLU MA 25 28.35 -18.28 4.35
C GLU MA 25 29.22 -17.18 3.76
N ALA MA 26 30.40 -16.97 4.34
CA ALA MA 26 31.33 -15.98 3.82
C ALA MA 26 31.72 -16.31 2.39
N LEU MA 27 31.95 -17.59 2.11
CA LEU MA 27 32.26 -17.99 0.75
C LEU MA 27 31.05 -17.84 -0.15
N GLY MA 28 29.84 -17.88 0.43
CA GLY MA 28 28.66 -17.52 -0.34
C GLY MA 28 28.72 -16.10 -0.83
N ARG MA 29 29.09 -15.16 0.05
CA ARG MA 29 29.30 -13.78 -0.37
C ARG MA 29 30.34 -13.70 -1.47
N ILE MA 30 31.38 -14.52 -1.37
CA ILE MA 30 32.46 -14.56 -2.33
C ILE MA 30 32.14 -15.65 -3.34
N ASP NA 1 40.88 -20.38 -3.85
CA ASP NA 1 40.11 -20.13 -5.06
C ASP NA 1 38.78 -20.90 -5.03
N GLU NA 2 38.16 -21.11 -6.20
CA GLU NA 2 36.88 -21.80 -6.32
C GLU NA 2 36.91 -23.26 -5.87
N ARG NA 3 38.08 -23.79 -5.52
CA ARG NA 3 38.14 -25.08 -4.83
C ARG NA 3 37.31 -25.07 -3.57
N ALA NA 4 37.08 -23.88 -3.00
CA ALA NA 4 36.05 -23.61 -2.02
C ALA NA 4 34.73 -24.30 -2.34
N VAL NA 5 34.36 -24.31 -3.62
CA VAL NA 5 33.15 -25.02 -4.05
C VAL NA 5 33.23 -26.47 -3.63
N GLU NA 6 34.33 -27.14 -3.98
CA GLU NA 6 34.48 -28.53 -3.58
C GLU NA 6 34.56 -28.65 -2.07
N ALA NA 7 35.04 -27.61 -1.39
CA ALA NA 7 34.92 -27.56 0.06
C ALA NA 7 33.48 -27.35 0.47
N LEU NA 8 32.70 -26.61 -0.32
CA LEU NA 8 31.28 -26.54 -0.05
C LEU NA 8 30.64 -27.92 -0.19
N ILE NA 9 31.10 -28.71 -1.18
CA ILE NA 9 30.58 -30.06 -1.37
C ILE NA 9 30.83 -30.90 -0.12
N LYS NA 10 32.00 -30.74 0.48
CA LYS NA 10 32.25 -31.41 1.74
C LYS NA 10 31.46 -30.75 2.86
N ALA NA 11 31.26 -29.44 2.77
CA ALA NA 11 30.38 -28.75 3.71
C ALA NA 11 28.94 -29.18 3.55
N LEU NA 12 28.59 -29.83 2.44
CA LEU NA 12 27.27 -30.42 2.29
C LEU NA 12 27.06 -31.65 3.17
N LYS NA 13 28.05 -32.01 4.00
CA LYS NA 13 27.90 -32.97 5.07
C LYS NA 13 26.57 -32.89 5.83
N ASP NA 14 26.20 -31.71 6.37
CA ASP NA 14 25.19 -31.70 7.43
C ASP NA 14 24.35 -30.41 7.50
N PRO NA 15 23.07 -30.47 7.17
CA PRO NA 15 22.14 -29.34 7.34
C PRO NA 15 21.36 -29.33 8.64
N ASP NA 16 21.80 -30.12 9.62
CA ASP NA 16 21.57 -29.78 11.01
C ASP NA 16 22.85 -29.27 11.63
N TRP NA 17 23.97 -29.36 10.91
CA TRP NA 17 25.06 -28.43 11.13
C TRP NA 17 24.81 -27.11 10.40
N TYR NA 18 23.92 -27.10 9.41
CA TYR NA 18 23.69 -25.94 8.56
C TYR NA 18 24.94 -25.51 7.82
N VAL NA 19 25.93 -26.38 7.78
CA VAL NA 19 27.14 -26.17 7.03
C VAL NA 19 26.90 -26.59 5.61
N ARG NA 20 26.05 -27.60 5.47
CA ARG NA 20 25.34 -27.82 4.23
C ARG NA 20 24.44 -26.63 3.90
N LYS NA 21 23.58 -26.24 4.84
CA LYS NA 21 22.65 -25.14 4.58
C LYS NA 21 23.41 -23.90 4.17
N ALA NA 22 24.46 -23.57 4.91
CA ALA NA 22 25.32 -22.48 4.52
C ALA NA 22 26.03 -22.79 3.21
N ALA NA 23 26.36 -24.07 2.97
CA ALA NA 23 26.94 -24.43 1.69
C ALA NA 23 25.92 -24.28 0.58
N ALA NA 24 24.70 -24.77 0.80
CA ALA NA 24 23.63 -24.60 -0.16
C ALA NA 24 23.34 -23.12 -0.36
N GLU NA 25 23.43 -22.34 0.71
CA GLU NA 25 23.37 -20.89 0.57
C GLU NA 25 24.52 -20.38 -0.28
N ALA NA 26 25.73 -20.88 0.00
CA ALA NA 26 26.88 -20.45 -0.79
C ALA NA 26 26.75 -20.90 -2.22
N LEU NA 27 26.23 -22.11 -2.43
CA LEU NA 27 25.86 -22.53 -3.76
C LEU NA 27 24.63 -21.78 -4.25
N GLY NA 28 23.81 -21.28 -3.32
CA GLY NA 28 22.77 -20.32 -3.67
C GLY NA 28 23.31 -18.98 -4.12
N ARG NA 29 24.63 -18.79 -3.99
CA ARG NA 29 25.35 -17.73 -4.67
C ARG NA 29 26.23 -18.27 -5.78
N ILE NA 30 26.74 -19.49 -5.59
CA ILE NA 30 27.73 -20.07 -6.47
C ILE NA 30 27.14 -21.30 -7.10
N ASP OA 1 34.97 -21.53 -13.12
CA ASP OA 1 35.92 -22.62 -13.21
C ASP OA 1 35.31 -23.90 -13.64
N GLU OA 2 36.04 -24.54 -14.56
CA GLU OA 2 35.55 -25.70 -15.28
C GLU OA 2 35.69 -26.98 -14.46
N ARG OA 3 36.85 -27.22 -13.85
CA ARG OA 3 36.99 -28.33 -12.93
C ARG OA 3 35.94 -28.26 -11.83
N ALA OA 4 35.67 -27.05 -11.35
CA ALA OA 4 34.60 -26.88 -10.39
C ALA OA 4 33.28 -27.38 -10.97
N VAL OA 5 33.02 -27.05 -12.24
CA VAL OA 5 31.84 -27.61 -12.92
C VAL OA 5 31.92 -29.13 -12.93
N GLU OA 6 33.08 -29.68 -13.30
CA GLU OA 6 33.25 -31.12 -13.33
C GLU OA 6 32.97 -31.73 -11.96
N ALA OA 7 33.45 -31.10 -10.90
CA ALA OA 7 33.13 -31.55 -9.55
C ALA OA 7 31.64 -31.43 -9.28
N LEU OA 8 31.02 -30.35 -9.76
CA LEU OA 8 29.59 -30.17 -9.57
C LEU OA 8 28.80 -31.21 -10.35
N ILE OA 9 29.33 -31.63 -11.50
CA ILE OA 9 28.72 -32.76 -12.21
C ILE OA 9 28.88 -34.03 -11.39
N LYS OA 10 30.04 -34.20 -10.76
CA LYS OA 10 30.19 -35.31 -9.83
C LYS OA 10 29.28 -35.13 -8.63
N ALA OA 11 29.00 -33.89 -8.27
CA ALA OA 11 27.99 -33.64 -7.25
C ALA OA 11 26.60 -33.95 -7.77
N LEU OA 12 26.39 -33.85 -9.09
CA LEU OA 12 25.17 -34.39 -9.69
C LEU OA 12 25.21 -35.92 -9.76
N LYS OA 13 26.38 -36.52 -9.59
CA LYS OA 13 26.50 -37.96 -9.39
C LYS OA 13 26.60 -38.35 -7.91
N ASP OA 14 26.35 -37.42 -7.00
CA ASP OA 14 26.54 -37.68 -5.58
C ASP OA 14 25.38 -38.49 -5.02
N PRO OA 15 25.62 -39.72 -4.43
CA PRO OA 15 24.52 -40.61 -4.00
C PRO OA 15 23.40 -39.94 -3.22
N ASP OA 16 23.75 -38.91 -2.47
CA ASP OA 16 22.76 -38.08 -1.82
C ASP OA 16 22.13 -37.15 -2.86
N TRP OA 17 20.91 -37.46 -3.31
CA TRP OA 17 20.24 -36.61 -4.30
C TRP OA 17 19.98 -35.23 -3.76
N TYR OA 18 20.01 -35.07 -2.45
CA TYR OA 18 20.09 -33.74 -1.88
C TYR OA 18 21.24 -32.97 -2.51
N VAL OA 19 22.42 -33.59 -2.62
CA VAL OA 19 23.59 -32.88 -3.16
C VAL OA 19 23.34 -32.53 -4.61
N ARG OA 20 22.86 -33.50 -5.37
CA ARG OA 20 22.54 -33.29 -6.78
C ARG OA 20 21.67 -32.06 -6.97
N LYS OA 21 20.68 -31.91 -6.10
CA LYS OA 21 19.83 -30.74 -6.10
C LYS OA 21 20.66 -29.48 -5.88
N ALA OA 22 21.49 -29.48 -4.83
CA ALA OA 22 22.36 -28.35 -4.57
C ALA OA 22 23.34 -28.14 -5.72
N ALA OA 23 23.85 -29.23 -6.27
CA ALA OA 23 24.80 -29.13 -7.38
C ALA OA 23 24.15 -28.50 -8.59
N ALA OA 24 22.97 -28.98 -8.97
CA ALA OA 24 22.22 -28.40 -10.08
C ALA OA 24 21.97 -26.92 -9.82
N GLU OA 25 21.58 -26.60 -8.59
CA GLU OA 25 21.34 -25.20 -8.22
C GLU OA 25 22.61 -24.38 -8.41
N ALA OA 26 23.74 -24.91 -7.93
CA ALA OA 26 25.02 -24.22 -8.13
C ALA OA 26 25.32 -24.04 -9.60
N LEU OA 27 25.06 -25.07 -10.39
CA LEU OA 27 25.25 -24.95 -11.82
C LEU OA 27 24.24 -24.00 -12.44
N GLY OA 28 23.09 -23.81 -11.79
CA GLY OA 28 22.20 -22.75 -12.19
C GLY OA 28 22.83 -21.39 -12.07
N ARG OA 29 23.49 -21.12 -10.94
CA ARG OA 29 24.25 -19.89 -10.78
C ARG OA 29 25.29 -19.76 -11.89
N ILE OA 30 25.92 -20.87 -12.24
CA ILE OA 30 26.95 -20.91 -13.26
C ILE OA 30 26.29 -21.28 -14.58
N ASP PA 1 32.47 -28.27 -17.97
CA ASP PA 1 31.93 -27.28 -18.89
C ASP PA 1 30.41 -27.43 -19.00
N GLU PA 2 29.83 -26.88 -20.07
CA GLU PA 2 28.38 -26.92 -20.31
C GLU PA 2 27.82 -28.33 -20.51
N ARG PA 3 28.67 -29.35 -20.52
CA ARG PA 3 28.17 -30.72 -20.44
C ARG PA 3 27.34 -30.93 -19.17
N ALA PA 4 27.57 -30.09 -18.16
CA ALA PA 4 26.68 -29.89 -17.03
C ALA PA 4 25.21 -29.82 -17.46
N VAL PA 5 24.93 -29.15 -18.59
CA VAL PA 5 23.57 -29.11 -19.10
C VAL PA 5 23.05 -30.52 -19.32
N GLU PA 6 23.82 -31.34 -20.03
CA GLU PA 6 23.38 -32.71 -20.24
C GLU PA 6 23.33 -33.47 -18.93
N ALA PA 7 24.14 -33.07 -17.96
CA ALA PA 7 23.98 -33.60 -16.61
C ALA PA 7 22.70 -33.04 -15.98
N LEU PA 8 22.33 -31.81 -16.32
CA LEU PA 8 21.03 -31.32 -15.87
C LEU PA 8 19.91 -32.16 -16.49
N ILE PA 9 20.07 -32.58 -17.74
CA ILE PA 9 19.08 -33.42 -18.39
C ILE PA 9 18.92 -34.73 -17.63
N LYS PA 10 20.02 -35.28 -17.16
CA LYS PA 10 19.92 -36.46 -16.30
C LYS PA 10 19.39 -36.08 -14.93
N ALA PA 11 19.71 -34.87 -14.47
CA ALA PA 11 19.14 -34.36 -13.24
C ALA PA 11 17.65 -34.12 -13.39
N LEU PA 12 17.14 -34.06 -14.61
CA LEU PA 12 15.70 -33.98 -14.82
C LEU PA 12 14.98 -35.29 -14.50
N LYS PA 13 15.70 -36.29 -14.01
CA LYS PA 13 15.13 -37.49 -13.39
C LYS PA 13 13.90 -37.24 -12.53
N ASP PA 14 14.00 -36.34 -11.52
CA ASP PA 14 13.02 -36.38 -10.43
C ASP PA 14 12.74 -35.03 -9.76
N PRO PA 15 11.55 -34.45 -9.93
CA PRO PA 15 11.14 -33.23 -9.21
C PRO PA 15 10.36 -33.48 -7.93
N ASP PA 16 10.39 -34.70 -7.42
CA ASP PA 16 10.25 -34.90 -6.00
C ASP PA 16 11.58 -35.23 -5.36
N TRP PA 17 12.61 -35.44 -6.19
CA TRP PA 17 13.96 -35.16 -5.74
C TRP PA 17 14.30 -33.68 -5.84
N TYR PA 18 13.54 -32.93 -6.64
CA TYR PA 18 13.83 -31.52 -6.92
C TYR PA 18 15.19 -31.33 -7.56
N VAL PA 19 15.76 -32.41 -8.07
CA VAL PA 19 16.99 -32.38 -8.80
C VAL PA 19 16.69 -32.06 -10.24
N ARG PA 20 15.52 -32.51 -10.66
CA ARG PA 20 14.83 -31.91 -11.79
C ARG PA 20 14.51 -30.45 -11.51
N LYS PA 21 13.82 -30.18 -10.41
CA LYS PA 21 13.41 -28.81 -10.08
C LYS PA 21 14.62 -27.90 -10.05
N ALA PA 22 15.67 -28.34 -9.36
CA ALA PA 22 16.91 -27.60 -9.39
C ALA PA 22 17.51 -27.59 -10.79
N ALA PA 23 17.32 -28.67 -11.55
CA ALA PA 23 17.79 -28.66 -12.93
C ALA PA 23 16.98 -27.68 -13.76
N ALA PA 24 15.65 -27.71 -13.61
CA ALA PA 24 14.79 -26.77 -14.28
C ALA PA 24 15.11 -25.35 -13.84
N GLU PA 25 15.45 -25.18 -12.57
CA GLU PA 25 15.96 -23.90 -12.10
C GLU PA 25 17.26 -23.57 -12.80
N ALA PA 26 18.16 -24.55 -12.89
CA ALA PA 26 19.43 -24.31 -13.56
C ALA PA 26 19.22 -24.04 -15.05
N LEU PA 27 18.27 -24.75 -15.65
CA LEU PA 27 17.84 -24.41 -16.99
C LEU PA 27 17.04 -23.12 -16.98
N GLY PA 28 16.42 -22.78 -15.84
CA GLY PA 28 15.87 -21.46 -15.66
C GLY PA 28 16.92 -20.36 -15.59
N ARG PA 29 18.19 -20.74 -15.55
CA ARG PA 29 19.32 -19.86 -15.82
C ARG PA 29 19.97 -20.20 -17.16
N ILE PA 30 19.94 -21.47 -17.53
CA ILE PA 30 20.67 -21.96 -18.68
C ILE PA 30 19.67 -22.49 -19.69
N ASP QA 1 26.75 -23.06 -26.37
CA ASP QA 1 27.19 -24.28 -27.02
C ASP QA 1 26.13 -24.91 -27.87
N GLU QA 2 26.60 -25.32 -29.04
CA GLU QA 2 25.73 -25.77 -30.11
C GLU QA 2 25.29 -27.21 -29.93
N ARG QA 3 26.22 -28.11 -29.61
CA ARG QA 3 25.84 -29.48 -29.26
C ARG QA 3 24.85 -29.48 -28.12
N ALA QA 4 25.07 -28.59 -27.14
CA ALA QA 4 24.09 -28.45 -26.07
C ALA QA 4 22.73 -28.10 -26.64
N VAL QA 5 22.69 -27.19 -27.61
CA VAL QA 5 21.43 -26.90 -28.31
C VAL QA 5 20.89 -28.17 -28.96
N GLU QA 6 21.76 -28.90 -29.66
CA GLU QA 6 21.33 -30.14 -30.31
C GLU QA 6 20.75 -31.12 -29.29
N ALA QA 7 21.38 -31.24 -28.13
CA ALA QA 7 20.83 -32.06 -27.06
C ALA QA 7 19.50 -31.50 -26.59
N LEU QA 8 19.40 -30.17 -26.49
CA LEU QA 8 18.15 -29.55 -26.07
C LEU QA 8 17.06 -29.77 -27.11
N ILE QA 9 17.43 -29.82 -28.39
CA ILE QA 9 16.48 -30.19 -29.42
C ILE QA 9 16.05 -31.65 -29.22
N LYS QA 10 17.01 -32.51 -28.87
CA LYS QA 10 16.64 -33.87 -28.51
C LYS QA 10 15.82 -33.88 -27.24
N ALA QA 11 16.04 -32.91 -26.36
CA ALA QA 11 15.16 -32.76 -25.21
C ALA QA 11 13.80 -32.26 -25.64
N LEU QA 12 13.72 -31.53 -26.76
CA LEU QA 12 12.42 -31.25 -27.38
C LEU QA 12 11.85 -32.47 -28.07
N LYS QA 13 12.66 -33.49 -28.32
CA LYS QA 13 12.19 -34.79 -28.75
C LYS QA 13 12.03 -35.78 -27.59
N ASP QA 14 12.13 -35.32 -26.35
CA ASP QA 14 12.11 -36.21 -25.20
C ASP QA 14 10.69 -36.67 -24.88
N PRO QA 15 10.38 -38.02 -24.89
CA PRO QA 15 8.99 -38.50 -24.74
C PRO QA 15 8.20 -37.86 -23.63
N ASP QA 16 8.88 -37.46 -22.56
CA ASP QA 16 8.27 -36.69 -21.51
C ASP QA 16 8.14 -35.24 -21.98
N TRP QA 17 6.92 -34.83 -22.37
CA TRP QA 17 6.71 -33.46 -22.81
C TRP QA 17 6.99 -32.45 -21.73
N TYR QA 18 7.01 -32.90 -20.48
CA TYR QA 18 7.58 -32.08 -19.43
C TYR QA 18 8.98 -31.63 -19.82
N VAL QA 19 9.82 -32.55 -20.32
CA VAL QA 19 11.19 -32.19 -20.67
C VAL QA 19 11.21 -31.18 -21.80
N ARG QA 20 10.42 -31.46 -22.83
CA ARG QA 20 10.29 -30.58 -23.98
C ARG QA 20 10.00 -29.15 -23.53
N LYS QA 21 9.11 -29.02 -22.56
CA LYS QA 21 8.80 -27.72 -21.97
C LYS QA 21 10.06 -27.11 -21.35
N ALA QA 22 10.75 -27.87 -20.52
CA ALA QA 22 11.98 -27.40 -19.91
C ALA QA 22 13.03 -27.12 -20.98
N ALA QA 23 13.10 -27.97 -21.99
CA ALA QA 23 14.06 -27.79 -23.07
C ALA QA 23 13.80 -26.50 -23.83
N ALA QA 24 12.54 -26.27 -24.22
CA ALA QA 24 12.16 -25.04 -24.88
C ALA QA 24 12.51 -23.84 -24.01
N GLU QA 25 12.21 -23.95 -22.71
CA GLU QA 25 12.54 -22.88 -21.78
C GLU QA 25 14.03 -22.62 -21.76
N ALA QA 26 14.83 -23.69 -21.69
CA ALA QA 26 16.28 -23.55 -21.74
C ALA QA 26 16.71 -22.88 -23.04
N LEU QA 27 16.10 -23.28 -24.15
CA LEU QA 27 16.41 -22.64 -25.41
C LEU QA 27 15.91 -21.22 -25.44
N GLY QA 28 14.90 -20.90 -24.63
CA GLY QA 28 14.53 -19.50 -24.46
C GLY QA 28 15.65 -18.69 -23.87
N ARG QA 29 16.29 -19.22 -22.81
CA ARG QA 29 17.47 -18.56 -22.25
C ARG QA 29 18.54 -18.39 -23.32
N ILE QA 30 18.69 -19.39 -24.18
CA ILE QA 30 19.68 -19.38 -25.25
C ILE QA 30 19.01 -18.86 -26.51
N ASP RA 1 22.04 -25.53 -33.23
CA ASP RA 1 21.99 -24.11 -33.57
C ASP RA 1 20.55 -23.59 -33.56
N GLU RA 2 20.30 -22.46 -34.22
CA GLU RA 2 18.98 -21.84 -34.27
C GLU RA 2 17.91 -22.68 -34.96
N ARG RA 3 18.28 -23.84 -35.51
CA ARG RA 3 17.26 -24.81 -35.92
C ARG RA 3 16.35 -25.19 -34.77
N ALA RA 4 16.84 -25.03 -33.54
CA ALA RA 4 16.03 -25.00 -32.33
C ALA RA 4 14.75 -24.21 -32.50
N VAL RA 5 14.83 -23.07 -33.21
CA VAL RA 5 13.63 -22.28 -33.48
C VAL RA 5 12.60 -23.14 -34.20
N GLU RA 6 13.01 -23.80 -35.28
CA GLU RA 6 12.09 -24.67 -35.99
C GLU RA 6 11.64 -25.83 -35.11
N ALA RA 7 12.49 -26.23 -34.16
CA ALA RA 7 12.05 -27.17 -33.14
C ALA RA 7 11.08 -26.49 -32.19
N LEU RA 8 11.24 -25.20 -31.94
CA LEU RA 8 10.23 -24.48 -31.17
C LEU RA 8 8.91 -24.47 -31.93
N ILE RA 9 8.97 -24.34 -33.26
CA ILE RA 9 7.75 -24.36 -34.07
C ILE RA 9 7.03 -25.69 -33.91
N LYS RA 10 7.79 -26.79 -33.84
CA LYS RA 10 7.18 -28.07 -33.55
C LYS RA 10 6.76 -28.14 -32.09
N ALA RA 11 7.52 -27.48 -31.22
CA ALA RA 11 7.14 -27.37 -29.82
C ALA RA 11 5.88 -26.52 -29.66
N LEU RA 12 5.50 -25.75 -30.68
CA LEU RA 12 4.23 -25.04 -30.66
C LEU RA 12 3.03 -25.97 -30.83
N LYS RA 13 3.26 -27.28 -30.89
CA LYS RA 13 2.22 -28.29 -30.76
C LYS RA 13 1.14 -27.99 -29.72
N ASP RA 14 1.53 -27.73 -28.44
CA ASP RA 14 0.55 -27.85 -27.36
C ASP RA 14 0.81 -26.93 -26.16
N PRO RA 15 -0.03 -25.92 -25.92
CA PRO RA 15 0.04 -25.08 -24.72
C PRO RA 15 -0.85 -25.52 -23.58
N ASP RA 16 -1.34 -26.75 -23.62
CA ASP RA 16 -1.64 -27.48 -22.41
C ASP RA 16 -0.59 -28.52 -22.14
N TRP RA 17 0.31 -28.74 -23.09
CA TRP RA 17 1.64 -29.22 -22.75
C TRP RA 17 2.54 -28.11 -22.26
N TYR RA 18 2.20 -26.85 -22.57
CA TYR RA 18 3.05 -25.70 -22.28
C TYR RA 18 4.41 -25.79 -22.95
N VAL RA 19 4.52 -26.68 -23.93
CA VAL RA 19 5.70 -26.82 -24.73
C VAL RA 19 5.64 -25.82 -25.86
N ARG RA 20 4.41 -25.55 -26.28
CA ARG RA 20 4.10 -24.32 -26.97
C ARG RA 20 4.37 -23.11 -26.08
N LYS RA 21 3.78 -23.10 -24.88
CA LYS RA 21 3.93 -21.97 -23.97
C LYS RA 21 5.41 -21.71 -23.71
N ALA RA 22 6.15 -22.76 -23.41
CA ALA RA 22 7.59 -22.63 -23.28
C ALA RA 22 8.22 -22.25 -24.60
N ALA RA 23 7.66 -22.74 -25.71
CA ALA RA 23 8.16 -22.31 -27.01
C ALA RA 23 7.87 -20.84 -27.25
N ALA RA 24 6.63 -20.43 -26.97
CA ALA RA 24 6.28 -19.03 -27.09
C ALA RA 24 7.11 -18.18 -26.14
N GLU RA 25 7.40 -18.73 -24.96
CA GLU RA 25 8.36 -18.08 -24.08
C GLU RA 25 9.73 -18.01 -24.74
N ALA RA 26 10.17 -19.12 -25.33
CA ALA RA 26 11.46 -19.12 -26.00
C ALA RA 26 11.46 -18.19 -27.19
N LEU RA 27 10.34 -18.15 -27.90
CA LEU RA 27 10.17 -17.13 -28.93
C LEU RA 27 9.95 -15.76 -28.29
N GLY RA 28 9.46 -15.74 -27.05
CA GLY RA 28 9.47 -14.52 -26.26
C GLY RA 28 10.87 -14.06 -25.88
N ARG RA 29 11.86 -14.89 -26.15
CA ARG RA 29 13.27 -14.49 -26.17
C ARG RA 29 13.81 -14.44 -27.60
N ILE RA 30 13.29 -15.30 -28.46
CA ILE RA 30 13.84 -15.49 -29.79
C ILE RA 30 12.76 -15.11 -30.79
N ASP SA 1 19.56 -16.06 -38.20
CA ASP SA 1 19.48 -16.95 -39.33
C ASP SA 1 18.31 -16.70 -40.21
N GLU SA 2 18.62 -16.71 -41.50
CA GLU SA 2 17.70 -16.29 -42.53
C GLU SA 2 16.69 -17.38 -42.89
N ARG SA 3 17.16 -18.61 -43.10
CA ARG SA 3 16.24 -19.73 -43.27
C ARG SA 3 15.28 -19.83 -42.11
N ALA SA 4 15.79 -19.60 -40.90
CA ALA SA 4 14.91 -19.56 -39.74
C ALA SA 4 13.84 -18.49 -39.93
N VAL SA 5 14.22 -17.32 -40.44
CA VAL SA 5 13.23 -16.30 -40.78
C VAL SA 5 12.25 -16.86 -41.81
N GLU SA 6 12.78 -17.50 -42.85
CA GLU SA 6 11.90 -18.07 -43.88
C GLU SA 6 10.92 -19.06 -43.28
N ALA SA 7 11.40 -19.91 -42.36
CA ALA SA 7 10.50 -20.81 -41.65
C ALA SA 7 9.50 -20.04 -40.81
N LEU SA 8 9.95 -18.96 -40.17
CA LEU SA 8 9.05 -18.14 -39.38
C LEU SA 8 8.02 -17.45 -40.27
N ILE SA 9 8.40 -17.11 -41.49
CA ILE SA 9 7.42 -16.59 -42.44
C ILE SA 9 6.43 -17.70 -42.79
N LYS SA 10 6.93 -18.93 -42.95
CA LYS SA 10 6.02 -20.06 -43.12
C LYS SA 10 5.20 -20.28 -41.87
N ALA SA 11 5.77 -19.95 -40.71
CA ALA SA 11 4.98 -19.96 -39.49
C ALA SA 11 3.95 -18.84 -39.49
N LEU SA 12 4.23 -17.73 -40.20
CA LEU SA 12 3.20 -16.74 -40.47
C LEU SA 12 2.20 -17.22 -41.51
N LYS SA 13 2.53 -18.27 -42.26
CA LYS SA 13 1.60 -18.98 -43.11
C LYS SA 13 1.00 -20.21 -42.44
N ASP SA 14 1.21 -20.39 -41.13
CA ASP SA 14 0.78 -21.61 -40.46
C ASP SA 14 -0.72 -21.55 -40.17
N PRO SA 15 -1.56 -22.53 -40.68
CA PRO SA 15 -3.02 -22.45 -40.54
C PRO SA 15 -3.53 -22.07 -39.16
N ASP SA 16 -2.81 -22.48 -38.14
CA ASP SA 16 -3.09 -22.04 -36.78
C ASP SA 16 -2.60 -20.61 -36.61
N TRP SA 17 -3.52 -19.64 -36.63
CA TRP SA 17 -3.12 -18.24 -36.46
C TRP SA 17 -2.51 -17.98 -35.10
N TYR SA 18 -2.73 -18.88 -34.16
CA TYR SA 18 -1.93 -18.89 -32.96
C TYR SA 18 -0.45 -18.89 -33.32
N VAL SA 19 -0.04 -19.76 -34.26
CA VAL SA 19 1.38 -19.86 -34.60
C VAL SA 19 1.85 -18.57 -35.23
N ARG SA 20 1.06 -18.05 -36.16
CA ARG SA 20 1.38 -16.80 -36.84
C ARG SA 20 1.68 -15.70 -35.81
N LYS SA 21 0.86 -15.65 -34.76
CA LYS SA 21 1.10 -14.73 -33.66
C LYS SA 21 2.46 -14.97 -33.03
N ALA SA 22 2.74 -16.22 -32.68
CA ALA SA 22 4.03 -16.57 -32.10
C ALA SA 22 5.15 -16.29 -33.10
N ALA SA 23 4.91 -16.59 -34.37
CA ALA SA 23 5.91 -16.36 -35.40
C ALA SA 23 6.24 -14.89 -35.52
N ALA SA 24 5.20 -14.05 -35.63
CA ALA SA 24 5.40 -12.61 -35.67
C ALA SA 24 6.16 -12.14 -34.45
N GLU SA 25 5.79 -12.65 -33.28
CA GLU SA 25 6.47 -12.31 -32.04
C GLU SA 25 7.94 -12.68 -32.13
N ALA SA 26 8.23 -13.90 -32.60
CA ALA SA 26 9.62 -14.32 -32.78
C ALA SA 26 10.34 -13.40 -33.75
N LEU SA 27 9.67 -13.02 -34.83
CA LEU SA 27 10.26 -12.09 -35.77
C LEU SA 27 10.41 -10.71 -35.15
N GLY SA 28 9.58 -10.40 -34.15
CA GLY SA 28 9.80 -9.19 -33.38
C GLY SA 28 11.13 -9.21 -32.67
N ARG SA 29 11.46 -10.33 -32.02
CA ARG SA 29 12.76 -10.50 -31.40
C ARG SA 29 13.86 -10.32 -32.44
N ILE SA 30 13.63 -10.83 -33.64
CA ILE SA 30 14.58 -10.76 -34.75
C ILE SA 30 14.23 -9.54 -35.59
N ASP TA 1 14.58 -13.34 -44.76
CA ASP TA 1 15.13 -12.03 -44.50
C ASP TA 1 14.03 -11.04 -44.08
N GLU TA 2 14.30 -9.74 -44.20
CA GLU TA 2 13.35 -8.70 -43.80
C GLU TA 2 12.07 -8.68 -44.62
N ARG TA 3 11.95 -9.54 -45.63
CA ARG TA 3 10.65 -9.75 -46.28
C ARG TA 3 9.61 -10.19 -45.26
N ALA TA 4 10.06 -10.77 -44.15
CA ALA TA 4 9.29 -10.95 -42.93
C ALA TA 4 8.45 -9.72 -42.59
N VAL TA 5 9.02 -8.53 -42.78
CA VAL TA 5 8.26 -7.29 -42.56
C VAL TA 5 7.01 -7.29 -43.41
N GLU TA 6 7.16 -7.54 -44.70
CA GLU TA 6 5.99 -7.58 -45.57
C GLU TA 6 5.08 -8.73 -45.18
N ALA TA 7 5.65 -9.79 -44.60
CA ALA TA 7 4.80 -10.82 -43.99
C ALA TA 7 4.14 -10.29 -42.73
N LEU TA 8 4.83 -9.40 -42.00
CA LEU TA 8 4.16 -8.75 -40.88
C LEU TA 8 3.00 -7.90 -41.38
N ILE TA 9 3.16 -7.26 -42.55
CA ILE TA 9 2.09 -6.46 -43.13
C ILE TA 9 0.88 -7.33 -43.42
N LYS TA 10 1.12 -8.55 -43.90
CA LYS TA 10 0.01 -9.49 -44.07
C LYS TA 10 -0.46 -10.00 -42.72
N ALA TA 11 0.46 -10.12 -41.77
CA ALA TA 11 0.08 -10.47 -40.40
C ALA TA 11 -0.72 -9.35 -39.75
N LEU TA 12 -0.69 -8.15 -40.32
CA LEU TA 12 -1.56 -7.08 -39.85
C LEU TA 12 -3.03 -7.30 -40.20
N LYS TA 13 -3.36 -8.44 -40.81
CA LYS TA 13 -4.73 -8.92 -40.97
C LYS TA 13 -5.62 -8.68 -39.75
N ASP TA 14 -5.22 -9.16 -38.55
CA ASP TA 14 -6.21 -9.32 -37.49
C ASP TA 14 -5.65 -9.18 -36.06
N PRO TA 15 -6.03 -8.13 -35.33
CA PRO TA 15 -5.67 -7.97 -33.91
C PRO TA 15 -6.72 -8.47 -32.93
N ASP TA 16 -7.66 -9.27 -33.40
CA ASP TA 16 -8.29 -10.26 -32.55
C ASP TA 16 -7.78 -11.64 -32.87
N TRP TA 17 -7.00 -11.77 -33.95
CA TRP TA 17 -6.01 -12.83 -34.02
C TRP TA 17 -4.75 -12.46 -33.24
N TYR TA 18 -4.53 -11.17 -32.97
CA TYR TA 18 -3.30 -10.69 -32.35
C TYR TA 18 -2.07 -11.01 -33.18
N VAL TA 19 -2.29 -11.37 -34.44
CA VAL TA 19 -1.22 -11.61 -35.39
C VAL TA 19 -0.82 -10.29 -35.99
N ARG TA 20 -1.81 -9.42 -36.10
CA ARG TA 20 -1.55 -7.99 -36.18
C ARG TA 20 -0.85 -7.50 -34.93
N LYS TA 21 -1.45 -7.75 -33.76
CA LYS TA 21 -0.88 -7.28 -32.51
C LYS TA 21 0.56 -7.74 -32.36
N ALA TA 22 0.79 -9.03 -32.61
CA ALA TA 22 2.15 -9.53 -32.63
C ALA TA 22 2.94 -8.91 -33.77
N ALA TA 23 2.28 -8.61 -34.89
CA ALA TA 23 2.98 -7.92 -35.97
C ALA TA 23 3.31 -6.49 -35.55
N ALA TA 24 2.36 -5.80 -34.97
CA ALA TA 24 2.59 -4.46 -34.45
C ALA TA 24 3.66 -4.50 -33.37
N GLU TA 25 3.66 -5.56 -32.56
CA GLU TA 25 4.75 -5.78 -31.62
C GLU TA 25 6.06 -5.97 -32.38
N ALA TA 26 6.02 -6.79 -33.42
CA ALA TA 26 7.23 -7.03 -34.20
C ALA TA 26 7.67 -5.75 -34.90
N LEU TA 27 6.71 -4.98 -35.40
CA LEU TA 27 7.01 -3.65 -35.87
C LEU TA 27 7.34 -2.72 -34.72
N GLY TA 28 6.84 -3.03 -33.52
CA GLY TA 28 7.32 -2.37 -32.33
C GLY TA 28 8.76 -2.70 -31.98
N ARG TA 29 9.35 -3.66 -32.70
CA ARG TA 29 10.79 -3.86 -32.75
C ARG TA 29 11.38 -3.43 -34.08
N ILE TA 30 10.59 -3.58 -35.15
CA ILE TA 30 11.07 -3.39 -36.50
C ILE TA 30 10.29 -2.24 -37.12
N ASP UA 1 16.35 -1.88 -44.85
CA ASP UA 1 15.98 -2.10 -46.24
C ASP UA 1 15.05 -1.06 -46.77
N GLU UA 2 15.40 -0.64 -47.98
CA GLU UA 2 14.77 0.50 -48.63
C GLU UA 2 13.43 0.14 -49.26
N ARG UA 3 13.38 -0.96 -50.01
CA ARG UA 3 12.10 -1.44 -50.52
C ARG UA 3 11.12 -1.66 -49.38
N ALA UA 4 11.61 -2.18 -48.25
CA ALA UA 4 10.77 -2.30 -47.08
C ALA UA 4 10.23 -0.94 -46.68
N VAL UA 5 11.07 0.10 -46.70
CA VAL UA 5 10.60 1.45 -46.47
C VAL UA 5 9.54 1.82 -47.49
N GLU UA 6 9.80 1.55 -48.78
CA GLU UA 6 8.84 1.84 -49.82
C GLU UA 6 7.50 1.14 -49.56
N ALA UA 7 7.55 -0.11 -49.14
CA ALA UA 7 6.34 -0.82 -48.76
C ALA UA 7 5.69 -0.15 -47.55
N LEU UA 8 6.50 0.28 -46.59
CA LEU UA 8 5.96 0.96 -45.42
C LEU UA 8 5.34 2.29 -45.80
N ILE UA 9 5.89 2.96 -46.81
CA ILE UA 9 5.25 4.16 -47.34
C ILE UA 9 3.92 3.78 -47.98
N LYS UA 10 3.89 2.65 -48.69
CA LYS UA 10 2.62 2.16 -49.20
C LYS UA 10 1.71 1.75 -48.04
N ALA UA 11 2.31 1.31 -46.93
CA ALA UA 11 1.50 1.09 -45.74
C ALA UA 11 1.03 2.40 -45.14
N LEU UA 12 1.77 3.49 -45.37
CA LEU UA 12 1.24 4.82 -45.07
C LEU UA 12 0.18 5.26 -46.08
N LYS UA 13 0.11 4.59 -47.23
CA LYS UA 13 -1.00 4.73 -48.16
C LYS UA 13 -2.08 3.68 -47.98
N ASP UA 14 -2.01 2.88 -46.93
CA ASP UA 14 -2.94 1.77 -46.75
C ASP UA 14 -4.30 2.26 -46.27
N PRO UA 15 -5.43 1.99 -47.03
CA PRO UA 15 -6.75 2.57 -46.67
C PRO UA 15 -7.14 2.48 -45.22
N ASP UA 16 -6.68 1.43 -44.56
CA ASP UA 16 -6.84 1.32 -43.11
C ASP UA 16 -5.82 2.23 -42.43
N TRP UA 17 -6.27 3.39 -41.94
CA TRP UA 17 -5.36 4.30 -41.25
C TRP UA 17 -4.76 3.70 -40.01
N TYR UA 18 -5.38 2.64 -39.50
CA TYR UA 18 -4.71 1.83 -38.52
C TYR UA 18 -3.34 1.40 -39.04
N VAL UA 19 -3.27 0.94 -40.28
CA VAL UA 19 -2.00 0.46 -40.83
C VAL UA 19 -1.01 1.60 -40.92
N ARG UA 20 -1.47 2.73 -41.45
CA ARG UA 20 -0.65 3.92 -41.58
C ARG UA 20 0.01 4.27 -40.25
N LYS UA 21 -0.76 4.17 -39.18
CA LYS UA 21 -0.23 4.37 -37.83
C LYS UA 21 0.88 3.37 -37.53
N ALA UA 22 0.61 2.09 -37.77
CA ALA UA 22 1.62 1.07 -37.56
C ALA UA 22 2.81 1.29 -38.49
N ALA UA 23 2.54 1.68 -39.73
CA ALA UA 23 3.60 1.92 -40.69
C ALA UA 23 4.49 3.06 -40.24
N ALA UA 24 3.88 4.18 -39.86
CA ALA UA 24 4.64 5.31 -39.33
C ALA UA 24 5.47 4.87 -38.14
N GLU UA 25 4.86 4.10 -37.24
CA GLU UA 25 5.57 3.59 -36.07
C GLU UA 25 6.77 2.76 -36.49
N ALA UA 26 6.57 1.86 -37.45
CA ALA UA 26 7.67 1.05 -37.97
C ALA UA 26 8.75 1.93 -38.56
N LEU UA 27 8.35 2.97 -39.29
CA LEU UA 27 9.32 3.90 -39.83
C LEU UA 27 9.96 4.72 -38.72
N GLY UA 28 9.28 4.86 -37.59
CA GLY UA 28 9.93 5.43 -36.43
C GLY UA 28 11.10 4.61 -35.96
N ARG UA 29 10.91 3.27 -35.88
CA ARG UA 29 12.01 2.38 -35.56
C ARG UA 29 13.14 2.55 -36.57
N ILE UA 30 12.78 2.74 -37.84
CA ILE UA 30 13.74 2.89 -38.91
C ILE UA 30 13.96 4.39 -39.13
N ASP VA 1 13.22 5.07 -49.02
CA ASP VA 1 14.25 5.81 -48.31
C ASP VA 1 13.61 6.87 -47.39
N GLU VA 2 14.39 7.88 -46.98
CA GLU VA 2 13.93 8.92 -46.09
C GLU VA 2 12.80 9.79 -46.65
N ARG VA 3 12.39 9.56 -47.90
CA ARG VA 3 11.16 10.15 -48.40
C ARG VA 3 9.97 9.75 -47.53
N ALA VA 4 10.10 8.63 -46.83
CA ALA VA 4 9.25 8.27 -45.70
C ALA VA 4 8.96 9.45 -44.78
N VAL VA 5 9.98 10.30 -44.53
CA VAL VA 5 9.77 11.49 -43.73
C VAL VA 5 8.67 12.35 -44.34
N GLU VA 6 8.77 12.64 -45.62
CA GLU VA 6 7.73 13.41 -46.27
C GLU VA 6 6.41 12.65 -46.28
N ALA VA 7 6.47 11.33 -46.27
CA ALA VA 7 5.26 10.55 -46.03
C ALA VA 7 4.80 10.70 -44.58
N LEU VA 8 5.75 10.85 -43.65
CA LEU VA 8 5.34 11.17 -42.29
C LEU VA 8 4.64 12.52 -42.25
N ILE VA 9 5.12 13.48 -43.05
CA ILE VA 9 4.48 14.80 -43.11
C ILE VA 9 3.04 14.67 -43.57
N LYS VA 10 2.80 13.80 -44.53
CA LYS VA 10 1.42 13.52 -44.94
C LYS VA 10 0.71 12.71 -43.87
N ALA VA 11 1.45 11.85 -43.17
CA ALA VA 11 0.90 11.13 -42.03
C ALA VA 11 0.58 12.06 -40.89
N LEU VA 12 1.12 13.28 -40.90
CA LEU VA 12 0.74 14.29 -39.92
C LEU VA 12 -0.68 14.82 -40.14
N LYS VA 13 -1.41 14.28 -41.13
CA LYS VA 13 -2.84 14.48 -41.29
C LYS VA 13 -3.63 14.50 -39.98
N ASP VA 14 -3.51 13.44 -39.14
CA ASP VA 14 -4.55 13.23 -38.13
C ASP VA 14 -4.06 12.52 -36.85
N PRO VA 15 -4.01 13.22 -35.71
CA PRO VA 15 -3.70 12.60 -34.41
C PRO VA 15 -4.91 12.17 -33.60
N ASP VA 16 -6.06 12.08 -34.22
CA ASP VA 16 -7.09 11.16 -33.78
C ASP VA 16 -7.15 9.96 -34.70
N TRP VA 17 -6.43 10.01 -35.83
CA TRP VA 17 -5.95 8.80 -36.45
C TRP VA 17 -4.70 8.28 -35.77
N TYR VA 18 -3.99 9.14 -35.03
CA TYR VA 18 -2.70 8.80 -34.43
C TYR VA 18 -1.67 8.42 -35.46
N VAL VA 19 -1.94 8.74 -36.71
CA VAL VA 19 -1.02 8.54 -37.81
C VAL VA 19 -0.08 9.73 -37.87
N ARG VA 20 -0.64 10.87 -37.47
CA ARG VA 20 0.18 11.97 -36.99
C ARG VA 20 0.95 11.58 -35.75
N LYS VA 21 0.24 11.09 -34.73
CA LYS VA 21 0.89 10.73 -33.47
C LYS VA 21 2.01 9.73 -33.71
N ALA VA 22 1.71 8.70 -34.50
CA ALA VA 22 2.75 7.78 -34.90
C ALA VA 22 3.79 8.47 -35.78
N ALA VA 23 3.36 9.44 -36.59
CA ALA VA 23 4.34 10.20 -37.36
C ALA VA 23 5.20 11.06 -36.44
N ALA VA 24 4.56 11.75 -35.50
CA ALA VA 24 5.30 12.53 -34.53
C ALA VA 24 6.21 11.63 -33.70
N GLU VA 25 5.73 10.42 -33.40
CA GLU VA 25 6.59 9.42 -32.78
C GLU VA 25 7.74 9.08 -33.72
N ALA VA 26 7.44 8.86 -35.00
CA ALA VA 26 8.50 8.54 -35.95
C ALA VA 26 9.44 9.72 -36.12
N LEU VA 27 8.89 10.92 -36.12
CA LEU VA 27 9.74 12.10 -36.04
C LEU VA 27 10.36 12.24 -34.67
N GLY VA 28 9.72 11.67 -33.64
CA GLY VA 28 10.35 11.52 -32.35
C GLY VA 28 11.51 10.54 -32.36
N ARG VA 29 11.71 9.84 -33.48
CA ARG VA 29 12.95 9.14 -33.79
C ARG VA 29 13.72 9.84 -34.90
N ILE VA 30 13.00 10.48 -35.82
CA ILE VA 30 13.59 11.02 -37.02
C ILE VA 30 13.37 12.53 -37.00
N ASP WA 1 19.40 13.35 -44.73
CA ASP WA 1 19.07 13.89 -46.04
C ASP WA 1 18.66 15.32 -46.01
N GLU WA 2 19.23 16.03 -46.97
CA GLU WA 2 19.15 17.49 -47.02
C GLU WA 2 17.83 17.98 -47.60
N ARG WA 3 17.40 17.40 -48.72
CA ARG WA 3 16.06 17.70 -49.23
C ARG WA 3 15.01 17.44 -48.18
N ALA WA 4 15.19 16.35 -47.43
CA ALA WA 4 14.28 16.09 -46.33
C ALA WA 4 14.30 17.25 -45.35
N VAL WA 5 15.48 17.78 -45.04
CA VAL WA 5 15.56 18.99 -44.22
C VAL WA 5 14.81 20.13 -44.89
N GLU WA 6 15.02 20.32 -46.19
CA GLU WA 6 14.33 21.38 -46.92
C GLU WA 6 12.82 21.21 -46.82
N ALA WA 7 12.33 19.98 -46.96
CA ALA WA 7 10.92 19.72 -46.76
C ALA WA 7 10.51 20.02 -45.32
N LEU WA 8 11.35 19.66 -44.36
CA LEU WA 8 11.05 19.93 -42.96
C LEU WA 8 11.04 21.43 -42.70
N ILE WA 9 11.87 22.19 -43.41
CA ILE WA 9 11.79 23.65 -43.33
C ILE WA 9 10.47 24.11 -43.92
N LYS WA 10 10.05 23.49 -45.02
CA LYS WA 10 8.72 23.78 -45.54
C LYS WA 10 7.65 23.32 -44.57
N ALA WA 11 7.94 22.28 -43.80
CA ALA WA 11 7.05 21.90 -42.72
C ALA WA 11 7.08 22.92 -41.60
N LEU WA 12 8.21 23.63 -41.44
CA LEU WA 12 8.22 24.80 -40.58
C LEU WA 12 7.51 25.99 -41.20
N LYS WA 13 7.25 25.93 -42.50
CA LYS WA 13 6.36 26.87 -43.17
C LYS WA 13 4.94 26.34 -43.33
N ASP WA 14 4.61 25.23 -42.69
CA ASP WA 14 3.31 24.59 -42.88
C ASP WA 14 2.23 25.33 -42.10
N PRO WA 15 1.13 25.86 -42.77
CA PRO WA 15 0.14 26.69 -42.08
C PRO WA 15 -0.36 26.17 -40.75
N ASP WA 16 -0.40 24.85 -40.62
CA ASP WA 16 -0.69 24.22 -39.34
C ASP WA 16 0.56 24.29 -38.47
N TRP WA 17 0.57 25.21 -37.49
CA TRP WA 17 1.73 25.34 -36.60
C TRP WA 17 1.94 24.09 -35.78
N TYR WA 18 0.94 23.25 -35.68
CA TYR WA 18 1.15 21.90 -35.20
C TYR WA 18 2.27 21.24 -35.99
N VAL WA 19 2.24 21.35 -37.32
CA VAL WA 19 3.26 20.69 -38.15
C VAL WA 19 4.63 21.29 -37.87
N ARG WA 20 4.68 22.61 -37.85
CA ARG WA 20 5.91 23.33 -37.56
C ARG WA 20 6.56 22.81 -36.30
N LYS WA 21 5.74 22.58 -35.27
CA LYS WA 21 6.21 21.99 -34.03
C LYS WA 21 6.82 20.61 -34.29
N ALA WA 22 6.08 19.76 -34.99
CA ALA WA 22 6.59 18.43 -35.33
C ALA WA 22 7.83 18.54 -36.21
N ALA WA 23 7.81 19.49 -37.14
CA ALA WA 23 8.95 19.68 -38.04
C ALA WA 23 10.18 20.09 -37.26
N ALA WA 24 10.04 21.08 -36.39
CA ALA WA 24 11.15 21.49 -35.54
C ALA WA 24 11.66 20.33 -34.71
N GLU WA 25 10.73 19.55 -34.15
CA GLU WA 25 11.10 18.38 -33.38
C GLU WA 25 11.89 17.39 -34.22
N ALA WA 26 11.42 17.14 -35.44
CA ALA WA 26 12.15 16.26 -36.36
C ALA WA 26 13.53 16.81 -36.65
N LEU WA 27 13.62 18.12 -36.85
CA LEU WA 27 14.91 18.74 -37.07
C LEU WA 27 15.75 18.71 -35.80
N GLY WA 28 15.10 18.62 -34.64
CA GLY WA 28 15.85 18.35 -33.42
C GLY WA 28 16.56 17.02 -33.47
N ARG WA 29 15.86 15.97 -33.90
CA ARG WA 29 16.49 14.68 -34.10
C ARG WA 29 17.66 14.80 -35.07
N ILE WA 30 17.49 15.61 -36.11
CA ILE WA 30 18.51 15.83 -37.13
C ILE WA 30 19.30 17.06 -36.74
N ASP XA 1 19.57 22.01 -45.36
CA ASP XA 1 20.77 21.94 -44.52
C ASP XA 1 20.53 22.67 -43.19
N GLU XA 2 21.62 23.03 -42.49
CA GLU XA 2 21.55 23.70 -41.20
C GLU XA 2 20.89 25.08 -41.24
N ARG XA 3 20.52 25.58 -42.43
CA ARG XA 3 19.65 26.74 -42.49
C ARG XA 3 18.35 26.51 -41.75
N ALA XA 4 17.97 25.25 -41.57
CA ALA XA 4 16.98 24.81 -40.60
C ALA XA 4 17.12 25.50 -39.26
N VAL XA 5 18.36 25.71 -38.80
CA VAL XA 5 18.59 26.44 -37.57
C VAL XA 5 17.96 27.82 -37.65
N GLU XA 6 18.26 28.55 -38.72
CA GLU XA 6 17.67 29.87 -38.87
C GLU XA 6 16.16 29.75 -39.04
N ALA XA 7 15.68 28.62 -39.57
CA ALA XA 7 14.25 28.36 -39.55
C ALA XA 7 13.80 28.06 -38.13
N LEU XA 8 14.65 27.43 -37.32
CA LEU XA 8 14.30 27.28 -35.91
C LEU XA 8 14.21 28.65 -35.25
N ILE XA 9 15.07 29.59 -35.63
CA ILE XA 9 15.02 30.94 -35.08
C ILE XA 9 13.67 31.58 -35.40
N LYS XA 10 13.18 31.36 -36.61
CA LYS XA 10 11.83 31.83 -36.92
C LYS XA 10 10.79 30.99 -36.22
N ALA XA 11 11.08 29.71 -36.02
CA ALA XA 11 10.21 28.86 -35.22
C ALA XA 11 10.21 29.28 -33.76
N LEU XA 12 11.19 30.08 -33.34
CA LEU XA 12 11.16 30.66 -31.99
C LEU XA 12 10.09 31.73 -31.83
N LYS XA 13 9.28 31.97 -32.86
CA LYS XA 13 8.06 32.76 -32.77
C LYS XA 13 7.25 32.53 -31.48
N ASP XA 14 6.88 31.27 -31.17
CA ASP XA 14 5.78 31.07 -30.22
C ASP XA 14 5.86 29.76 -29.40
N PRO XA 15 6.11 29.84 -28.09
CA PRO XA 15 6.06 28.68 -27.20
C PRO XA 15 4.74 28.46 -26.50
N ASP XA 16 3.68 29.09 -26.99
CA ASP XA 16 2.35 28.54 -26.85
C ASP XA 16 1.87 27.96 -28.17
N TRP XA 17 2.63 28.20 -29.24
CA TRP XA 17 2.64 27.27 -30.35
C TRP XA 17 3.54 26.07 -30.08
N TYR XA 18 4.47 26.20 -29.14
CA TYR XA 18 5.47 25.18 -28.87
C TYR XA 18 6.34 24.89 -30.08
N VAL XA 19 6.31 25.78 -31.05
CA VAL XA 19 7.15 25.71 -32.22
C VAL XA 19 8.47 26.35 -31.90
N ARG XA 20 8.39 27.35 -31.02
CA ARG XA 20 9.54 27.74 -30.23
C ARG XA 20 10.01 26.60 -29.33
N LYS XA 21 9.10 26.05 -28.53
CA LYS XA 21 9.46 24.98 -27.60
C LYS XA 21 10.11 23.82 -28.35
N ALA XA 22 9.49 23.42 -29.46
CA ALA XA 22 10.10 22.42 -30.31
C ALA XA 22 11.38 22.96 -30.93
N ALA XA 23 11.43 24.26 -31.23
CA ALA XA 23 12.67 24.82 -31.72
C ALA XA 23 13.73 24.82 -30.65
N ALA XA 24 13.37 25.24 -29.43
CA ALA XA 24 14.29 25.19 -28.31
C ALA XA 24 14.70 23.75 -28.02
N GLU XA 25 13.77 22.82 -28.20
CA GLU XA 25 14.12 21.42 -28.14
C GLU XA 25 15.11 21.07 -29.24
N ALA XA 26 14.82 21.54 -30.46
CA ALA XA 26 15.73 21.27 -31.58
C ALA XA 26 17.08 21.94 -31.35
N LEU XA 27 17.06 23.15 -30.80
CA LEU XA 27 18.29 23.76 -30.34
C LEU XA 27 18.81 23.07 -29.10
N GLY XA 28 17.92 22.42 -28.34
CA GLY XA 28 18.36 21.50 -27.30
C GLY XA 28 19.05 20.26 -27.83
N ARG XA 29 19.02 20.07 -29.15
CA ARG XA 29 19.90 19.15 -29.85
C ARG XA 29 20.96 19.88 -30.66
N ILE XA 30 20.61 21.07 -31.15
CA ILE XA 30 21.45 21.80 -32.09
C ILE XA 30 21.85 23.10 -31.43
N ASP YA 1 28.43 25.02 -38.56
CA ASP YA 1 28.41 26.16 -39.47
C ASP YA 1 28.60 27.47 -38.79
N GLU YA 2 29.44 28.26 -39.44
CA GLU YA 2 29.95 29.50 -38.87
C GLU YA 2 28.95 30.65 -39.01
N ARG YA 3 28.39 30.82 -40.21
CA ARG YA 3 27.31 31.79 -40.37
C ARG YA 3 26.18 31.51 -39.40
N ALA YA 4 25.87 30.23 -39.20
CA ALA YA 4 24.89 29.88 -38.20
C ALA YA 4 25.30 30.40 -36.83
N VAL YA 5 26.59 30.27 -36.50
CA VAL YA 5 27.10 30.87 -35.26
C VAL YA 5 26.88 32.37 -35.29
N GLU YA 6 27.23 33.02 -36.41
CA GLU YA 6 27.04 34.46 -36.53
C GLU YA 6 25.58 34.84 -36.31
N ALA YA 7 24.66 34.08 -36.89
CA ALA YA 7 23.25 34.30 -36.64
C ALA YA 7 22.91 34.07 -35.17
N LEU YA 8 23.51 33.05 -34.57
CA LEU YA 8 23.27 32.79 -33.15
C LEU YA 8 23.84 33.91 -32.29
N ILE YA 9 24.94 34.52 -32.72
CA ILE YA 9 25.43 35.71 -32.04
C ILE YA 9 24.42 36.84 -32.20
N LYS YA 10 23.85 36.98 -33.39
CA LYS YA 10 22.77 37.94 -33.57
C LYS YA 10 21.56 37.53 -32.74
N ALA YA 11 21.37 36.23 -32.53
CA ALA YA 11 20.35 35.79 -31.61
C ALA YA 11 20.74 36.13 -30.17
N LEU YA 12 22.03 36.23 -29.88
CA LEU YA 12 22.47 36.80 -28.61
C LEU YA 12 22.31 38.31 -28.59
N LYS YA 13 22.11 38.93 -29.74
CA LYS YA 13 21.70 40.33 -29.84
C LYS YA 13 20.20 40.49 -30.02
N ASP YA 14 19.42 39.42 -29.86
CA ASP YA 14 17.99 39.47 -30.13
C ASP YA 14 17.25 40.14 -28.99
N PRO YA 15 16.48 41.28 -29.22
CA PRO YA 15 15.86 42.04 -28.13
C PRO YA 15 15.14 41.21 -27.08
N ASP YA 16 14.58 40.10 -27.50
CA ASP YA 16 14.00 39.13 -26.58
C ASP YA 16 15.13 38.35 -25.93
N TRP YA 17 15.45 38.67 -24.67
CA TRP YA 17 16.52 37.96 -23.96
C TRP YA 17 16.19 36.50 -23.77
N TYR YA 18 14.93 36.14 -23.90
CA TYR YA 18 14.57 34.75 -24.07
C TYR YA 18 15.38 34.13 -25.19
N VAL YA 19 15.46 34.81 -26.34
CA VAL YA 19 16.18 34.24 -27.49
C VAL YA 19 17.64 34.11 -27.17
N ARG YA 20 18.22 35.16 -26.60
CA ARG YA 20 19.62 35.16 -26.21
C ARG YA 20 19.95 33.94 -25.37
N LYS YA 21 19.05 33.62 -24.44
CA LYS YA 21 19.19 32.42 -23.62
C LYS YA 21 19.21 31.18 -24.51
N ALA YA 22 18.23 31.05 -25.40
CA ALA YA 22 18.20 29.92 -26.32
C ALA YA 22 19.42 29.93 -27.23
N ALA YA 23 19.83 31.12 -27.67
CA ALA YA 23 20.99 31.23 -28.55
C ALA YA 23 22.25 30.76 -27.84
N ALA YA 24 22.47 31.26 -26.62
CA ALA YA 24 23.61 30.81 -25.83
C ALA YA 24 23.57 29.31 -25.64
N GLU YA 25 22.39 28.78 -25.34
CA GLU YA 25 22.22 27.34 -25.17
C GLU YA 25 22.61 26.61 -26.45
N ALA YA 26 22.13 27.10 -27.59
CA ALA YA 26 22.50 26.50 -28.88
C ALA YA 26 24.00 26.56 -29.09
N LEU YA 27 24.61 27.69 -28.73
CA LEU YA 27 26.06 27.80 -28.84
C LEU YA 27 26.75 26.92 -27.82
N GLY YA 28 26.05 26.58 -26.73
CA GLY YA 28 26.58 25.56 -25.85
C GLY YA 28 26.70 24.23 -26.53
N ARG YA 29 25.67 23.81 -27.27
CA ARG YA 29 25.76 22.60 -28.07
C ARG YA 29 26.92 22.68 -29.04
N ILE YA 30 27.13 23.87 -29.61
CA ILE YA 30 28.21 24.10 -30.57
C ILE YA 30 29.41 24.64 -29.82
N ASP ZA 1 32.02 32.33 -35.54
CA ASP ZA 1 33.04 31.46 -34.98
C ASP ZA 1 33.06 31.57 -33.45
N GLU ZA 2 34.16 31.17 -32.81
CA GLU ZA 2 34.30 31.17 -31.35
C GLU ZA 2 34.24 32.56 -30.73
N ARG ZA 3 34.15 33.63 -31.55
CA ARG ZA 3 33.82 34.95 -31.02
C ARG ZA 3 32.50 34.92 -30.26
N ALA ZA 4 31.64 33.95 -30.59
CA ALA ZA 4 30.50 33.54 -29.77
C ALA ZA 4 30.84 33.47 -28.28
N VAL ZA 5 32.04 32.99 -27.95
CA VAL ZA 5 32.48 32.96 -26.56
C VAL ZA 5 32.45 34.36 -25.98
N GLU ZA 6 33.07 35.31 -26.68
CA GLU ZA 6 33.04 36.69 -26.20
C GLU ZA 6 31.62 37.23 -26.20
N ALA ZA 7 30.76 36.72 -27.08
CA ALA ZA 7 29.35 37.02 -26.99
C ALA ZA 7 28.74 36.33 -25.78
N LEU ZA 8 29.24 35.14 -25.42
CA LEU ZA 8 28.79 34.54 -24.17
C LEU ZA 8 29.21 35.41 -23.00
N ILE ZA 9 30.39 36.03 -23.06
CA ILE ZA 9 30.84 36.92 -21.99
C ILE ZA 9 29.88 38.09 -21.83
N LYS ZA 10 29.39 38.61 -22.96
CA LYS ZA 10 28.37 39.63 -22.87
C LYS ZA 10 27.04 39.03 -22.45
N ALA ZA 11 26.79 37.78 -22.84
CA ALA ZA 11 25.63 37.06 -22.36
C ALA ZA 11 25.71 36.78 -20.87
N LEU ZA 12 26.90 36.89 -20.28
CA LEU ZA 12 27.05 36.79 -18.83
C LEU ZA 12 26.48 38.00 -18.09
N LYS ZA 13 25.87 38.94 -18.82
CA LYS ZA 13 25.06 40.01 -18.25
C LYS ZA 13 24.17 39.58 -17.09
N ASP ZA 14 23.31 38.54 -17.28
CA ASP ZA 14 22.18 38.37 -16.36
C ASP ZA 14 21.71 36.92 -16.18
N PRO ZA 15 21.89 36.33 -15.01
CA PRO ZA 15 21.35 35.00 -14.67
C PRO ZA 15 20.01 35.02 -13.98
N ASP ZA 16 19.31 36.14 -14.00
CA ASP ZA 16 17.87 36.13 -13.94
C ASP ZA 16 17.27 36.41 -15.30
N TRP ZA 17 18.11 36.77 -16.27
CA TRP ZA 17 17.80 36.50 -17.66
C TRP ZA 17 18.15 35.07 -18.02
N TYR ZA 18 19.00 34.40 -17.24
CA TYR ZA 18 19.52 33.07 -17.56
C TYR ZA 18 20.25 33.03 -18.88
N VAL ZA 19 20.62 34.21 -19.38
CA VAL ZA 19 21.42 34.34 -20.57
C VAL ZA 19 22.88 34.22 -20.18
N ARG ZA 20 23.16 34.69 -18.97
CA ARG ZA 20 24.32 34.24 -18.24
C ARG ZA 20 24.25 32.74 -17.98
N LYS ZA 21 23.16 32.29 -17.36
CA LYS ZA 21 23.04 30.88 -17.03
C LYS ZA 21 23.21 30.01 -18.26
N ALA ZA 22 22.53 30.38 -19.34
CA ALA ZA 22 22.75 29.70 -20.61
C ALA ZA 22 24.16 29.94 -21.11
N ALA ZA 23 24.74 31.11 -20.83
CA ALA ZA 23 26.12 31.33 -21.21
C ALA ZA 23 27.05 30.45 -20.37
N ALA ZA 24 26.81 30.41 -19.07
CA ALA ZA 24 27.58 29.54 -18.20
C ALA ZA 24 27.38 28.08 -18.58
N GLU ZA 25 26.17 27.74 -19.01
CA GLU ZA 25 25.93 26.43 -19.59
C GLU ZA 25 26.76 26.26 -20.85
N ALA ZA 26 26.74 27.28 -21.72
CA ALA ZA 26 27.52 27.21 -22.94
C ALA ZA 26 29.01 27.15 -22.64
N LEU ZA 27 29.43 27.91 -21.64
CA LEU ZA 27 30.79 27.76 -21.13
C LEU ZA 27 30.94 26.45 -20.37
N GLY ZA 28 29.83 25.92 -19.84
CA GLY ZA 28 29.81 24.56 -19.34
C GLY ZA 28 29.99 23.51 -20.43
N ARG ZA 29 29.95 23.93 -21.69
CA ARG ZA 29 30.44 23.15 -22.82
C ARG ZA 29 31.73 23.71 -23.37
N ILE ZA 30 31.91 25.01 -23.28
CA ILE ZA 30 33.00 25.71 -23.93
C ILE ZA 30 33.85 26.35 -22.85
#